data_2E6R
#
_entry.id   2E6R
#
_cell.length_a   1.000
_cell.length_b   1.000
_cell.length_c   1.000
_cell.angle_alpha   90.00
_cell.angle_beta   90.00
_cell.angle_gamma   90.00
#
_symmetry.space_group_name_H-M   'P 1'
#
loop_
_entity.id
_entity.type
_entity.pdbx_description
1 polymer 'Jumonji/ARID domain-containing protein 1D'
2 non-polymer 'ZINC ION'
#
_entity_poly.entity_id   1
_entity_poly.type   'polypeptide(L)'
_entity_poly.pdbx_seq_one_letter_code
;GSSGSSGHSSAQFIDSYICQVCSRGDEDDKLLFCDGCDDNYHIFCLLPPLPEIPRGIWRCPKCILAECKQPPEAFGFEQA
TQEYSLSGPSSG
;
_entity_poly.pdbx_strand_id   A
#
# COMPACT_ATOMS: atom_id res chain seq x y z
N GLY A 1 36.47 4.04 22.29
CA GLY A 1 36.01 4.11 23.66
C GLY A 1 34.50 4.24 23.75
N SER A 2 34.03 5.04 24.69
CA SER A 2 32.59 5.25 24.89
C SER A 2 32.24 6.73 24.86
N SER A 3 30.96 7.03 24.79
CA SER A 3 30.49 8.41 24.76
C SER A 3 29.33 8.63 25.73
N GLY A 4 28.41 7.66 25.76
CA GLY A 4 27.27 7.76 26.64
C GLY A 4 26.04 8.30 25.94
N SER A 5 24.97 7.51 25.92
CA SER A 5 23.73 7.91 25.28
C SER A 5 23.96 8.21 23.80
N SER A 6 23.79 7.19 22.96
CA SER A 6 23.99 7.34 21.52
C SER A 6 22.70 7.02 20.76
N GLY A 7 22.78 7.03 19.44
CA GLY A 7 21.62 6.73 18.62
C GLY A 7 20.82 7.98 18.29
N HIS A 8 21.25 8.70 17.26
CA HIS A 8 20.56 9.92 16.84
C HIS A 8 21.11 10.42 15.50
N SER A 9 21.41 9.49 14.61
CA SER A 9 21.95 9.83 13.30
C SER A 9 21.48 8.84 12.23
N SER A 10 20.24 9.01 11.80
CA SER A 10 19.66 8.13 10.78
C SER A 10 18.87 8.93 9.75
N ALA A 11 19.44 9.10 8.57
CA ALA A 11 18.79 9.84 7.50
C ALA A 11 18.59 8.97 6.26
N GLN A 12 17.48 9.17 5.56
CA GLN A 12 17.18 8.40 4.36
C GLN A 12 16.17 9.14 3.48
N PHE A 13 16.39 9.07 2.17
CA PHE A 13 15.50 9.73 1.22
C PHE A 13 15.06 8.77 0.12
N ILE A 14 13.75 8.71 -0.12
CA ILE A 14 13.20 7.83 -1.14
C ILE A 14 12.16 8.55 -1.99
N ASP A 15 12.54 8.91 -3.20
CA ASP A 15 11.64 9.61 -4.12
C ASP A 15 11.42 8.81 -5.39
N SER A 16 11.10 7.52 -5.22
CA SER A 16 10.87 6.64 -6.36
C SER A 16 9.71 5.70 -6.08
N TYR A 17 9.17 5.11 -7.15
CA TYR A 17 8.05 4.18 -7.03
C TYR A 17 8.34 2.87 -7.76
N ILE A 18 8.46 1.80 -7.00
CA ILE A 18 8.72 0.48 -7.56
C ILE A 18 7.57 -0.48 -7.31
N CYS A 19 7.11 -1.12 -8.37
CA CYS A 19 6.00 -2.07 -8.27
C CYS A 19 6.27 -3.10 -7.17
N GLN A 20 5.21 -3.67 -6.61
CA GLN A 20 5.33 -4.66 -5.56
C GLN A 20 4.97 -6.05 -6.09
N VAL A 21 5.04 -6.22 -7.40
CA VAL A 21 4.73 -7.50 -8.03
C VAL A 21 5.82 -7.94 -8.99
N CYS A 22 6.30 -6.99 -9.79
CA CYS A 22 7.36 -7.26 -10.76
C CYS A 22 8.64 -6.51 -10.40
N SER A 23 8.51 -5.51 -9.54
CA SER A 23 9.65 -4.70 -9.13
C SER A 23 10.25 -3.95 -10.32
N ARG A 24 9.46 -3.05 -10.89
CA ARG A 24 9.90 -2.26 -12.03
C ARG A 24 9.78 -0.77 -11.75
N GLY A 25 10.15 0.05 -12.73
CA GLY A 25 10.08 1.49 -12.55
C GLY A 25 9.61 2.20 -13.81
N ASP A 26 10.09 1.74 -14.96
CA ASP A 26 9.71 2.34 -16.23
C ASP A 26 8.20 2.26 -16.45
N GLU A 27 7.56 1.32 -15.76
CA GLU A 27 6.11 1.15 -15.87
C GLU A 27 5.37 2.11 -14.96
N ASP A 28 6.13 2.93 -14.22
CA ASP A 28 5.54 3.90 -13.30
C ASP A 28 4.47 4.72 -14.00
N ASP A 29 4.60 4.87 -15.31
CA ASP A 29 3.63 5.63 -16.10
C ASP A 29 2.20 5.15 -15.82
N LYS A 30 2.07 3.88 -15.47
CA LYS A 30 0.78 3.29 -15.18
C LYS A 30 0.76 2.68 -13.79
N LEU A 31 1.51 3.27 -12.87
CA LEU A 31 1.57 2.78 -11.49
C LEU A 31 0.45 3.38 -10.65
N LEU A 32 -0.14 2.56 -9.79
CA LEU A 32 -1.22 3.00 -8.92
C LEU A 32 -0.71 3.28 -7.52
N PHE A 33 -1.42 4.14 -6.79
CA PHE A 33 -1.05 4.48 -5.42
C PHE A 33 -2.14 4.08 -4.44
N CYS A 34 -1.74 3.37 -3.38
CA CYS A 34 -2.68 2.92 -2.37
C CYS A 34 -2.93 4.01 -1.34
N ASP A 35 -4.19 4.15 -0.93
CA ASP A 35 -4.57 5.16 0.04
C ASP A 35 -4.51 4.59 1.46
N GLY A 36 -3.43 3.88 1.76
CA GLY A 36 -3.27 3.30 3.08
C GLY A 36 -1.81 3.00 3.40
N CYS A 37 -1.08 2.52 2.41
CA CYS A 37 0.33 2.20 2.60
C CYS A 37 1.20 2.92 1.58
N ASP A 38 0.56 3.67 0.69
CA ASP A 38 1.28 4.41 -0.33
C ASP A 38 2.25 3.52 -1.09
N ASP A 39 1.72 2.44 -1.68
CA ASP A 39 2.54 1.50 -2.43
C ASP A 39 2.38 1.72 -3.92
N ASN A 40 3.08 0.92 -4.71
CA ASN A 40 3.02 1.02 -6.17
C ASN A 40 2.59 -0.30 -6.80
N TYR A 41 1.50 -0.27 -7.55
CA TYR A 41 0.99 -1.47 -8.20
C TYR A 41 0.51 -1.15 -9.62
N HIS A 42 0.92 -1.99 -10.57
CA HIS A 42 0.54 -1.80 -11.97
C HIS A 42 -0.88 -2.29 -12.20
N ILE A 43 -1.35 -2.16 -13.45
CA ILE A 43 -2.70 -2.59 -13.81
C ILE A 43 -2.70 -4.01 -14.36
N PHE A 44 -1.52 -4.48 -14.75
CA PHE A 44 -1.39 -5.83 -15.29
C PHE A 44 -0.63 -6.73 -14.33
N CYS A 45 -0.49 -6.27 -13.09
CA CYS A 45 0.21 -7.05 -12.07
C CYS A 45 -0.77 -7.54 -11.00
N LEU A 46 -1.89 -6.84 -10.86
CA LEU A 46 -2.89 -7.21 -9.87
C LEU A 46 -3.58 -8.51 -10.27
N LEU A 47 -4.67 -8.83 -9.57
CA LEU A 47 -5.42 -10.05 -9.84
C LEU A 47 -6.74 -10.05 -9.07
N PRO A 48 -7.86 -9.82 -9.78
CA PRO A 48 -7.82 -9.57 -11.23
C PRO A 48 -7.20 -8.21 -11.56
N PRO A 49 -6.55 -8.13 -12.73
CA PRO A 49 -5.90 -6.90 -13.19
C PRO A 49 -6.90 -5.82 -13.58
N LEU A 50 -6.42 -4.61 -13.80
CA LEU A 50 -7.27 -3.50 -14.17
C LEU A 50 -6.97 -3.03 -15.59
N PRO A 51 -7.93 -2.33 -16.20
CA PRO A 51 -7.79 -1.81 -17.57
C PRO A 51 -6.77 -0.68 -17.65
N GLU A 52 -6.77 0.20 -16.65
CA GLU A 52 -5.85 1.32 -16.62
C GLU A 52 -5.95 2.07 -15.30
N ILE A 53 -5.17 3.13 -15.15
CA ILE A 53 -5.16 3.93 -13.94
C ILE A 53 -6.58 4.34 -13.56
N PRO A 54 -6.92 4.14 -12.27
CA PRO A 54 -8.25 4.49 -11.74
C PRO A 54 -8.46 6.01 -11.66
N ARG A 55 -9.68 6.41 -11.35
CA ARG A 55 -10.01 7.82 -11.25
C ARG A 55 -9.93 8.29 -9.79
N GLY A 56 -10.91 7.91 -9.00
CA GLY A 56 -10.94 8.29 -7.60
C GLY A 56 -9.82 7.65 -6.81
N ILE A 57 -10.09 7.32 -5.55
CA ILE A 57 -9.10 6.70 -4.67
C ILE A 57 -9.02 5.20 -4.93
N TRP A 58 -7.79 4.71 -5.10
CA TRP A 58 -7.57 3.29 -5.35
C TRP A 58 -6.75 2.66 -4.24
N ARG A 59 -7.11 1.45 -3.84
CA ARG A 59 -6.41 0.74 -2.78
C ARG A 59 -5.78 -0.55 -3.31
N CYS A 60 -4.80 -1.06 -2.57
CA CYS A 60 -4.12 -2.29 -2.96
C CYS A 60 -4.74 -3.51 -2.27
N PRO A 61 -4.53 -4.69 -2.84
CA PRO A 61 -5.06 -5.95 -2.29
C PRO A 61 -4.36 -6.35 -0.99
N LYS A 62 -3.13 -5.86 -0.81
CA LYS A 62 -2.36 -6.16 0.39
C LYS A 62 -2.95 -5.46 1.61
N CYS A 63 -3.75 -4.43 1.36
CA CYS A 63 -4.38 -3.68 2.43
C CYS A 63 -5.85 -4.06 2.59
N ILE A 64 -6.54 -4.22 1.46
CA ILE A 64 -7.94 -4.60 1.47
C ILE A 64 -8.13 -6.01 2.02
N LEU A 65 -7.30 -6.93 1.56
CA LEU A 65 -7.37 -8.32 2.01
C LEU A 65 -7.03 -8.44 3.49
N ALA A 66 -6.42 -7.39 4.03
CA ALA A 66 -6.04 -7.38 5.44
C ALA A 66 -7.14 -6.76 6.30
N GLU A 67 -7.65 -5.61 5.86
CA GLU A 67 -8.71 -4.92 6.59
C GLU A 67 -10.03 -5.68 6.46
N CYS A 68 -10.21 -6.36 5.33
CA CYS A 68 -11.43 -7.12 5.09
C CYS A 68 -11.74 -8.06 6.25
N LYS A 69 -10.79 -8.94 6.57
CA LYS A 69 -10.96 -9.89 7.66
C LYS A 69 -9.69 -9.98 8.49
N GLN A 70 -9.76 -9.44 9.72
CA GLN A 70 -8.62 -9.46 10.62
C GLN A 70 -9.01 -10.05 11.98
N PRO A 71 -8.02 -10.59 12.69
CA PRO A 71 -8.23 -11.20 14.02
C PRO A 71 -8.56 -10.16 15.08
N PRO A 72 -8.98 -10.63 16.27
CA PRO A 72 -9.33 -9.76 17.39
C PRO A 72 -8.11 -9.08 17.99
N GLU A 73 -7.68 -7.98 17.36
CA GLU A 73 -6.52 -7.24 17.84
C GLU A 73 -6.32 -5.97 17.02
N ALA A 74 -7.42 -5.39 16.57
CA ALA A 74 -7.38 -4.17 15.78
C ALA A 74 -8.60 -3.29 16.03
N PHE A 75 -9.08 -3.28 17.27
CA PHE A 75 -10.24 -2.50 17.65
C PHE A 75 -9.86 -1.35 18.55
N GLY A 76 -10.36 -0.15 18.24
CA GLY A 76 -10.06 1.02 19.04
C GLY A 76 -10.65 2.28 18.45
N PHE A 77 -9.86 3.35 18.45
CA PHE A 77 -10.31 4.63 17.92
C PHE A 77 -9.60 4.97 16.61
N GLU A 78 -10.31 5.59 15.69
CA GLU A 78 -9.75 5.97 14.39
C GLU A 78 -8.71 7.08 14.56
N GLN A 79 -7.93 7.30 13.52
CA GLN A 79 -6.90 8.33 13.54
C GLN A 79 -7.52 9.71 13.40
N ALA A 80 -6.70 10.74 13.63
CA ALA A 80 -7.16 12.12 13.54
C ALA A 80 -6.25 12.94 12.63
N THR A 81 -6.75 13.31 11.46
CA THR A 81 -5.99 14.10 10.51
C THR A 81 -5.42 15.35 11.17
N GLN A 82 -4.35 15.89 10.58
CA GLN A 82 -3.72 17.09 11.11
C GLN A 82 -4.47 18.35 10.66
N GLU A 83 -4.28 19.44 11.39
CA GLU A 83 -4.93 20.70 11.06
C GLU A 83 -4.63 21.11 9.63
N TYR A 84 -5.36 22.12 9.15
CA TYR A 84 -5.18 22.61 7.78
C TYR A 84 -4.60 24.02 7.79
N SER A 85 -3.70 24.29 6.83
CA SER A 85 -3.08 25.60 6.72
C SER A 85 -3.67 26.40 5.56
N LEU A 86 -4.65 27.23 5.87
CA LEU A 86 -5.31 28.05 4.86
C LEU A 86 -4.78 29.48 4.89
N SER A 87 -4.30 29.90 6.05
CA SER A 87 -3.78 31.25 6.22
C SER A 87 -4.83 32.29 5.87
N GLY A 88 -5.75 32.53 6.79
CA GLY A 88 -6.80 33.50 6.56
C GLY A 88 -8.11 33.13 7.25
N PRO A 89 -8.13 33.29 8.58
CA PRO A 89 -9.32 32.98 9.39
C PRO A 89 -10.47 33.96 9.14
N SER A 90 -11.69 33.43 9.15
CA SER A 90 -12.87 34.26 8.92
C SER A 90 -12.82 34.91 7.55
N SER A 91 -13.83 35.73 7.25
CA SER A 91 -13.90 36.43 5.96
C SER A 91 -14.92 37.54 6.02
N GLY A 92 -14.47 38.78 5.81
CA GLY A 92 -15.36 39.92 5.84
C GLY A 92 -14.84 41.07 5.00
N GLY A 1 19.58 0.66 41.77
CA GLY A 1 20.08 0.61 40.41
C GLY A 1 19.03 1.03 39.40
N SER A 2 18.39 0.05 38.77
CA SER A 2 17.37 0.33 37.77
C SER A 2 17.96 1.10 36.58
N SER A 3 17.18 1.19 35.50
CA SER A 3 17.63 1.89 34.30
C SER A 3 16.44 2.31 33.45
N GLY A 4 16.73 2.83 32.26
CA GLY A 4 15.67 3.26 31.36
C GLY A 4 16.20 3.92 30.11
N SER A 5 15.80 3.42 28.95
CA SER A 5 16.24 3.97 27.68
C SER A 5 15.33 3.52 26.55
N SER A 6 14.44 4.42 26.14
CA SER A 6 13.50 4.12 25.06
C SER A 6 13.10 5.39 24.32
N GLY A 7 13.77 5.65 23.21
CA GLY A 7 13.47 6.84 22.42
C GLY A 7 13.61 6.60 20.93
N HIS A 8 14.85 6.66 20.44
CA HIS A 8 15.11 6.45 19.02
C HIS A 8 14.43 7.52 18.17
N SER A 9 14.86 7.64 16.92
CA SER A 9 14.28 8.62 16.01
C SER A 9 14.94 8.53 14.63
N SER A 10 14.28 7.81 13.72
CA SER A 10 14.79 7.65 12.37
C SER A 10 13.94 8.42 11.36
N ALA A 11 14.58 8.85 10.28
CA ALA A 11 13.88 9.60 9.24
C ALA A 11 14.41 9.25 7.86
N GLN A 12 13.58 8.58 7.05
CA GLN A 12 13.97 8.18 5.72
C GLN A 12 12.80 8.31 4.75
N PHE A 13 13.10 8.66 3.50
CA PHE A 13 12.07 8.82 2.48
C PHE A 13 12.66 8.58 1.08
N ILE A 14 11.96 7.75 0.31
CA ILE A 14 12.41 7.43 -1.05
C ILE A 14 11.59 8.20 -2.08
N ASP A 15 12.28 8.95 -2.94
CA ASP A 15 11.63 9.73 -3.98
C ASP A 15 11.47 8.91 -5.26
N SER A 16 10.96 7.69 -5.11
CA SER A 16 10.77 6.81 -6.26
C SER A 16 9.62 5.85 -6.01
N TYR A 17 9.09 5.27 -7.09
CA TYR A 17 7.98 4.33 -6.99
C TYR A 17 8.30 3.02 -7.71
N ILE A 18 8.43 1.95 -6.93
CA ILE A 18 8.74 0.64 -7.50
C ILE A 18 7.60 -0.34 -7.24
N CYS A 19 7.16 -1.01 -8.31
CA CYS A 19 6.08 -1.98 -8.21
C CYS A 19 6.36 -3.00 -7.11
N GLN A 20 5.30 -3.58 -6.57
CA GLN A 20 5.43 -4.58 -5.51
C GLN A 20 5.10 -5.98 -6.03
N VAL A 21 5.20 -6.15 -7.34
CA VAL A 21 4.91 -7.44 -7.97
C VAL A 21 6.02 -7.85 -8.93
N CYS A 22 6.51 -6.89 -9.70
CA CYS A 22 7.56 -7.14 -10.68
C CYS A 22 8.83 -6.36 -10.31
N SER A 23 8.67 -5.35 -9.46
CA SER A 23 9.80 -4.53 -9.04
C SER A 23 10.38 -3.76 -10.22
N ARG A 24 9.57 -2.88 -10.80
CA ARG A 24 10.02 -2.08 -11.94
C ARG A 24 9.86 -0.59 -11.65
N GLY A 25 10.23 0.23 -12.63
CA GLY A 25 10.13 1.67 -12.46
C GLY A 25 9.66 2.37 -13.73
N ASP A 26 10.15 1.92 -14.87
CA ASP A 26 9.78 2.50 -16.15
C ASP A 26 8.28 2.39 -16.37
N GLU A 27 7.65 1.45 -15.69
CA GLU A 27 6.20 1.24 -15.82
C GLU A 27 5.44 2.20 -14.91
N ASP A 28 6.17 3.02 -14.17
CA ASP A 28 5.56 3.98 -13.26
C ASP A 28 4.47 4.78 -13.97
N ASP A 29 4.61 4.93 -15.28
CA ASP A 29 3.64 5.68 -16.08
C ASP A 29 2.22 5.16 -15.82
N LYS A 30 2.12 3.89 -15.46
CA LYS A 30 0.82 3.28 -15.19
C LYS A 30 0.79 2.67 -13.80
N LEU A 31 1.53 3.28 -12.87
CA LEU A 31 1.58 2.80 -11.49
C LEU A 31 0.45 3.38 -10.66
N LEU A 32 -0.12 2.57 -9.78
CA LEU A 32 -1.21 3.00 -8.92
C LEU A 32 -0.72 3.28 -7.51
N PHE A 33 -1.45 4.13 -6.80
CA PHE A 33 -1.08 4.49 -5.42
C PHE A 33 -2.18 4.08 -4.45
N CYS A 34 -1.80 3.36 -3.40
CA CYS A 34 -2.74 2.90 -2.39
C CYS A 34 -3.01 3.99 -1.36
N ASP A 35 -4.27 4.12 -0.97
CA ASP A 35 -4.66 5.14 0.01
C ASP A 35 -4.61 4.58 1.42
N GLY A 36 -3.52 3.87 1.73
CA GLY A 36 -3.37 3.29 3.05
C GLY A 36 -1.92 2.99 3.39
N CYS A 37 -1.17 2.52 2.40
CA CYS A 37 0.23 2.19 2.60
C CYS A 37 1.12 2.93 1.59
N ASP A 38 0.48 3.67 0.70
CA ASP A 38 1.20 4.44 -0.32
C ASP A 38 2.19 3.54 -1.06
N ASP A 39 1.67 2.48 -1.66
CA ASP A 39 2.52 1.54 -2.41
C ASP A 39 2.36 1.76 -3.91
N ASN A 40 3.08 0.96 -4.70
CA ASN A 40 3.02 1.06 -6.15
C ASN A 40 2.62 -0.27 -6.78
N TYR A 41 1.55 -0.25 -7.54
CA TYR A 41 1.06 -1.46 -8.20
C TYR A 41 0.60 -1.15 -9.62
N HIS A 42 1.01 -2.00 -10.56
CA HIS A 42 0.64 -1.82 -11.97
C HIS A 42 -0.78 -2.32 -12.22
N ILE A 43 -1.23 -2.20 -13.47
CA ILE A 43 -2.56 -2.65 -13.84
C ILE A 43 -2.53 -4.06 -14.41
N PHE A 44 -1.34 -4.53 -14.75
CA PHE A 44 -1.17 -5.87 -15.30
C PHE A 44 -0.40 -6.76 -14.34
N CYS A 45 -0.29 -6.32 -13.09
CA CYS A 45 0.43 -7.08 -12.07
C CYS A 45 -0.53 -7.62 -11.02
N LEU A 46 -1.68 -6.95 -10.88
CA LEU A 46 -2.69 -7.35 -9.92
C LEU A 46 -3.36 -8.66 -10.34
N LEU A 47 -4.44 -9.01 -9.66
CA LEU A 47 -5.18 -10.23 -9.96
C LEU A 47 -6.50 -10.28 -9.19
N PRO A 48 -7.61 -10.05 -9.90
CA PRO A 48 -7.58 -9.75 -11.35
C PRO A 48 -6.98 -8.39 -11.65
N PRO A 49 -6.31 -8.28 -12.80
CA PRO A 49 -5.69 -7.03 -13.23
C PRO A 49 -6.70 -5.96 -13.60
N LEU A 50 -6.23 -4.74 -13.85
CA LEU A 50 -7.10 -3.63 -14.21
C LEU A 50 -6.81 -3.15 -15.63
N PRO A 51 -7.78 -2.45 -16.22
CA PRO A 51 -7.66 -1.92 -17.59
C PRO A 51 -6.65 -0.78 -17.68
N GLU A 52 -6.67 0.10 -16.68
CA GLU A 52 -5.76 1.24 -16.64
C GLU A 52 -5.87 1.99 -15.32
N ILE A 53 -5.09 3.05 -15.19
CA ILE A 53 -5.11 3.86 -13.97
C ILE A 53 -6.53 4.27 -13.60
N PRO A 54 -6.89 4.07 -12.31
CA PRO A 54 -8.22 4.40 -11.80
C PRO A 54 -8.44 5.91 -11.73
N ARG A 55 -9.68 6.31 -11.44
CA ARG A 55 -10.02 7.72 -11.34
C ARG A 55 -9.94 8.20 -9.89
N GLY A 56 -10.94 7.82 -9.09
CA GLY A 56 -10.97 8.21 -7.70
C GLY A 56 -9.85 7.58 -6.90
N ILE A 57 -10.14 7.27 -5.63
CA ILE A 57 -9.15 6.65 -4.76
C ILE A 57 -9.05 5.16 -5.00
N TRP A 58 -7.82 4.66 -5.16
CA TRP A 58 -7.60 3.24 -5.40
C TRP A 58 -6.78 2.63 -4.28
N ARG A 59 -7.13 1.41 -3.90
CA ARG A 59 -6.44 0.70 -2.82
C ARG A 59 -5.81 -0.59 -3.35
N CYS A 60 -4.82 -1.10 -2.61
CA CYS A 60 -4.14 -2.34 -2.99
C CYS A 60 -4.76 -3.54 -2.28
N PRO A 61 -4.54 -4.73 -2.86
CA PRO A 61 -5.07 -5.98 -2.30
C PRO A 61 -4.38 -6.37 -1.00
N LYS A 62 -3.15 -5.88 -0.82
CA LYS A 62 -2.39 -6.18 0.39
C LYS A 62 -2.98 -5.48 1.61
N CYS A 63 -3.79 -4.45 1.35
CA CYS A 63 -4.42 -3.68 2.42
C CYS A 63 -5.89 -4.08 2.57
N ILE A 64 -6.57 -4.25 1.44
CA ILE A 64 -7.97 -4.63 1.45
C ILE A 64 -8.16 -6.04 2.00
N LEU A 65 -7.33 -6.96 1.54
CA LEU A 65 -7.40 -8.35 1.99
C LEU A 65 -7.06 -8.46 3.47
N ALA A 66 -6.44 -7.42 4.01
CA ALA A 66 -6.05 -7.40 5.41
C ALA A 66 -7.13 -6.74 6.27
N GLU A 67 -7.61 -5.58 5.83
CA GLU A 67 -8.64 -4.86 6.56
C GLU A 67 -9.98 -5.59 6.47
N CYS A 68 -10.16 -6.35 5.39
CA CYS A 68 -11.40 -7.09 5.19
C CYS A 68 -11.44 -8.33 6.09
N LYS A 69 -12.04 -8.17 7.27
CA LYS A 69 -12.14 -9.26 8.23
C LYS A 69 -10.75 -9.81 8.58
N GLN A 70 -10.74 -10.86 9.39
CA GLN A 70 -9.48 -11.47 9.82
C GLN A 70 -9.73 -12.80 10.53
N PRO A 71 -8.71 -13.67 10.54
CA PRO A 71 -8.80 -14.98 11.18
C PRO A 71 -8.85 -14.88 12.70
N PRO A 72 -9.25 -15.97 13.37
CA PRO A 72 -9.34 -16.02 14.83
C PRO A 72 -7.96 -16.01 15.50
N GLU A 73 -7.42 -14.80 15.67
CA GLU A 73 -6.12 -14.64 16.31
C GLU A 73 -5.76 -13.17 16.47
N ALA A 74 -6.78 -12.36 16.75
CA ALA A 74 -6.58 -10.92 16.93
C ALA A 74 -7.55 -10.37 17.97
N PHE A 75 -7.01 -9.65 18.94
CA PHE A 75 -7.83 -9.05 20.00
C PHE A 75 -7.26 -7.70 20.42
N GLY A 76 -7.89 -6.63 19.94
CA GLY A 76 -7.43 -5.29 20.29
C GLY A 76 -8.57 -4.32 20.48
N PHE A 77 -8.50 -3.52 21.54
CA PHE A 77 -9.54 -2.54 21.85
C PHE A 77 -9.21 -1.18 21.24
N GLU A 78 -10.09 -0.69 20.38
CA GLU A 78 -9.90 0.60 19.74
C GLU A 78 -10.03 1.74 20.74
N GLN A 79 -8.93 2.45 20.98
CA GLN A 79 -8.93 3.57 21.92
C GLN A 79 -7.63 4.37 21.81
N ALA A 80 -6.51 3.66 21.78
CA ALA A 80 -5.20 4.30 21.67
C ALA A 80 -5.01 4.92 20.30
N THR A 81 -5.70 4.39 19.30
CA THR A 81 -5.60 4.89 17.93
C THR A 81 -4.16 4.83 17.43
N GLN A 82 -3.48 3.73 17.73
CA GLN A 82 -2.09 3.55 17.30
C GLN A 82 -1.97 3.62 15.78
N GLU A 83 -0.74 3.59 15.29
CA GLU A 83 -0.49 3.66 13.85
C GLU A 83 -1.03 4.96 13.27
N TYR A 84 -0.87 5.12 11.96
CA TYR A 84 -1.34 6.32 11.28
C TYR A 84 -0.65 7.56 11.83
N SER A 85 -0.91 8.71 11.20
CA SER A 85 -0.32 9.96 11.63
C SER A 85 -1.31 10.77 12.47
N LEU A 86 -0.77 11.55 13.41
CA LEU A 86 -1.61 12.37 14.28
C LEU A 86 -0.79 13.48 14.93
N SER A 87 -1.45 14.59 15.25
CA SER A 87 -0.78 15.73 15.88
C SER A 87 -1.80 16.78 16.32
N GLY A 88 -1.53 17.40 17.47
CA GLY A 88 -2.44 18.42 17.98
C GLY A 88 -1.71 19.69 18.36
N PRO A 89 -2.46 20.79 18.45
CA PRO A 89 -1.90 22.10 18.81
C PRO A 89 -1.47 22.16 20.28
N SER A 90 -0.43 22.96 20.56
CA SER A 90 0.08 23.10 21.91
C SER A 90 -0.45 24.38 22.56
N SER A 91 -1.77 24.48 22.65
CA SER A 91 -2.41 25.66 23.25
C SER A 91 -2.67 25.43 24.73
N GLY A 92 -3.18 26.46 25.40
CA GLY A 92 -3.47 26.37 26.81
C GLY A 92 -4.23 27.56 27.34
N GLY A 1 43.64 18.71 14.56
CA GLY A 1 43.79 19.58 13.41
C GLY A 1 44.66 18.97 12.33
N SER A 2 44.03 18.25 11.41
CA SER A 2 44.76 17.60 10.32
C SER A 2 44.26 18.09 8.97
N SER A 3 44.95 17.67 7.91
CA SER A 3 44.59 18.08 6.56
C SER A 3 43.74 17.00 5.87
N GLY A 4 43.07 17.39 4.79
CA GLY A 4 42.24 16.45 4.07
C GLY A 4 42.91 15.93 2.80
N SER A 5 42.59 14.70 2.42
CA SER A 5 43.17 14.10 1.23
C SER A 5 42.07 13.60 0.28
N SER A 6 41.02 13.04 0.86
CA SER A 6 39.90 12.52 0.08
C SER A 6 38.57 13.05 0.60
N GLY A 7 37.66 13.35 -0.32
CA GLY A 7 36.36 13.88 0.07
C GLY A 7 35.22 13.14 -0.60
N HIS A 8 34.45 12.40 0.18
CA HIS A 8 33.31 11.64 -0.34
C HIS A 8 32.00 12.27 0.08
N SER A 9 31.70 13.44 -0.49
CA SER A 9 30.47 14.15 -0.16
C SER A 9 29.42 13.95 -1.25
N SER A 10 28.38 13.18 -0.93
CA SER A 10 27.31 12.89 -1.89
C SER A 10 26.01 12.57 -1.16
N ALA A 11 25.04 13.47 -1.27
CA ALA A 11 23.75 13.28 -0.63
C ALA A 11 22.81 12.47 -1.52
N GLN A 12 22.49 11.25 -1.09
CA GLN A 12 21.60 10.38 -1.85
C GLN A 12 20.40 9.96 -1.01
N PHE A 13 19.31 9.61 -1.69
CA PHE A 13 18.10 9.19 -1.00
C PHE A 13 17.26 8.28 -1.89
N ILE A 14 16.03 8.00 -1.46
CA ILE A 14 15.13 7.15 -2.22
C ILE A 14 13.69 7.63 -2.09
N ASP A 15 13.13 8.11 -3.20
CA ASP A 15 11.76 8.60 -3.21
C ASP A 15 11.07 8.24 -4.53
N SER A 16 11.44 7.09 -5.09
CA SER A 16 10.85 6.63 -6.34
C SER A 16 9.68 5.70 -6.09
N TYR A 17 9.17 5.08 -7.15
CA TYR A 17 8.04 4.17 -7.05
C TYR A 17 8.33 2.85 -7.78
N ILE A 18 8.45 1.78 -7.01
CA ILE A 18 8.72 0.46 -7.58
C ILE A 18 7.56 -0.50 -7.33
N CYS A 19 7.09 -1.14 -8.39
CA CYS A 19 6.00 -2.09 -8.29
C CYS A 19 6.27 -3.12 -7.19
N GLN A 20 5.21 -3.69 -6.64
CA GLN A 20 5.33 -4.69 -5.59
C GLN A 20 4.95 -6.08 -6.11
N VAL A 21 5.04 -6.25 -7.43
CA VAL A 21 4.72 -7.52 -8.06
C VAL A 21 5.81 -7.95 -9.03
N CYS A 22 6.30 -6.99 -9.82
CA CYS A 22 7.34 -7.27 -10.79
C CYS A 22 8.62 -6.51 -10.44
N SER A 23 8.50 -5.51 -9.58
CA SER A 23 9.65 -4.72 -9.16
C SER A 23 10.24 -3.96 -10.35
N ARG A 24 9.45 -3.06 -10.92
CA ARG A 24 9.89 -2.26 -12.06
C ARG A 24 9.77 -0.77 -11.76
N GLY A 25 10.15 0.06 -12.74
CA GLY A 25 10.07 1.49 -12.57
C GLY A 25 9.60 2.20 -13.82
N ASP A 26 10.08 1.75 -14.97
CA ASP A 26 9.71 2.35 -16.24
C ASP A 26 8.19 2.28 -16.45
N GLU A 27 7.56 1.33 -15.76
CA GLU A 27 6.11 1.16 -15.88
C GLU A 27 5.37 2.12 -14.97
N ASP A 28 6.13 2.93 -14.23
CA ASP A 28 5.54 3.91 -13.31
C ASP A 28 4.46 4.72 -14.00
N ASP A 29 4.60 4.88 -15.32
CA ASP A 29 3.63 5.65 -16.10
C ASP A 29 2.20 5.16 -15.83
N LYS A 30 2.07 3.89 -15.48
CA LYS A 30 0.77 3.30 -15.18
C LYS A 30 0.75 2.68 -13.79
N LEU A 31 1.51 3.28 -12.88
CA LEU A 31 1.57 2.79 -11.51
C LEU A 31 0.45 3.39 -10.66
N LEU A 32 -0.14 2.57 -9.79
CA LEU A 32 -1.22 3.01 -8.92
C LEU A 32 -0.70 3.30 -7.51
N PHE A 33 -1.41 4.14 -6.78
CA PHE A 33 -1.04 4.49 -5.42
C PHE A 33 -2.12 4.09 -4.43
N CYS A 34 -1.73 3.37 -3.39
CA CYS A 34 -2.67 2.91 -2.37
C CYS A 34 -2.93 4.02 -1.34
N ASP A 35 -4.18 4.16 -0.93
CA ASP A 35 -4.56 5.17 0.05
C ASP A 35 -4.50 4.60 1.45
N GLY A 36 -3.42 3.90 1.76
CA GLY A 36 -3.25 3.31 3.08
C GLY A 36 -1.81 3.01 3.41
N CYS A 37 -1.06 2.53 2.41
CA CYS A 37 0.34 2.19 2.60
C CYS A 37 1.21 2.93 1.58
N ASP A 38 0.57 3.67 0.68
CA ASP A 38 1.28 4.42 -0.34
C ASP A 38 2.26 3.51 -1.10
N ASP A 39 1.73 2.44 -1.68
CA ASP A 39 2.54 1.50 -2.44
C ASP A 39 2.39 1.72 -3.93
N ASN A 40 3.09 0.91 -4.72
CA ASN A 40 3.02 1.02 -6.18
C ASN A 40 2.59 -0.30 -6.81
N TYR A 41 1.50 -0.27 -7.56
CA TYR A 41 0.99 -1.47 -8.22
C TYR A 41 0.50 -1.15 -9.63
N HIS A 42 0.91 -1.98 -10.59
CA HIS A 42 0.53 -1.79 -11.98
C HIS A 42 -0.89 -2.27 -12.22
N ILE A 43 -1.35 -2.16 -13.46
CA ILE A 43 -2.70 -2.58 -13.82
C ILE A 43 -2.70 -3.99 -14.38
N PHE A 44 -1.53 -4.47 -14.78
CA PHE A 44 -1.39 -5.81 -15.33
C PHE A 44 -0.63 -6.73 -14.37
N CYS A 45 -0.49 -6.28 -13.12
CA CYS A 45 0.20 -7.05 -12.10
C CYS A 45 -0.77 -7.56 -11.04
N LEU A 46 -1.90 -6.86 -10.90
CA LEU A 46 -2.91 -7.24 -9.91
C LEU A 46 -3.60 -8.54 -10.32
N LEU A 47 -4.69 -8.86 -9.63
CA LEU A 47 -5.45 -10.07 -9.91
C LEU A 47 -6.76 -10.10 -9.14
N PRO A 48 -7.87 -9.85 -9.85
CA PRO A 48 -7.85 -9.57 -11.29
C PRO A 48 -7.22 -8.22 -11.61
N PRO A 49 -6.56 -8.13 -12.77
CA PRO A 49 -5.90 -6.89 -13.23
C PRO A 49 -6.91 -5.82 -13.60
N LEU A 50 -6.42 -4.60 -13.81
CA LEU A 50 -7.27 -3.48 -14.17
C LEU A 50 -6.98 -3.00 -15.59
N PRO A 51 -7.95 -2.29 -16.20
CA PRO A 51 -7.81 -1.77 -17.57
C PRO A 51 -6.79 -0.64 -17.65
N GLU A 52 -6.79 0.22 -16.65
CA GLU A 52 -5.86 1.36 -16.61
C GLU A 52 -5.95 2.10 -15.29
N ILE A 53 -5.16 3.15 -15.14
CA ILE A 53 -5.15 3.95 -13.93
C ILE A 53 -6.57 4.37 -13.54
N PRO A 54 -6.91 4.16 -12.26
CA PRO A 54 -8.24 4.52 -11.73
C PRO A 54 -8.44 6.03 -11.65
N ARG A 55 -9.67 6.44 -11.34
CA ARG A 55 -10.00 7.85 -11.23
C ARG A 55 -9.92 8.32 -9.78
N GLY A 56 -10.91 7.93 -8.98
CA GLY A 56 -10.93 8.31 -7.59
C GLY A 56 -9.80 7.68 -6.78
N ILE A 57 -10.09 7.33 -5.54
CA ILE A 57 -9.10 6.71 -4.67
C ILE A 57 -9.01 5.21 -4.92
N TRP A 58 -7.78 4.71 -5.09
CA TRP A 58 -7.56 3.30 -5.34
C TRP A 58 -6.74 2.67 -4.22
N ARG A 59 -7.10 1.45 -3.83
CA ARG A 59 -6.40 0.74 -2.77
C ARG A 59 -5.78 -0.54 -3.30
N CYS A 60 -4.79 -1.07 -2.57
CA CYS A 60 -4.12 -2.30 -2.96
C CYS A 60 -4.74 -3.50 -2.26
N PRO A 61 -4.53 -4.70 -2.84
CA PRO A 61 -5.06 -5.95 -2.28
C PRO A 61 -4.36 -6.35 -0.99
N LYS A 62 -3.14 -5.87 -0.81
CA LYS A 62 -2.36 -6.17 0.39
C LYS A 62 -2.95 -5.46 1.61
N CYS A 63 -3.75 -4.43 1.36
CA CYS A 63 -4.37 -3.67 2.43
C CYS A 63 -5.84 -4.05 2.60
N ILE A 64 -6.53 -4.22 1.48
CA ILE A 64 -7.94 -4.58 1.49
C ILE A 64 -8.13 -6.00 2.04
N LEU A 65 -7.31 -6.93 1.58
CA LEU A 65 -7.38 -8.31 2.01
C LEU A 65 -7.03 -8.43 3.50
N ALA A 66 -6.41 -7.39 4.04
CA ALA A 66 -6.02 -7.38 5.44
C ALA A 66 -7.08 -6.69 6.29
N GLU A 67 -7.68 -5.64 5.74
CA GLU A 67 -8.72 -4.90 6.46
C GLU A 67 -10.05 -5.63 6.40
N CYS A 68 -10.25 -6.43 5.36
CA CYS A 68 -11.48 -7.18 5.18
C CYS A 68 -11.79 -7.99 6.44
N LYS A 69 -10.76 -8.39 7.16
CA LYS A 69 -10.93 -9.17 8.38
C LYS A 69 -11.82 -8.44 9.37
N GLN A 70 -12.11 -9.09 10.49
CA GLN A 70 -12.94 -8.49 11.53
C GLN A 70 -14.36 -8.26 11.01
N PRO A 71 -15.33 -8.24 11.95
CA PRO A 71 -16.75 -8.03 11.61
C PRO A 71 -17.02 -6.61 11.14
N PRO A 72 -18.23 -6.39 10.59
CA PRO A 72 -18.65 -5.08 10.09
C PRO A 72 -18.87 -4.08 11.23
N GLU A 73 -17.79 -3.51 11.73
CA GLU A 73 -17.86 -2.54 12.82
C GLU A 73 -16.49 -1.93 13.11
N ALA A 74 -15.72 -1.70 12.05
CA ALA A 74 -14.39 -1.12 12.20
C ALA A 74 -13.85 -0.67 10.84
N PHE A 75 -14.71 -0.06 10.03
CA PHE A 75 -14.31 0.42 8.71
C PHE A 75 -14.42 1.93 8.62
N GLY A 76 -15.64 2.44 8.85
CA GLY A 76 -15.87 3.86 8.78
C GLY A 76 -17.28 4.21 8.34
N PHE A 77 -17.44 4.46 7.05
CA PHE A 77 -18.74 4.81 6.50
C PHE A 77 -19.40 3.60 5.85
N GLU A 78 -20.65 3.34 6.20
CA GLU A 78 -21.40 2.21 5.66
C GLU A 78 -22.27 2.64 4.49
N GLN A 79 -22.64 1.69 3.65
CA GLN A 79 -23.49 1.97 2.49
C GLN A 79 -24.93 1.55 2.74
N ALA A 80 -25.40 1.81 3.96
CA ALA A 80 -26.76 1.46 4.34
C ALA A 80 -26.99 -0.05 4.26
N THR A 81 -26.83 -0.72 5.41
CA THR A 81 -27.01 -2.17 5.46
C THR A 81 -28.46 -2.54 5.18
N GLN A 82 -28.65 -3.75 4.66
CA GLN A 82 -29.99 -4.24 4.34
C GLN A 82 -30.07 -5.76 4.48
N GLU A 83 -30.29 -6.22 5.71
CA GLU A 83 -30.38 -7.65 5.98
C GLU A 83 -31.49 -7.95 6.98
N TYR A 84 -32.69 -7.47 6.69
CA TYR A 84 -33.83 -7.68 7.58
C TYR A 84 -33.52 -7.18 8.98
N SER A 85 -33.84 -5.91 9.23
CA SER A 85 -33.60 -5.29 10.54
C SER A 85 -34.76 -5.58 11.49
N LEU A 86 -34.61 -6.63 12.27
CA LEU A 86 -35.65 -7.01 13.24
C LEU A 86 -35.57 -6.14 14.48
N SER A 87 -36.60 -6.25 15.34
CA SER A 87 -36.64 -5.47 16.57
C SER A 87 -36.16 -6.30 17.76
N GLY A 88 -36.97 -7.30 18.14
CA GLY A 88 -36.61 -8.15 19.26
C GLY A 88 -37.29 -7.73 20.54
N PRO A 89 -37.27 -8.62 21.55
CA PRO A 89 -37.89 -8.37 22.85
C PRO A 89 -37.15 -7.30 23.65
N SER A 90 -35.90 -7.06 23.28
CA SER A 90 -35.07 -6.07 23.95
C SER A 90 -34.94 -6.41 25.43
N SER A 91 -34.12 -7.41 25.73
CA SER A 91 -33.91 -7.84 27.11
C SER A 91 -32.58 -7.30 27.65
N GLY A 92 -32.59 -6.91 28.93
CA GLY A 92 -31.38 -6.38 29.54
C GLY A 92 -31.16 -6.93 30.94
N GLY A 1 46.44 -15.81 3.66
CA GLY A 1 46.47 -14.49 4.26
C GLY A 1 45.23 -13.68 3.95
N SER A 2 44.61 -13.12 4.99
CA SER A 2 43.40 -12.32 4.82
C SER A 2 43.25 -11.32 5.96
N SER A 3 43.10 -10.05 5.61
CA SER A 3 42.95 -9.00 6.60
C SER A 3 42.46 -7.70 5.95
N GLY A 4 41.55 -7.02 6.63
CA GLY A 4 41.02 -5.77 6.09
C GLY A 4 39.81 -5.29 6.87
N SER A 5 39.38 -4.05 6.61
CA SER A 5 38.24 -3.46 7.29
C SER A 5 37.83 -2.16 6.62
N SER A 6 36.53 -1.86 6.68
CA SER A 6 36.01 -0.64 6.08
C SER A 6 34.78 -0.14 6.85
N GLY A 7 34.31 1.05 6.49
CA GLY A 7 33.15 1.61 7.16
C GLY A 7 32.51 2.73 6.35
N HIS A 8 31.21 2.62 6.13
CA HIS A 8 30.48 3.63 5.37
C HIS A 8 28.98 3.32 5.33
N SER A 9 28.24 3.90 6.29
CA SER A 9 26.81 3.67 6.37
C SER A 9 26.04 4.98 6.22
N SER A 10 24.85 4.90 5.64
CA SER A 10 24.03 6.08 5.42
C SER A 10 22.55 5.75 5.58
N ALA A 11 21.71 6.78 5.63
CA ALA A 11 20.28 6.59 5.77
C ALA A 11 19.56 6.73 4.43
N GLN A 12 19.81 7.85 3.76
CA GLN A 12 19.19 8.12 2.47
C GLN A 12 17.67 8.06 2.57
N PHE A 13 17.00 8.13 1.42
CA PHE A 13 15.55 8.09 1.38
C PHE A 13 15.04 7.71 -0.01
N ILE A 14 13.89 7.07 -0.05
CA ILE A 14 13.30 6.64 -1.32
C ILE A 14 12.33 7.69 -1.86
N ASP A 15 12.74 8.38 -2.92
CA ASP A 15 11.92 9.41 -3.54
C ASP A 15 11.42 8.96 -4.91
N SER A 16 11.13 7.66 -5.03
CA SER A 16 10.65 7.11 -6.29
C SER A 16 9.51 6.12 -6.04
N TYR A 17 9.03 5.51 -7.11
CA TYR A 17 7.94 4.54 -7.01
C TYR A 17 8.29 3.24 -7.74
N ILE A 18 8.44 2.17 -6.97
CA ILE A 18 8.77 0.87 -7.54
C ILE A 18 7.65 -0.13 -7.30
N CYS A 19 7.26 -0.84 -8.36
CA CYS A 19 6.20 -1.84 -8.27
C CYS A 19 6.49 -2.86 -7.18
N GLN A 20 5.45 -3.46 -6.64
CA GLN A 20 5.60 -4.46 -5.59
C GLN A 20 5.31 -5.85 -6.12
N VAL A 21 5.43 -6.02 -7.43
CA VAL A 21 5.18 -7.32 -8.06
C VAL A 21 6.30 -7.69 -9.02
N CYS A 22 6.76 -6.70 -9.79
CA CYS A 22 7.83 -6.92 -10.75
C CYS A 22 9.07 -6.12 -10.38
N SER A 23 8.89 -5.13 -9.52
CA SER A 23 9.98 -4.27 -9.09
C SER A 23 10.55 -3.47 -10.27
N ARG A 24 9.72 -2.62 -10.83
CA ARG A 24 10.14 -1.79 -11.98
C ARG A 24 9.92 -0.32 -11.69
N GLY A 25 10.34 0.53 -12.62
CA GLY A 25 10.18 1.97 -12.44
C GLY A 25 9.71 2.65 -13.71
N ASP A 26 10.22 2.21 -14.85
CA ASP A 26 9.86 2.79 -16.13
C ASP A 26 8.35 2.66 -16.37
N GLU A 27 7.72 1.71 -15.69
CA GLU A 27 6.28 1.49 -15.83
C GLU A 27 5.50 2.42 -14.91
N ASP A 28 6.22 3.25 -14.15
CA ASP A 28 5.60 4.19 -13.23
C ASP A 28 4.51 5.00 -13.93
N ASP A 29 4.67 5.18 -15.24
CA ASP A 29 3.71 5.94 -16.02
C ASP A 29 2.29 5.42 -15.79
N LYS A 30 2.18 4.14 -15.47
CA LYS A 30 0.88 3.51 -15.22
C LYS A 30 0.85 2.86 -13.85
N LEU A 31 1.57 3.45 -12.89
CA LEU A 31 1.62 2.92 -11.53
C LEU A 31 0.46 3.46 -10.70
N LEU A 32 -0.08 2.61 -9.83
CA LEU A 32 -1.19 2.99 -8.97
C LEU A 32 -0.70 3.25 -7.54
N PHE A 33 -1.39 4.16 -6.85
CA PHE A 33 -1.04 4.49 -5.47
C PHE A 33 -2.13 4.06 -4.51
N CYS A 34 -1.73 3.39 -3.44
CA CYS A 34 -2.66 2.90 -2.43
C CYS A 34 -2.92 3.98 -1.38
N ASP A 35 -4.18 4.12 -0.97
CA ASP A 35 -4.57 5.10 0.03
C ASP A 35 -4.51 4.50 1.43
N GLY A 36 -3.43 3.78 1.73
CA GLY A 36 -3.28 3.16 3.02
C GLY A 36 -1.84 2.87 3.37
N CYS A 37 -1.08 2.42 2.36
CA CYS A 37 0.34 2.09 2.56
C CYS A 37 1.21 2.85 1.58
N ASP A 38 0.57 3.61 0.69
CA ASP A 38 1.29 4.39 -0.31
C ASP A 38 2.27 3.51 -1.07
N ASP A 39 1.75 2.44 -1.67
CA ASP A 39 2.58 1.52 -2.45
C ASP A 39 2.43 1.77 -3.94
N ASN A 40 3.13 0.98 -4.74
CA ASN A 40 3.08 1.11 -6.19
C ASN A 40 2.71 -0.23 -6.85
N TYR A 41 1.62 -0.22 -7.61
CA TYR A 41 1.16 -1.43 -8.29
C TYR A 41 0.72 -1.12 -9.71
N HIS A 42 1.13 -1.97 -10.65
CA HIS A 42 0.77 -1.78 -12.06
C HIS A 42 -0.62 -2.32 -12.34
N ILE A 43 -1.14 -2.04 -13.52
CA ILE A 43 -2.47 -2.49 -13.92
C ILE A 43 -2.40 -3.86 -14.59
N PHE A 44 -1.19 -4.40 -14.71
CA PHE A 44 -0.99 -5.71 -15.33
C PHE A 44 -0.18 -6.62 -14.42
N CYS A 45 -0.08 -6.25 -13.16
CA CYS A 45 0.68 -7.02 -12.18
C CYS A 45 -0.25 -7.63 -11.13
N LEU A 46 -1.40 -6.99 -10.94
CA LEU A 46 -2.37 -7.47 -9.95
C LEU A 46 -3.04 -8.76 -10.43
N LEU A 47 -4.09 -9.17 -9.73
CA LEU A 47 -4.82 -10.38 -10.08
C LEU A 47 -6.12 -10.48 -9.29
N PRO A 48 -7.25 -10.23 -9.98
CA PRO A 48 -7.25 -9.86 -11.40
C PRO A 48 -6.67 -8.47 -11.64
N PRO A 49 -6.03 -8.30 -12.81
CA PRO A 49 -5.41 -7.02 -13.19
C PRO A 49 -6.45 -5.95 -13.49
N LEU A 50 -5.98 -4.75 -13.81
CA LEU A 50 -6.88 -3.64 -14.12
C LEU A 50 -6.66 -3.15 -15.55
N PRO A 51 -7.68 -2.48 -16.11
CA PRO A 51 -7.62 -1.95 -17.48
C PRO A 51 -6.65 -0.78 -17.60
N GLU A 52 -6.72 0.14 -16.63
CA GLU A 52 -5.84 1.31 -16.64
C GLU A 52 -5.94 2.06 -15.31
N ILE A 53 -5.13 3.11 -15.17
CA ILE A 53 -5.13 3.91 -13.96
C ILE A 53 -6.53 4.35 -13.58
N PRO A 54 -6.89 4.16 -12.30
CA PRO A 54 -8.21 4.52 -11.79
C PRO A 54 -8.40 6.04 -11.71
N ARG A 55 -9.61 6.46 -11.37
CA ARG A 55 -9.92 7.88 -11.27
C ARG A 55 -9.83 8.35 -9.81
N GLY A 56 -10.83 7.98 -9.02
CA GLY A 56 -10.85 8.37 -7.62
C GLY A 56 -9.74 7.71 -6.81
N ILE A 57 -10.03 7.38 -5.56
CA ILE A 57 -9.05 6.74 -4.70
C ILE A 57 -8.98 5.24 -4.96
N TRP A 58 -7.76 4.74 -5.12
CA TRP A 58 -7.56 3.31 -5.37
C TRP A 58 -6.74 2.67 -4.26
N ARG A 59 -7.13 1.46 -3.88
CA ARG A 59 -6.43 0.74 -2.81
C ARG A 59 -5.82 -0.56 -3.34
N CYS A 60 -4.85 -1.09 -2.61
CA CYS A 60 -4.19 -2.33 -3.01
C CYS A 60 -4.81 -3.52 -2.29
N PRO A 61 -4.61 -4.73 -2.85
CA PRO A 61 -5.14 -5.97 -2.28
C PRO A 61 -4.44 -6.36 -0.99
N LYS A 62 -3.21 -5.87 -0.83
CA LYS A 62 -2.43 -6.17 0.37
C LYS A 62 -3.00 -5.47 1.59
N CYS A 63 -3.80 -4.43 1.35
CA CYS A 63 -4.41 -3.67 2.42
C CYS A 63 -5.88 -4.05 2.59
N ILE A 64 -6.57 -4.22 1.46
CA ILE A 64 -7.98 -4.58 1.49
C ILE A 64 -8.19 -5.98 2.04
N LEU A 65 -7.36 -6.91 1.58
CA LEU A 65 -7.44 -8.30 2.04
C LEU A 65 -7.08 -8.42 3.51
N ALA A 66 -6.42 -7.38 4.03
CA ALA A 66 -6.03 -7.36 5.43
C ALA A 66 -7.12 -6.79 6.32
N GLU A 67 -7.66 -5.64 5.91
CA GLU A 67 -8.71 -4.98 6.67
C GLU A 67 -10.02 -5.76 6.56
N CYS A 68 -10.21 -6.43 5.43
CA CYS A 68 -11.43 -7.21 5.20
C CYS A 68 -11.59 -8.27 6.29
N LYS A 69 -12.68 -9.05 6.18
CA LYS A 69 -12.96 -10.10 7.16
C LYS A 69 -13.06 -9.52 8.56
N GLN A 70 -13.30 -10.39 9.54
CA GLN A 70 -13.42 -9.97 10.92
C GLN A 70 -12.04 -9.71 11.54
N PRO A 71 -12.01 -8.86 12.58
CA PRO A 71 -10.77 -8.52 13.27
C PRO A 71 -10.22 -9.68 14.09
N PRO A 72 -8.93 -9.59 14.46
CA PRO A 72 -8.26 -10.63 15.24
C PRO A 72 -8.76 -10.68 16.68
N GLU A 73 -9.92 -11.31 16.88
CA GLU A 73 -10.50 -11.42 18.20
C GLU A 73 -11.65 -12.43 18.21
N ALA A 74 -11.56 -13.42 17.33
CA ALA A 74 -12.59 -14.45 17.23
C ALA A 74 -11.96 -15.82 17.00
N PHE A 75 -12.35 -16.79 17.82
CA PHE A 75 -11.83 -18.15 17.70
C PHE A 75 -12.69 -18.98 16.75
N GLY A 76 -14.00 -18.77 16.82
CA GLY A 76 -14.91 -19.51 15.95
C GLY A 76 -16.37 -19.26 16.30
N PHE A 77 -17.20 -19.13 15.28
CA PHE A 77 -18.63 -18.88 15.47
C PHE A 77 -19.46 -19.70 14.49
N GLU A 78 -20.50 -20.34 14.99
CA GLU A 78 -21.38 -21.14 14.15
C GLU A 78 -22.79 -20.56 14.11
N GLN A 79 -22.87 -19.23 14.16
CA GLN A 79 -24.17 -18.55 14.13
C GLN A 79 -24.31 -17.71 12.87
N ALA A 80 -25.48 -17.80 12.24
CA ALA A 80 -25.75 -17.04 11.02
C ALA A 80 -27.23 -17.12 10.65
N THR A 81 -27.90 -15.97 10.69
CA THR A 81 -29.31 -15.90 10.35
C THR A 81 -29.52 -15.80 8.85
N GLN A 82 -29.51 -16.94 8.17
CA GLN A 82 -29.70 -16.99 6.72
C GLN A 82 -30.84 -17.92 6.34
N GLU A 83 -32.06 -17.58 6.77
CA GLU A 83 -33.23 -18.39 6.48
C GLU A 83 -34.16 -17.67 5.50
N TYR A 84 -33.56 -17.04 4.49
CA TYR A 84 -34.34 -16.33 3.49
C TYR A 84 -34.63 -17.21 2.27
N SER A 85 -33.70 -18.11 1.98
CA SER A 85 -33.85 -19.02 0.84
C SER A 85 -34.57 -20.30 1.26
N LEU A 86 -35.69 -20.59 0.60
CA LEU A 86 -36.47 -21.78 0.90
C LEU A 86 -36.00 -22.96 0.05
N SER A 87 -35.83 -24.11 0.71
CA SER A 87 -35.39 -25.32 0.02
C SER A 87 -36.55 -25.99 -0.72
N GLY A 88 -36.34 -26.27 -2.00
CA GLY A 88 -37.37 -26.91 -2.80
C GLY A 88 -36.80 -27.68 -3.96
N PRO A 89 -36.09 -28.78 -3.66
CA PRO A 89 -35.49 -29.64 -4.68
C PRO A 89 -36.52 -30.42 -5.47
N SER A 90 -36.73 -30.02 -6.73
CA SER A 90 -37.70 -30.68 -7.59
C SER A 90 -37.00 -31.37 -8.76
N SER A 91 -36.77 -32.67 -8.62
CA SER A 91 -36.11 -33.45 -9.66
C SER A 91 -34.74 -32.86 -9.99
N GLY A 92 -33.98 -32.55 -8.94
CA GLY A 92 -32.64 -31.99 -9.13
C GLY A 92 -32.68 -30.70 -9.91
N GLY A 1 -2.46 -21.86 4.25
CA GLY A 1 -1.55 -20.84 3.80
C GLY A 1 -0.10 -21.20 4.04
N SER A 2 0.29 -21.28 5.32
CA SER A 2 1.66 -21.63 5.69
C SER A 2 2.65 -20.72 4.97
N SER A 3 2.25 -19.47 4.73
CA SER A 3 3.10 -18.51 4.05
C SER A 3 4.30 -18.15 4.92
N GLY A 4 5.19 -17.32 4.36
CA GLY A 4 6.37 -16.91 5.10
C GLY A 4 7.52 -16.52 4.18
N SER A 5 7.79 -15.22 4.11
CA SER A 5 8.86 -14.71 3.26
C SER A 5 9.83 -13.84 4.06
N SER A 6 10.97 -14.43 4.43
CA SER A 6 11.98 -13.71 5.20
C SER A 6 12.82 -12.81 4.29
N GLY A 7 13.74 -12.08 4.91
CA GLY A 7 14.60 -11.19 4.14
C GLY A 7 15.45 -10.30 5.04
N HIS A 8 16.66 -9.99 4.58
CA HIS A 8 17.58 -9.16 5.34
C HIS A 8 18.19 -8.07 4.45
N SER A 9 18.49 -6.93 5.04
CA SER A 9 19.07 -5.82 4.30
C SER A 9 19.55 -4.71 5.26
N SER A 10 20.09 -3.64 4.69
CA SER A 10 20.58 -2.53 5.49
C SER A 10 19.57 -1.39 5.51
N ALA A 11 19.93 -0.28 6.16
CA ALA A 11 19.06 0.87 6.25
C ALA A 11 19.22 1.78 5.04
N GLN A 12 18.09 2.19 4.46
CA GLN A 12 18.11 3.06 3.29
C GLN A 12 16.71 3.59 2.99
N PHE A 13 16.60 4.40 1.94
CA PHE A 13 15.33 4.98 1.55
C PHE A 13 15.40 5.57 0.15
N ILE A 14 14.49 5.12 -0.72
CA ILE A 14 14.45 5.60 -2.09
C ILE A 14 13.29 6.56 -2.31
N ASP A 15 13.56 7.66 -2.98
CA ASP A 15 12.54 8.66 -3.26
C ASP A 15 11.89 8.42 -4.62
N SER A 16 11.46 7.18 -4.84
CA SER A 16 10.83 6.81 -6.11
C SER A 16 9.69 5.81 -5.88
N TYR A 17 9.06 5.38 -6.95
CA TYR A 17 7.95 4.44 -6.87
C TYR A 17 8.30 3.14 -7.60
N ILE A 18 8.44 2.06 -6.83
CA ILE A 18 8.76 0.75 -7.40
C ILE A 18 7.64 -0.25 -7.17
N CYS A 19 7.21 -0.91 -8.25
CA CYS A 19 6.15 -1.89 -8.16
C CYS A 19 6.43 -2.92 -7.07
N GLN A 20 5.37 -3.52 -6.54
CA GLN A 20 5.51 -4.53 -5.49
C GLN A 20 5.20 -5.91 -6.02
N VAL A 21 5.31 -6.08 -7.33
CA VAL A 21 5.05 -7.37 -7.97
C VAL A 21 6.17 -7.75 -8.92
N CYS A 22 6.65 -6.78 -9.70
CA CYS A 22 7.72 -7.01 -10.65
C CYS A 22 8.97 -6.22 -10.27
N SER A 23 8.78 -5.22 -9.41
CA SER A 23 9.90 -4.38 -8.97
C SER A 23 10.48 -3.61 -10.14
N ARG A 24 9.68 -2.73 -10.73
CA ARG A 24 10.11 -1.91 -11.86
C ARG A 24 9.94 -0.43 -11.56
N GLY A 25 10.31 0.41 -12.52
CA GLY A 25 10.19 1.84 -12.35
C GLY A 25 9.71 2.54 -13.61
N ASP A 26 10.22 2.11 -14.75
CA ASP A 26 9.85 2.70 -16.03
C ASP A 26 8.35 2.58 -16.27
N GLU A 27 7.72 1.62 -15.60
CA GLU A 27 6.30 1.40 -15.74
C GLU A 27 5.51 2.33 -14.83
N ASP A 28 6.23 3.17 -14.08
CA ASP A 28 5.60 4.11 -13.17
C ASP A 28 4.50 4.91 -13.88
N ASP A 29 4.65 5.08 -15.18
CA ASP A 29 3.69 5.82 -15.98
C ASP A 29 2.28 5.29 -15.75
N LYS A 30 2.18 4.01 -15.41
CA LYS A 30 0.89 3.38 -15.15
C LYS A 30 0.86 2.75 -13.76
N LEU A 31 1.56 3.36 -12.82
CA LEU A 31 1.61 2.86 -11.46
C LEU A 31 0.47 3.41 -10.62
N LEU A 32 -0.11 2.57 -9.77
CA LEU A 32 -1.21 2.98 -8.92
C LEU A 32 -0.73 3.27 -7.50
N PHE A 33 -1.46 4.13 -6.80
CA PHE A 33 -1.10 4.49 -5.43
C PHE A 33 -2.20 4.06 -4.46
N CYS A 34 -1.81 3.36 -3.40
CA CYS A 34 -2.76 2.88 -2.39
C CYS A 34 -3.05 3.98 -1.37
N ASP A 35 -4.32 4.10 -0.98
CA ASP A 35 -4.72 5.10 0.00
C ASP A 35 -4.67 4.53 1.41
N GLY A 36 -3.58 3.84 1.73
CA GLY A 36 -3.42 3.25 3.04
C GLY A 36 -1.98 2.97 3.39
N CYS A 37 -1.22 2.51 2.41
CA CYS A 37 0.19 2.20 2.61
C CYS A 37 1.07 2.94 1.61
N ASP A 38 0.42 3.69 0.71
CA ASP A 38 1.14 4.45 -0.31
C ASP A 38 2.14 3.56 -1.06
N ASP A 39 1.63 2.47 -1.63
CA ASP A 39 2.47 1.54 -2.38
C ASP A 39 2.34 1.78 -3.88
N ASN A 40 3.06 0.98 -4.66
CA ASN A 40 3.03 1.09 -6.12
C ASN A 40 2.64 -0.25 -6.76
N TYR A 41 1.57 -0.23 -7.54
CA TYR A 41 1.10 -1.44 -8.21
C TYR A 41 0.65 -1.13 -9.63
N HIS A 42 1.08 -1.96 -10.57
CA HIS A 42 0.73 -1.78 -11.98
C HIS A 42 -0.67 -2.30 -12.26
N ILE A 43 -1.14 -2.13 -13.49
CA ILE A 43 -2.46 -2.58 -13.88
C ILE A 43 -2.41 -3.98 -14.47
N PHE A 44 -1.20 -4.46 -14.75
CA PHE A 44 -1.00 -5.78 -15.32
C PHE A 44 -0.21 -6.68 -14.38
N CYS A 45 -0.14 -6.28 -13.11
CA CYS A 45 0.59 -7.04 -12.11
C CYS A 45 -0.36 -7.61 -11.06
N LEU A 46 -1.51 -6.98 -10.91
CA LEU A 46 -2.51 -7.42 -9.94
C LEU A 46 -3.17 -8.72 -10.40
N LEU A 47 -4.25 -9.11 -9.71
CA LEU A 47 -4.96 -10.33 -10.05
C LEU A 47 -6.28 -10.41 -9.28
N PRO A 48 -7.40 -10.16 -9.98
CA PRO A 48 -7.37 -9.83 -11.41
C PRO A 48 -6.79 -8.45 -11.67
N PRO A 49 -6.13 -8.30 -12.83
CA PRO A 49 -5.50 -7.03 -13.23
C PRO A 49 -6.53 -5.96 -13.57
N LEU A 50 -6.05 -4.76 -13.86
CA LEU A 50 -6.93 -3.65 -14.21
C LEU A 50 -6.68 -3.16 -15.63
N PRO A 51 -7.67 -2.48 -16.22
CA PRO A 51 -7.58 -1.96 -17.58
C PRO A 51 -6.60 -0.79 -17.68
N GLU A 52 -6.64 0.09 -16.68
CA GLU A 52 -5.75 1.25 -16.67
C GLU A 52 -5.87 2.00 -15.34
N ILE A 53 -5.08 3.06 -15.19
CA ILE A 53 -5.10 3.86 -13.98
C ILE A 53 -6.51 4.28 -13.60
N PRO A 54 -6.88 4.07 -12.33
CA PRO A 54 -8.21 4.42 -11.82
C PRO A 54 -8.42 5.93 -11.74
N ARG A 55 -9.66 6.34 -11.46
CA ARG A 55 -9.98 7.75 -11.36
C ARG A 55 -9.94 8.22 -9.90
N GLY A 56 -10.94 7.82 -9.12
CA GLY A 56 -10.99 8.20 -7.72
C GLY A 56 -9.87 7.57 -6.91
N ILE A 57 -10.18 7.23 -5.67
CA ILE A 57 -9.20 6.61 -4.78
C ILE A 57 -9.08 5.12 -5.03
N TRP A 58 -7.86 4.64 -5.18
CA TRP A 58 -7.62 3.21 -5.42
C TRP A 58 -6.81 2.60 -4.29
N ARG A 59 -7.16 1.38 -3.91
CA ARG A 59 -6.46 0.67 -2.83
C ARG A 59 -5.83 -0.61 -3.35
N CYS A 60 -4.85 -1.12 -2.61
CA CYS A 60 -4.16 -2.35 -2.99
C CYS A 60 -4.78 -3.55 -2.29
N PRO A 61 -4.55 -4.75 -2.86
CA PRO A 61 -5.08 -6.00 -2.31
C PRO A 61 -4.39 -6.39 -1.00
N LYS A 62 -3.17 -5.91 -0.81
CA LYS A 62 -2.40 -6.20 0.40
C LYS A 62 -3.01 -5.49 1.61
N CYS A 63 -3.81 -4.46 1.34
CA CYS A 63 -4.45 -3.70 2.41
C CYS A 63 -5.92 -4.10 2.56
N ILE A 64 -6.60 -4.27 1.43
CA ILE A 64 -8.00 -4.65 1.44
C ILE A 64 -8.19 -6.05 1.98
N LEU A 65 -7.35 -6.98 1.53
CA LEU A 65 -7.42 -8.36 1.98
C LEU A 65 -7.07 -8.48 3.46
N ALA A 66 -6.43 -7.43 3.99
CA ALA A 66 -6.03 -7.42 5.39
C ALA A 66 -7.10 -6.75 6.25
N GLU A 67 -7.56 -5.58 5.82
CA GLU A 67 -8.59 -4.84 6.55
C GLU A 67 -9.93 -5.56 6.48
N CYS A 68 -10.14 -6.30 5.40
CA CYS A 68 -11.40 -7.04 5.22
C CYS A 68 -11.65 -7.97 6.39
N LYS A 69 -10.79 -8.97 6.55
CA LYS A 69 -10.92 -9.94 7.63
C LYS A 69 -10.43 -9.34 8.95
N GLN A 70 -11.27 -8.54 9.58
CA GLN A 70 -10.92 -7.91 10.85
C GLN A 70 -12.13 -7.81 11.76
N PRO A 71 -11.88 -7.68 13.07
CA PRO A 71 -12.95 -7.58 14.08
C PRO A 71 -13.70 -6.25 13.98
N PRO A 72 -14.86 -6.19 14.64
CA PRO A 72 -15.71 -5.00 14.65
C PRO A 72 -15.10 -3.85 15.46
N GLU A 73 -14.20 -3.11 14.82
CA GLU A 73 -13.54 -1.98 15.48
C GLU A 73 -12.66 -1.22 14.49
N ALA A 74 -13.12 -1.13 13.24
CA ALA A 74 -12.37 -0.43 12.20
C ALA A 74 -13.31 0.29 11.24
N PHE A 75 -14.02 1.30 11.76
CA PHE A 75 -14.96 2.06 10.96
C PHE A 75 -15.01 3.52 11.42
N GLY A 76 -14.74 4.44 10.51
CA GLY A 76 -14.76 5.85 10.84
C GLY A 76 -13.37 6.45 10.91
N PHE A 77 -13.12 7.49 10.13
CA PHE A 77 -11.82 8.14 10.12
C PHE A 77 -11.79 9.30 11.10
N GLU A 78 -12.93 9.96 11.28
CA GLU A 78 -13.03 11.09 12.19
C GLU A 78 -12.07 12.21 11.79
N GLN A 79 -12.49 13.01 10.82
CA GLN A 79 -11.68 14.11 10.33
C GLN A 79 -12.49 15.07 9.47
N ALA A 80 -13.11 14.52 8.42
CA ALA A 80 -13.92 15.32 7.52
C ALA A 80 -13.10 16.43 6.87
N THR A 81 -13.75 17.23 6.02
CA THR A 81 -13.07 18.32 5.33
C THR A 81 -11.91 17.81 4.49
N GLN A 82 -12.16 17.62 3.21
CA GLN A 82 -11.14 17.14 2.29
C GLN A 82 -11.37 17.67 0.88
N GLU A 83 -10.40 18.43 0.38
CA GLU A 83 -10.50 19.01 -0.96
C GLU A 83 -10.10 17.99 -2.02
N TYR A 84 -10.97 17.81 -3.02
CA TYR A 84 -10.71 16.86 -4.09
C TYR A 84 -10.95 17.51 -5.46
N SER A 85 -9.85 17.83 -6.14
CA SER A 85 -9.94 18.46 -7.45
C SER A 85 -10.29 17.44 -8.53
N LEU A 86 -11.21 17.80 -9.40
CA LEU A 86 -11.63 16.91 -10.49
C LEU A 86 -10.58 16.83 -11.58
N SER A 87 -10.29 15.61 -12.03
CA SER A 87 -9.29 15.39 -13.07
C SER A 87 -9.96 15.07 -14.40
N GLY A 88 -9.50 15.70 -15.47
CA GLY A 88 -10.06 15.46 -16.79
C GLY A 88 -9.00 15.16 -17.83
N PRO A 89 -9.39 15.22 -19.10
CA PRO A 89 -8.47 14.96 -20.23
C PRO A 89 -7.43 16.06 -20.39
N SER A 90 -6.16 15.68 -20.30
CA SER A 90 -5.06 16.63 -20.45
C SER A 90 -3.86 15.99 -21.10
N SER A 91 -3.31 14.97 -20.46
CA SER A 91 -2.14 14.26 -20.98
C SER A 91 -2.42 12.77 -21.09
N GLY A 92 -2.00 12.18 -22.21
CA GLY A 92 -2.21 10.76 -22.42
C GLY A 92 -2.56 10.44 -23.87
N GLY A 1 28.21 21.97 30.15
CA GLY A 1 27.64 21.61 28.85
C GLY A 1 27.76 20.13 28.55
N SER A 2 27.42 19.76 27.32
CA SER A 2 27.49 18.36 26.90
C SER A 2 27.28 18.24 25.40
N SER A 3 28.38 18.05 24.67
CA SER A 3 28.31 17.92 23.22
C SER A 3 28.29 16.44 22.80
N GLY A 4 28.03 16.20 21.52
CA GLY A 4 27.98 14.85 21.02
C GLY A 4 27.80 14.78 19.52
N SER A 5 26.67 15.28 19.04
CA SER A 5 26.38 15.28 17.61
C SER A 5 25.75 16.60 17.18
N SER A 6 26.35 17.24 16.18
CA SER A 6 25.85 18.51 15.67
C SER A 6 26.58 18.92 14.39
N GLY A 7 25.82 19.22 13.35
CA GLY A 7 26.41 19.62 12.09
C GLY A 7 25.56 19.22 10.90
N HIS A 8 26.17 18.54 9.94
CA HIS A 8 25.47 18.08 8.75
C HIS A 8 25.93 16.69 8.33
N SER A 9 24.97 15.85 7.95
CA SER A 9 25.27 14.49 7.54
C SER A 9 24.67 14.18 6.18
N SER A 10 25.46 14.35 5.12
CA SER A 10 25.00 14.10 3.76
C SER A 10 24.48 12.66 3.63
N ALA A 11 23.25 12.54 3.12
CA ALA A 11 22.63 11.23 2.94
C ALA A 11 21.86 11.17 1.63
N GLN A 12 21.18 10.05 1.40
CA GLN A 12 20.40 9.87 0.19
C GLN A 12 18.90 9.88 0.50
N PHE A 13 18.16 10.78 -0.16
CA PHE A 13 16.73 10.89 0.04
C PHE A 13 15.96 10.07 -1.01
N ILE A 14 15.54 8.88 -0.62
CA ILE A 14 14.80 8.00 -1.52
C ILE A 14 13.42 8.58 -1.84
N ASP A 15 13.20 8.87 -3.12
CA ASP A 15 11.92 9.42 -3.56
C ASP A 15 11.54 8.88 -4.92
N SER A 16 11.09 7.62 -4.95
CA SER A 16 10.69 6.98 -6.20
C SER A 16 9.55 6.00 -5.96
N TYR A 17 9.01 5.45 -7.05
CA TYR A 17 7.90 4.50 -6.96
C TYR A 17 8.25 3.20 -7.68
N ILE A 18 8.41 2.13 -6.91
CA ILE A 18 8.74 0.83 -7.47
C ILE A 18 7.60 -0.16 -7.25
N CYS A 19 7.24 -0.88 -8.31
CA CYS A 19 6.17 -1.86 -8.24
C CYS A 19 6.45 -2.89 -7.14
N GLN A 20 5.39 -3.49 -6.61
CA GLN A 20 5.52 -4.49 -5.56
C GLN A 20 5.22 -5.88 -6.09
N VAL A 21 5.37 -6.05 -7.40
CA VAL A 21 5.12 -7.33 -8.05
C VAL A 21 6.24 -7.71 -9.00
N CYS A 22 6.70 -6.73 -9.77
CA CYS A 22 7.78 -6.95 -10.72
C CYS A 22 9.02 -6.14 -10.35
N SER A 23 8.83 -5.15 -9.48
CA SER A 23 9.94 -4.31 -9.03
C SER A 23 10.51 -3.52 -10.19
N ARG A 24 9.70 -2.65 -10.78
CA ARG A 24 10.12 -1.82 -11.91
C ARG A 24 9.90 -0.35 -11.62
N GLY A 25 10.35 0.51 -12.53
CA GLY A 25 10.19 1.94 -12.35
C GLY A 25 9.74 2.63 -13.62
N ASP A 26 10.26 2.18 -14.76
CA ASP A 26 9.89 2.76 -16.05
C ASP A 26 8.38 2.65 -16.29
N GLU A 27 7.75 1.70 -15.61
CA GLU A 27 6.32 1.49 -15.76
C GLU A 27 5.54 2.42 -14.84
N ASP A 28 6.25 3.24 -14.08
CA ASP A 28 5.62 4.17 -13.16
C ASP A 28 4.55 4.99 -13.87
N ASP A 29 4.72 5.18 -15.17
CA ASP A 29 3.77 5.95 -15.96
C ASP A 29 2.34 5.44 -15.74
N LYS A 30 2.22 4.15 -15.43
CA LYS A 30 0.92 3.54 -15.19
C LYS A 30 0.88 2.88 -13.82
N LEU A 31 1.58 3.45 -12.87
CA LEU A 31 1.63 2.92 -11.50
C LEU A 31 0.47 3.46 -10.67
N LEU A 32 -0.07 2.62 -9.80
CA LEU A 32 -1.18 3.00 -8.94
C LEU A 32 -0.71 3.26 -7.51
N PHE A 33 -1.40 4.16 -6.81
CA PHE A 33 -1.05 4.50 -5.44
C PHE A 33 -2.16 4.08 -4.48
N CYS A 34 -1.79 3.38 -3.42
CA CYS A 34 -2.75 2.92 -2.43
C CYS A 34 -3.02 4.00 -1.39
N ASP A 35 -4.27 4.13 -0.99
CA ASP A 35 -4.66 5.13 0.00
C ASP A 35 -4.60 4.54 1.41
N GLY A 36 -3.52 3.84 1.71
CA GLY A 36 -3.35 3.24 3.02
C GLY A 36 -1.91 2.96 3.37
N CYS A 37 -1.17 2.44 2.40
CA CYS A 37 0.24 2.11 2.59
C CYS A 37 1.13 2.92 1.65
N ASP A 38 0.51 3.54 0.64
CA ASP A 38 1.23 4.34 -0.32
C ASP A 38 2.22 3.49 -1.12
N ASP A 39 1.73 2.36 -1.62
CA ASP A 39 2.56 1.45 -2.40
C ASP A 39 2.40 1.71 -3.90
N ASN A 40 3.12 0.93 -4.70
CA ASN A 40 3.05 1.07 -6.16
C ASN A 40 2.69 -0.25 -6.82
N TYR A 41 1.60 -0.24 -7.58
CA TYR A 41 1.13 -1.44 -8.27
C TYR A 41 0.70 -1.11 -9.70
N HIS A 42 1.11 -1.95 -10.64
CA HIS A 42 0.76 -1.75 -12.05
C HIS A 42 -0.65 -2.27 -12.34
N ILE A 43 -1.14 -2.00 -13.54
CA ILE A 43 -2.46 -2.45 -13.94
C ILE A 43 -2.41 -3.82 -14.61
N PHE A 44 -1.20 -4.37 -14.73
CA PHE A 44 -1.01 -5.67 -15.36
C PHE A 44 -0.20 -6.59 -14.45
N CYS A 45 -0.10 -6.22 -13.18
CA CYS A 45 0.65 -7.01 -12.21
C CYS A 45 -0.30 -7.62 -11.17
N LEU A 46 -1.44 -6.98 -10.97
CA LEU A 46 -2.43 -7.46 -10.00
C LEU A 46 -3.10 -8.74 -10.50
N LEU A 47 -4.16 -9.14 -9.82
CA LEU A 47 -4.89 -10.35 -10.18
C LEU A 47 -6.20 -10.45 -9.40
N PRO A 48 -7.32 -10.18 -10.08
CA PRO A 48 -7.31 -9.80 -11.50
C PRO A 48 -6.72 -8.41 -11.73
N PRO A 49 -6.07 -8.24 -12.89
CA PRO A 49 -5.45 -6.96 -13.25
C PRO A 49 -6.48 -5.87 -13.56
N LEU A 50 -6.00 -4.69 -13.91
CA LEU A 50 -6.88 -3.56 -14.22
C LEU A 50 -6.65 -3.07 -15.64
N PRO A 51 -7.66 -2.39 -16.20
CA PRO A 51 -7.59 -1.84 -17.55
C PRO A 51 -6.61 -0.67 -17.66
N GLU A 52 -6.68 0.24 -16.69
CA GLU A 52 -5.81 1.40 -16.68
C GLU A 52 -5.91 2.14 -15.33
N ILE A 53 -5.10 3.18 -15.18
CA ILE A 53 -5.10 3.96 -13.95
C ILE A 53 -6.51 4.41 -13.58
N PRO A 54 -6.88 4.19 -12.31
CA PRO A 54 -8.20 4.57 -11.80
C PRO A 54 -8.38 6.08 -11.71
N ARG A 55 -9.61 6.51 -11.42
CA ARG A 55 -9.92 7.93 -11.31
C ARG A 55 -9.87 8.38 -9.85
N GLY A 56 -10.87 7.97 -9.07
CA GLY A 56 -10.93 8.34 -7.67
C GLY A 56 -9.82 7.70 -6.86
N ILE A 57 -10.14 7.31 -5.63
CA ILE A 57 -9.15 6.69 -4.75
C ILE A 57 -9.06 5.18 -5.01
N TRP A 58 -7.84 4.70 -5.16
CA TRP A 58 -7.61 3.27 -5.41
C TRP A 58 -6.80 2.65 -4.28
N ARG A 59 -7.16 1.42 -3.91
CA ARG A 59 -6.46 0.71 -2.84
C ARG A 59 -5.85 -0.59 -3.37
N CYS A 60 -4.87 -1.11 -2.63
CA CYS A 60 -4.20 -2.35 -3.02
C CYS A 60 -4.82 -3.55 -2.30
N PRO A 61 -4.61 -4.75 -2.86
CA PRO A 61 -5.14 -5.99 -2.29
C PRO A 61 -4.43 -6.38 -1.00
N LYS A 62 -3.20 -5.89 -0.83
CA LYS A 62 -2.43 -6.17 0.37
C LYS A 62 -3.01 -5.46 1.58
N CYS A 63 -3.80 -4.43 1.33
CA CYS A 63 -4.43 -3.66 2.40
C CYS A 63 -5.89 -4.06 2.57
N ILE A 64 -6.58 -4.23 1.45
CA ILE A 64 -7.99 -4.60 1.48
C ILE A 64 -8.18 -6.01 2.04
N LEU A 65 -7.35 -6.94 1.58
CA LEU A 65 -7.43 -8.32 2.03
C LEU A 65 -7.06 -8.43 3.51
N ALA A 66 -6.41 -7.39 4.03
CA ALA A 66 -6.01 -7.36 5.42
C ALA A 66 -7.08 -6.73 6.30
N GLU A 67 -7.64 -5.61 5.83
CA GLU A 67 -8.68 -4.91 6.56
C GLU A 67 -10.00 -5.67 6.50
N CYS A 68 -10.20 -6.42 5.43
CA CYS A 68 -11.41 -7.20 5.25
C CYS A 68 -11.70 -8.07 6.47
N LYS A 69 -10.64 -8.56 7.09
CA LYS A 69 -10.77 -9.40 8.28
C LYS A 69 -11.16 -8.56 9.50
N GLN A 70 -12.36 -8.79 10.01
CA GLN A 70 -12.86 -8.06 11.17
C GLN A 70 -12.98 -6.57 10.87
N PRO A 71 -13.75 -5.85 11.70
CA PRO A 71 -13.96 -4.41 11.54
C PRO A 71 -12.71 -3.60 11.86
N PRO A 72 -12.67 -2.36 11.39
CA PRO A 72 -11.55 -1.45 11.61
C PRO A 72 -11.43 -1.01 13.06
N GLU A 73 -10.87 -1.88 13.90
CA GLU A 73 -10.70 -1.57 15.32
C GLU A 73 -9.86 -2.65 16.00
N ALA A 74 -8.87 -3.16 15.28
CA ALA A 74 -7.99 -4.19 15.82
C ALA A 74 -6.60 -4.11 15.19
N PHE A 75 -5.66 -3.51 15.92
CA PHE A 75 -4.30 -3.37 15.43
C PHE A 75 -3.40 -4.45 16.01
N GLY A 76 -3.66 -4.84 17.25
CA GLY A 76 -2.86 -5.86 17.90
C GLY A 76 -2.50 -5.51 19.33
N PHE A 77 -3.50 -5.46 20.20
CA PHE A 77 -3.29 -5.12 21.60
C PHE A 77 -2.74 -3.71 21.74
N GLU A 78 -2.78 -3.19 22.97
CA GLU A 78 -2.29 -1.85 23.25
C GLU A 78 -1.42 -1.83 24.50
N GLN A 79 -0.12 -1.65 24.31
CA GLN A 79 0.81 -1.61 25.43
C GLN A 79 1.77 -0.42 25.30
N ALA A 80 2.11 0.18 26.44
CA ALA A 80 3.01 1.33 26.46
C ALA A 80 2.47 2.45 25.58
N THR A 81 3.26 3.51 25.45
CA THR A 81 2.87 4.67 24.65
C THR A 81 4.09 5.44 24.16
N GLN A 82 4.97 5.80 25.08
CA GLN A 82 6.18 6.54 24.74
C GLN A 82 5.83 7.89 24.12
N GLU A 83 6.83 8.75 24.00
CA GLU A 83 6.64 10.08 23.44
C GLU A 83 7.12 10.13 21.99
N TYR A 84 6.18 10.25 21.06
CA TYR A 84 6.52 10.31 19.64
C TYR A 84 6.93 11.72 19.24
N SER A 85 8.15 12.10 19.61
CA SER A 85 8.66 13.43 19.29
C SER A 85 10.19 13.41 19.22
N LEU A 86 10.72 12.62 18.30
CA LEU A 86 12.16 12.52 18.13
C LEU A 86 12.83 12.00 19.40
N SER A 87 13.13 10.70 19.41
CA SER A 87 13.76 10.06 20.56
C SER A 87 14.11 8.62 20.27
N GLY A 88 13.19 7.91 19.60
CA GLY A 88 13.43 6.52 19.26
C GLY A 88 14.68 6.34 18.42
N PRO A 89 14.69 6.93 17.21
CA PRO A 89 15.82 6.83 16.29
C PRO A 89 17.04 7.60 16.79
N SER A 90 16.82 8.50 17.73
CA SER A 90 17.89 9.30 18.29
C SER A 90 18.52 10.19 17.22
N SER A 91 18.14 11.47 17.21
CA SER A 91 18.66 12.42 16.22
C SER A 91 18.37 11.94 14.81
N GLY A 92 17.16 11.44 14.58
CA GLY A 92 16.78 10.95 13.27
C GLY A 92 16.13 12.02 12.42
N GLY A 1 33.98 -6.08 25.11
CA GLY A 1 33.48 -6.53 23.82
C GLY A 1 32.38 -7.56 23.95
N SER A 2 31.18 -7.19 23.53
CA SER A 2 30.03 -8.10 23.60
C SER A 2 29.02 -7.79 22.51
N SER A 3 28.29 -6.69 22.68
CA SER A 3 27.28 -6.29 21.71
C SER A 3 27.62 -4.93 21.11
N GLY A 4 27.73 -4.89 19.78
CA GLY A 4 28.05 -3.64 19.11
C GLY A 4 28.40 -3.85 17.64
N SER A 5 28.25 -2.79 16.85
CA SER A 5 28.55 -2.87 15.43
C SER A 5 29.38 -1.67 14.98
N SER A 6 29.64 -1.59 13.68
CA SER A 6 30.43 -0.49 13.13
C SER A 6 29.59 0.34 12.15
N GLY A 7 28.97 1.40 12.68
CA GLY A 7 28.15 2.26 11.84
C GLY A 7 28.97 3.19 10.99
N HIS A 8 28.81 3.09 9.67
CA HIS A 8 29.56 3.94 8.75
C HIS A 8 28.85 5.28 8.55
N SER A 9 29.53 6.21 7.90
CA SER A 9 28.97 7.54 7.66
C SER A 9 28.42 7.64 6.24
N SER A 10 27.64 6.64 5.84
CA SER A 10 27.05 6.62 4.51
C SER A 10 25.53 6.62 4.58
N ALA A 11 24.94 7.79 4.38
CA ALA A 11 23.48 7.94 4.42
C ALA A 11 22.90 8.06 3.01
N GLN A 12 21.72 7.47 2.82
CA GLN A 12 21.06 7.52 1.53
C GLN A 12 19.54 7.52 1.69
N PHE A 13 18.85 8.19 0.76
CA PHE A 13 17.39 8.26 0.81
C PHE A 13 16.82 8.34 -0.60
N ILE A 14 15.99 7.35 -0.94
CA ILE A 14 15.37 7.31 -2.27
C ILE A 14 13.89 7.69 -2.19
N ASP A 15 13.38 8.27 -3.27
CA ASP A 15 11.99 8.67 -3.33
C ASP A 15 11.35 8.29 -4.66
N SER A 16 11.49 7.02 -5.03
CA SER A 16 10.95 6.53 -6.29
C SER A 16 9.79 5.56 -6.04
N TYR A 17 9.13 5.15 -7.12
CA TYR A 17 8.01 4.22 -7.02
C TYR A 17 8.31 2.91 -7.74
N ILE A 18 8.43 1.84 -6.98
CA ILE A 18 8.71 0.52 -7.55
C ILE A 18 7.57 -0.44 -7.30
N CYS A 19 7.10 -1.10 -8.36
CA CYS A 19 6.01 -2.06 -8.25
C CYS A 19 6.29 -3.08 -7.16
N GLN A 20 5.23 -3.65 -6.61
CA GLN A 20 5.36 -4.65 -5.55
C GLN A 20 5.00 -6.05 -6.08
N VAL A 21 5.09 -6.22 -7.39
CA VAL A 21 4.77 -7.50 -8.01
C VAL A 21 5.87 -7.92 -8.99
N CYS A 22 6.36 -6.96 -9.77
CA CYS A 22 7.41 -7.22 -10.74
C CYS A 22 8.69 -6.47 -10.39
N SER A 23 8.55 -5.46 -9.53
CA SER A 23 9.69 -4.66 -9.11
C SER A 23 10.28 -3.89 -10.29
N ARG A 24 9.48 -3.00 -10.87
CA ARG A 24 9.92 -2.21 -12.02
C ARG A 24 9.79 -0.71 -11.72
N GLY A 25 10.16 0.11 -12.70
CA GLY A 25 10.08 1.55 -12.53
C GLY A 25 9.60 2.26 -13.78
N ASP A 26 10.09 1.81 -14.93
CA ASP A 26 9.72 2.40 -16.20
C ASP A 26 8.21 2.32 -16.42
N GLU A 27 7.57 1.37 -15.73
CA GLU A 27 6.14 1.19 -15.85
C GLU A 27 5.38 2.14 -14.94
N ASP A 28 6.12 2.96 -14.21
CA ASP A 28 5.53 3.93 -13.29
C ASP A 28 4.45 4.74 -13.99
N ASP A 29 4.59 4.90 -15.30
CA ASP A 29 3.61 5.65 -16.08
C ASP A 29 2.19 5.16 -15.82
N LYS A 30 2.07 3.89 -15.47
CA LYS A 30 0.77 3.30 -15.18
C LYS A 30 0.75 2.68 -13.78
N LEU A 31 1.50 3.27 -12.86
CA LEU A 31 1.56 2.79 -11.49
C LEU A 31 0.43 3.38 -10.65
N LEU A 32 -0.14 2.55 -9.77
CA LEU A 32 -1.22 3.00 -8.91
C LEU A 32 -0.72 3.28 -7.50
N PHE A 33 -1.44 4.13 -6.78
CA PHE A 33 -1.07 4.48 -5.41
C PHE A 33 -2.16 4.07 -4.43
N CYS A 34 -1.76 3.36 -3.38
CA CYS A 34 -2.70 2.90 -2.37
C CYS A 34 -2.96 4.00 -1.34
N ASP A 35 -4.22 4.13 -0.93
CA ASP A 35 -4.61 5.14 0.04
C ASP A 35 -4.54 4.58 1.46
N GLY A 36 -3.46 3.87 1.76
CA GLY A 36 -3.30 3.29 3.09
C GLY A 36 -1.85 2.99 3.42
N CYS A 37 -1.11 2.52 2.42
CA CYS A 37 0.30 2.19 2.61
C CYS A 37 1.17 2.92 1.59
N ASP A 38 0.53 3.66 0.71
CA ASP A 38 1.25 4.41 -0.32
C ASP A 38 2.23 3.51 -1.08
N ASP A 39 1.70 2.45 -1.66
CA ASP A 39 2.52 1.50 -2.41
C ASP A 39 2.37 1.73 -3.92
N ASN A 40 3.07 0.92 -4.71
CA ASN A 40 3.01 1.02 -6.15
C ASN A 40 2.60 -0.30 -6.78
N TYR A 41 1.50 -0.27 -7.54
CA TYR A 41 0.99 -1.46 -8.19
C TYR A 41 0.52 -1.16 -9.61
N HIS A 42 0.94 -1.99 -10.57
CA HIS A 42 0.55 -1.80 -11.96
C HIS A 42 -0.87 -2.30 -12.20
N ILE A 43 -1.32 -2.18 -13.45
CA ILE A 43 -2.66 -2.62 -13.81
C ILE A 43 -2.66 -4.04 -14.37
N PHE A 44 -1.47 -4.51 -14.76
CA PHE A 44 -1.33 -5.84 -15.31
C PHE A 44 -0.57 -6.75 -14.35
N CYS A 45 -0.43 -6.30 -13.10
CA CYS A 45 0.26 -7.07 -12.08
C CYS A 45 -0.71 -7.58 -11.02
N LEU A 46 -1.84 -6.90 -10.88
CA LEU A 46 -2.85 -7.28 -9.90
C LEU A 46 -3.53 -8.58 -10.31
N LEU A 47 -4.62 -8.91 -9.62
CA LEU A 47 -5.36 -10.13 -9.90
C LEU A 47 -6.68 -10.16 -9.13
N PRO A 48 -7.79 -9.92 -9.85
CA PRO A 48 -7.76 -9.64 -11.29
C PRO A 48 -7.15 -8.29 -11.60
N PRO A 49 -6.48 -8.19 -12.77
CA PRO A 49 -5.84 -6.96 -13.21
C PRO A 49 -6.86 -5.88 -13.60
N LEU A 50 -6.37 -4.66 -13.80
CA LEU A 50 -7.23 -3.55 -14.17
C LEU A 50 -6.93 -3.07 -15.59
N PRO A 51 -7.90 -2.37 -16.19
CA PRO A 51 -7.77 -1.85 -17.56
C PRO A 51 -6.76 -0.72 -17.65
N GLU A 52 -6.76 0.16 -16.65
CA GLU A 52 -5.84 1.29 -16.61
C GLU A 52 -5.94 2.03 -15.29
N ILE A 53 -5.16 3.10 -15.16
CA ILE A 53 -5.16 3.91 -13.94
C ILE A 53 -6.57 4.31 -13.55
N PRO A 54 -6.92 4.11 -12.28
CA PRO A 54 -8.25 4.46 -11.75
C PRO A 54 -8.46 5.96 -11.67
N ARG A 55 -9.69 6.37 -11.36
CA ARG A 55 -10.03 7.78 -11.26
C ARG A 55 -9.95 8.25 -9.80
N GLY A 56 -10.94 7.87 -9.01
CA GLY A 56 -10.96 8.26 -7.61
C GLY A 56 -9.85 7.62 -6.81
N ILE A 57 -10.12 7.30 -5.56
CA ILE A 57 -9.13 6.68 -4.69
C ILE A 57 -9.04 5.18 -4.94
N TRP A 58 -7.82 4.69 -5.11
CA TRP A 58 -7.59 3.27 -5.36
C TRP A 58 -6.76 2.65 -4.23
N ARG A 59 -7.13 1.44 -3.84
CA ARG A 59 -6.42 0.72 -2.78
C ARG A 59 -5.80 -0.57 -3.30
N CYS A 60 -4.81 -1.08 -2.57
CA CYS A 60 -4.14 -2.31 -2.97
C CYS A 60 -4.74 -3.51 -2.26
N PRO A 61 -4.54 -4.71 -2.84
CA PRO A 61 -5.05 -5.96 -2.29
C PRO A 61 -4.36 -6.36 -0.99
N LYS A 62 -3.14 -5.87 -0.80
CA LYS A 62 -2.37 -6.17 0.40
C LYS A 62 -2.96 -5.46 1.61
N CYS A 63 -3.77 -4.44 1.36
CA CYS A 63 -4.39 -3.68 2.44
C CYS A 63 -5.86 -4.06 2.59
N ILE A 64 -6.55 -4.24 1.46
CA ILE A 64 -7.95 -4.61 1.47
C ILE A 64 -8.15 -6.02 2.02
N LEU A 65 -7.31 -6.95 1.56
CA LEU A 65 -7.38 -8.33 2.00
C LEU A 65 -7.04 -8.45 3.48
N ALA A 66 -6.40 -7.41 4.02
CA ALA A 66 -6.02 -7.40 5.42
C ALA A 66 -7.08 -6.71 6.27
N GLU A 67 -7.63 -5.62 5.76
CA GLU A 67 -8.66 -4.88 6.48
C GLU A 67 -10.01 -5.58 6.39
N CYS A 68 -10.20 -6.37 5.34
CA CYS A 68 -11.44 -7.10 5.14
C CYS A 68 -11.80 -7.91 6.39
N LYS A 69 -10.80 -8.54 7.00
CA LYS A 69 -11.01 -9.34 8.19
C LYS A 69 -10.00 -8.97 9.27
N GLN A 70 -10.46 -8.88 10.52
CA GLN A 70 -9.60 -8.54 11.63
C GLN A 70 -10.00 -9.31 12.88
N PRO A 71 -9.04 -9.50 13.80
CA PRO A 71 -9.26 -10.23 15.05
C PRO A 71 -10.16 -9.46 16.01
N PRO A 72 -10.68 -10.17 17.03
CA PRO A 72 -11.55 -9.57 18.04
C PRO A 72 -10.81 -8.61 18.96
N GLU A 73 -10.61 -7.38 18.49
CA GLU A 73 -9.92 -6.38 19.28
C GLU A 73 -9.87 -5.04 18.53
N ALA A 74 -10.94 -4.74 17.80
CA ALA A 74 -11.03 -3.49 17.04
C ALA A 74 -12.48 -3.13 16.76
N PHE A 75 -12.87 -1.93 17.17
CA PHE A 75 -14.24 -1.46 16.96
C PHE A 75 -14.26 -0.25 16.04
N GLY A 76 -15.46 0.24 15.73
CA GLY A 76 -15.59 1.39 14.86
C GLY A 76 -15.77 1.00 13.40
N PHE A 77 -16.73 1.63 12.74
CA PHE A 77 -17.01 1.33 11.34
C PHE A 77 -17.81 2.46 10.69
N GLU A 78 -17.57 2.71 9.41
CA GLU A 78 -18.27 3.75 8.68
C GLU A 78 -18.35 3.42 7.20
N GLN A 79 -19.43 3.87 6.56
CA GLN A 79 -19.63 3.62 5.14
C GLN A 79 -20.21 4.85 4.44
N ALA A 80 -19.57 5.29 3.37
CA ALA A 80 -20.03 6.45 2.62
C ALA A 80 -19.67 6.32 1.14
N THR A 81 -19.56 5.09 0.66
CA THR A 81 -19.23 4.82 -0.73
C THR A 81 -19.85 3.52 -1.21
N GLN A 82 -20.12 3.45 -2.51
CA GLN A 82 -20.73 2.26 -3.10
C GLN A 82 -20.91 2.43 -4.61
N GLU A 83 -21.21 3.65 -5.02
CA GLU A 83 -21.41 3.94 -6.44
C GLU A 83 -22.58 3.14 -7.00
N TYR A 84 -22.94 3.43 -8.24
CA TYR A 84 -24.05 2.73 -8.90
C TYR A 84 -23.60 1.38 -9.45
N SER A 85 -22.43 1.38 -10.09
CA SER A 85 -21.89 0.15 -10.66
C SER A 85 -22.87 -0.47 -11.65
N LEU A 86 -23.40 0.36 -12.54
CA LEU A 86 -24.36 -0.10 -13.55
C LEU A 86 -23.69 -0.25 -14.91
N SER A 87 -24.01 -1.33 -15.61
CA SER A 87 -23.44 -1.58 -16.92
C SER A 87 -24.39 -1.14 -18.03
N GLY A 88 -25.69 -1.20 -17.73
CA GLY A 88 -26.69 -0.80 -18.71
C GLY A 88 -26.57 -1.58 -20.00
N PRO A 89 -26.80 -2.89 -19.93
CA PRO A 89 -26.73 -3.77 -21.10
C PRO A 89 -27.87 -3.52 -22.09
N SER A 90 -29.08 -3.38 -21.57
CA SER A 90 -30.25 -3.14 -22.40
C SER A 90 -30.43 -4.26 -23.43
N SER A 91 -30.03 -5.47 -23.05
CA SER A 91 -30.14 -6.62 -23.94
C SER A 91 -31.59 -7.05 -24.09
N GLY A 92 -32.10 -7.01 -25.32
CA GLY A 92 -33.46 -7.39 -25.59
C GLY A 92 -33.63 -8.04 -26.94
N GLY A 1 37.76 -7.70 25.99
CA GLY A 1 37.61 -7.18 24.64
C GLY A 1 37.93 -5.70 24.54
N SER A 2 37.37 -5.04 23.54
CA SER A 2 37.60 -3.62 23.34
C SER A 2 36.39 -2.95 22.68
N SER A 3 36.43 -1.63 22.60
CA SER A 3 35.33 -0.87 21.99
C SER A 3 35.82 0.50 21.53
N GLY A 4 35.48 0.86 20.30
CA GLY A 4 35.88 2.14 19.75
C GLY A 4 34.70 3.08 19.55
N SER A 5 34.86 4.02 18.63
CA SER A 5 33.81 4.99 18.35
C SER A 5 33.55 5.08 16.85
N SER A 6 32.27 5.04 16.46
CA SER A 6 31.89 5.11 15.06
C SER A 6 31.31 6.48 14.74
N GLY A 7 31.14 6.76 13.44
CA GLY A 7 30.59 8.03 13.01
C GLY A 7 29.44 7.87 12.05
N HIS A 8 28.41 8.70 12.22
CA HIS A 8 27.24 8.65 11.35
C HIS A 8 26.53 7.30 11.47
N SER A 9 25.53 7.09 10.62
CA SER A 9 24.77 5.84 10.64
C SER A 9 24.39 5.42 9.22
N SER A 10 23.72 6.32 8.51
CA SER A 10 23.28 6.05 7.15
C SER A 10 22.58 7.27 6.54
N ALA A 11 22.82 7.50 5.26
CA ALA A 11 22.21 8.63 4.57
C ALA A 11 21.60 8.19 3.24
N GLN A 12 20.40 7.62 3.30
CA GLN A 12 19.71 7.15 2.10
C GLN A 12 18.38 7.89 1.92
N PHE A 13 17.87 7.89 0.68
CA PHE A 13 16.62 8.55 0.38
C PHE A 13 15.96 7.93 -0.84
N ILE A 14 14.93 7.12 -0.60
CA ILE A 14 14.20 6.46 -1.70
C ILE A 14 13.02 7.29 -2.16
N ASP A 15 13.26 8.15 -3.14
CA ASP A 15 12.21 9.00 -3.69
C ASP A 15 11.74 8.50 -5.05
N SER A 16 11.33 7.24 -5.09
CA SER A 16 10.86 6.63 -6.34
C SER A 16 9.69 5.70 -6.07
N TYR A 17 9.20 5.07 -7.13
CA TYR A 17 8.07 4.15 -7.02
C TYR A 17 8.35 2.84 -7.75
N ILE A 18 8.47 1.76 -6.99
CA ILE A 18 8.74 0.45 -7.56
C ILE A 18 7.59 -0.51 -7.31
N CYS A 19 7.12 -1.15 -8.37
CA CYS A 19 6.02 -2.09 -8.27
C CYS A 19 6.28 -3.13 -7.19
N GLN A 20 5.21 -3.69 -6.63
CA GLN A 20 5.33 -4.70 -5.58
C GLN A 20 4.97 -6.09 -6.11
N VAL A 21 5.05 -6.26 -7.43
CA VAL A 21 4.73 -7.52 -8.06
C VAL A 21 5.82 -7.96 -9.03
N CYS A 22 6.31 -7.00 -9.81
CA CYS A 22 7.35 -7.27 -10.79
C CYS A 22 8.64 -6.52 -10.43
N SER A 23 8.51 -5.52 -9.57
CA SER A 23 9.66 -4.73 -9.15
C SER A 23 10.26 -3.97 -10.34
N ARG A 24 9.47 -3.07 -10.90
CA ARG A 24 9.91 -2.27 -12.05
C ARG A 24 9.80 -0.77 -11.74
N GLY A 25 10.18 0.05 -12.72
CA GLY A 25 10.12 1.49 -12.53
C GLY A 25 9.65 2.21 -13.78
N ASP A 26 10.13 1.78 -14.93
CA ASP A 26 9.76 2.39 -16.21
C ASP A 26 8.25 2.30 -16.43
N GLU A 27 7.62 1.35 -15.75
CA GLU A 27 6.17 1.17 -15.87
C GLU A 27 5.42 2.12 -14.95
N ASP A 28 6.17 2.94 -14.21
CA ASP A 28 5.58 3.90 -13.29
C ASP A 28 4.50 4.71 -13.99
N ASP A 29 4.63 4.87 -15.30
CA ASP A 29 3.67 5.64 -16.08
C ASP A 29 2.24 5.16 -15.81
N LYS A 30 2.11 3.88 -15.46
CA LYS A 30 0.80 3.30 -15.17
C LYS A 30 0.79 2.68 -13.78
N LEU A 31 1.53 3.28 -12.86
CA LEU A 31 1.60 2.79 -11.49
C LEU A 31 0.48 3.39 -10.64
N LEU A 32 -0.12 2.56 -9.80
CA LEU A 32 -1.21 3.01 -8.93
C LEU A 32 -0.69 3.28 -7.52
N PHE A 33 -1.41 4.14 -6.79
CA PHE A 33 -1.03 4.49 -5.43
C PHE A 33 -2.12 4.08 -4.45
N CYS A 34 -1.73 3.37 -3.40
CA CYS A 34 -2.68 2.92 -2.38
C CYS A 34 -2.93 4.02 -1.36
N ASP A 35 -4.19 4.16 -0.95
CA ASP A 35 -4.57 5.17 0.03
C ASP A 35 -4.50 4.61 1.44
N GLY A 36 -3.42 3.90 1.75
CA GLY A 36 -3.26 3.33 3.07
C GLY A 36 -1.81 3.02 3.39
N CYS A 37 -1.07 2.53 2.40
CA CYS A 37 0.34 2.20 2.59
C CYS A 37 1.21 2.93 1.57
N ASP A 38 0.57 3.67 0.68
CA ASP A 38 1.29 4.42 -0.35
C ASP A 38 2.25 3.51 -1.11
N ASP A 39 1.72 2.44 -1.69
CA ASP A 39 2.54 1.50 -2.44
C ASP A 39 2.38 1.71 -3.94
N ASN A 40 3.08 0.90 -4.72
CA ASN A 40 3.03 1.00 -6.18
C ASN A 40 2.59 -0.32 -6.80
N TYR A 41 1.51 -0.27 -7.56
CA TYR A 41 0.99 -1.47 -8.22
C TYR A 41 0.51 -1.16 -9.63
N HIS A 42 0.93 -1.99 -10.58
CA HIS A 42 0.54 -1.80 -11.98
C HIS A 42 -0.89 -2.28 -12.22
N ILE A 43 -1.35 -2.17 -13.46
CA ILE A 43 -2.70 -2.59 -13.82
C ILE A 43 -2.69 -4.01 -14.38
N PHE A 44 -1.52 -4.48 -14.77
CA PHE A 44 -1.38 -5.83 -15.31
C PHE A 44 -0.62 -6.74 -14.35
N CYS A 45 -0.49 -6.28 -13.11
CA CYS A 45 0.21 -7.06 -12.09
C CYS A 45 -0.75 -7.55 -11.01
N LEU A 46 -1.88 -6.86 -10.88
CA LEU A 46 -2.89 -7.23 -9.90
C LEU A 46 -3.59 -8.53 -10.29
N LEU A 47 -4.67 -8.85 -9.60
CA LEU A 47 -5.43 -10.06 -9.88
C LEU A 47 -6.74 -10.08 -9.11
N PRO A 48 -7.86 -9.84 -9.81
CA PRO A 48 -7.83 -9.58 -11.25
C PRO A 48 -7.21 -8.22 -11.58
N PRO A 49 -6.55 -8.14 -12.75
CA PRO A 49 -5.90 -6.91 -13.21
C PRO A 49 -6.90 -5.82 -13.58
N LEU A 50 -6.40 -4.62 -13.80
CA LEU A 50 -7.27 -3.49 -14.17
C LEU A 50 -6.96 -3.02 -15.60
N PRO A 51 -7.93 -2.32 -16.20
CA PRO A 51 -7.80 -1.80 -17.57
C PRO A 51 -6.77 -0.68 -17.66
N GLU A 52 -6.77 0.21 -16.65
CA GLU A 52 -5.84 1.32 -16.63
C GLU A 52 -5.94 2.07 -15.29
N ILE A 53 -5.15 3.13 -15.16
CA ILE A 53 -5.14 3.93 -13.94
C ILE A 53 -6.56 4.36 -13.56
N PRO A 54 -6.91 4.15 -12.28
CA PRO A 54 -8.23 4.51 -11.75
C PRO A 54 -8.43 6.02 -11.68
N ARG A 55 -9.66 6.42 -11.37
CA ARG A 55 -9.99 7.84 -11.25
C ARG A 55 -9.91 8.31 -9.80
N GLY A 56 -10.90 7.92 -9.00
CA GLY A 56 -10.92 8.32 -7.61
C GLY A 56 -9.80 7.68 -6.81
N ILE A 57 -10.09 7.34 -5.56
CA ILE A 57 -9.10 6.72 -4.69
C ILE A 57 -9.00 5.22 -4.94
N TRP A 58 -7.78 4.72 -5.11
CA TRP A 58 -7.55 3.31 -5.36
C TRP A 58 -6.74 2.68 -4.24
N ARG A 59 -7.11 1.47 -3.85
CA ARG A 59 -6.40 0.76 -2.78
C ARG A 59 -5.78 -0.53 -3.31
N CYS A 60 -4.79 -1.05 -2.58
CA CYS A 60 -4.13 -2.29 -2.97
C CYS A 60 -4.74 -3.49 -2.26
N PRO A 61 -4.54 -4.69 -2.84
CA PRO A 61 -5.06 -5.93 -2.28
C PRO A 61 -4.37 -6.33 -0.99
N LYS A 62 -3.14 -5.85 -0.81
CA LYS A 62 -2.37 -6.15 0.40
C LYS A 62 -2.96 -5.44 1.61
N CYS A 63 -3.76 -4.42 1.36
CA CYS A 63 -4.39 -3.65 2.44
C CYS A 63 -5.86 -4.04 2.60
N ILE A 64 -6.54 -4.20 1.47
CA ILE A 64 -7.95 -4.57 1.48
C ILE A 64 -8.14 -5.98 2.03
N LEU A 65 -7.31 -6.91 1.56
CA LEU A 65 -7.39 -8.29 2.01
C LEU A 65 -7.04 -8.41 3.49
N ALA A 66 -6.41 -7.38 4.03
CA ALA A 66 -6.03 -7.36 5.43
C ALA A 66 -7.12 -6.75 6.30
N GLU A 67 -7.66 -5.63 5.84
CA GLU A 67 -8.73 -4.94 6.58
C GLU A 67 -10.05 -5.70 6.45
N CYS A 68 -10.20 -6.44 5.36
CA CYS A 68 -11.42 -7.20 5.12
C CYS A 68 -11.74 -8.10 6.31
N LYS A 69 -10.84 -9.03 6.60
CA LYS A 69 -11.02 -9.95 7.71
C LYS A 69 -11.05 -9.20 9.05
N GLN A 70 -12.25 -9.04 9.60
CA GLN A 70 -12.42 -8.34 10.87
C GLN A 70 -13.42 -9.05 11.76
N PRO A 71 -13.30 -8.85 13.08
CA PRO A 71 -14.20 -9.47 14.06
C PRO A 71 -15.61 -8.89 14.00
N PRO A 72 -16.56 -9.57 14.67
CA PRO A 72 -17.96 -9.14 14.71
C PRO A 72 -18.15 -7.86 15.54
N GLU A 73 -17.86 -6.72 14.92
CA GLU A 73 -18.00 -5.44 15.60
C GLU A 73 -17.76 -4.28 14.63
N ALA A 74 -18.12 -4.50 13.37
CA ALA A 74 -17.94 -3.46 12.35
C ALA A 74 -19.11 -3.47 11.36
N PHE A 75 -20.27 -3.93 11.83
CA PHE A 75 -21.46 -3.99 10.99
C PHE A 75 -21.21 -4.86 9.76
N GLY A 76 -22.26 -5.04 8.94
CA GLY A 76 -22.13 -5.84 7.75
C GLY A 76 -22.84 -5.23 6.56
N PHE A 77 -22.12 -4.42 5.79
CA PHE A 77 -22.69 -3.76 4.62
C PHE A 77 -21.86 -4.06 3.37
N GLU A 78 -22.32 -3.57 2.23
CA GLU A 78 -21.62 -3.78 0.97
C GLU A 78 -21.95 -2.67 -0.02
N GLN A 79 -21.15 -2.59 -1.09
CA GLN A 79 -21.36 -1.57 -2.12
C GLN A 79 -21.84 -2.20 -3.42
N ALA A 80 -23.12 -2.56 -3.46
CA ALA A 80 -23.69 -3.17 -4.65
C ALA A 80 -24.72 -2.25 -5.30
N THR A 81 -24.50 -1.91 -6.57
CA THR A 81 -25.41 -1.04 -7.30
C THR A 81 -26.73 -1.74 -7.59
N GLN A 82 -27.78 -0.95 -7.79
CA GLN A 82 -29.10 -1.49 -8.07
C GLN A 82 -29.88 -0.58 -9.02
N GLU A 83 -30.36 0.54 -8.49
CA GLU A 83 -31.13 1.49 -9.28
C GLU A 83 -32.33 0.83 -9.92
N TYR A 84 -33.48 0.92 -9.24
CA TYR A 84 -34.71 0.33 -9.73
C TYR A 84 -35.89 1.26 -9.48
N SER A 85 -36.25 2.03 -10.50
CA SER A 85 -37.37 2.98 -10.40
C SER A 85 -38.02 3.20 -11.76
N LEU A 86 -39.32 3.43 -11.76
CA LEU A 86 -40.07 3.66 -12.99
C LEU A 86 -39.50 4.85 -13.75
N SER A 87 -38.95 4.59 -14.93
CA SER A 87 -38.37 5.64 -15.77
C SER A 87 -38.39 5.24 -17.24
N GLY A 88 -39.48 4.61 -17.66
CA GLY A 88 -39.60 4.18 -19.05
C GLY A 88 -40.65 3.10 -19.22
N PRO A 89 -40.64 2.47 -20.40
CA PRO A 89 -41.60 1.40 -20.73
C PRO A 89 -41.34 0.13 -19.93
N SER A 90 -42.32 -0.77 -19.93
CA SER A 90 -42.21 -2.03 -19.19
C SER A 90 -41.48 -3.07 -20.03
N SER A 91 -41.94 -3.27 -21.27
CA SER A 91 -41.34 -4.24 -22.16
C SER A 91 -41.44 -5.65 -21.58
N GLY A 92 -42.63 -6.01 -21.12
CA GLY A 92 -42.84 -7.33 -20.55
C GLY A 92 -42.71 -8.43 -21.58
N GLY A 1 33.68 17.38 27.62
CA GLY A 1 32.66 16.36 27.77
C GLY A 1 31.39 16.68 27.01
N SER A 2 30.29 16.82 27.75
CA SER A 2 29.00 17.13 27.13
C SER A 2 27.93 17.36 28.20
N SER A 3 27.91 16.49 29.20
CA SER A 3 26.95 16.59 30.28
C SER A 3 25.52 16.54 29.74
N GLY A 4 25.35 15.85 28.62
CA GLY A 4 24.04 15.72 28.01
C GLY A 4 24.11 15.29 26.56
N SER A 5 24.17 13.98 26.34
CA SER A 5 24.24 13.44 24.99
C SER A 5 22.88 13.46 24.31
N SER A 6 22.83 14.02 23.11
CA SER A 6 21.58 14.10 22.36
C SER A 6 21.81 14.76 21.00
N GLY A 7 20.88 14.53 20.08
CA GLY A 7 20.99 15.11 18.76
C GLY A 7 20.72 14.10 17.65
N HIS A 8 20.43 14.59 16.46
CA HIS A 8 20.16 13.73 15.32
C HIS A 8 21.31 13.75 14.32
N SER A 9 21.43 12.69 13.53
CA SER A 9 22.49 12.58 12.54
C SER A 9 22.08 11.67 11.40
N SER A 10 20.85 11.82 10.94
CA SER A 10 20.33 11.01 9.85
C SER A 10 19.25 11.76 9.07
N ALA A 11 19.34 11.69 7.74
CA ALA A 11 18.37 12.37 6.89
C ALA A 11 18.02 11.51 5.67
N GLN A 12 16.83 10.91 5.70
CA GLN A 12 16.38 10.06 4.61
C GLN A 12 15.41 10.82 3.70
N PHE A 13 15.36 10.40 2.43
CA PHE A 13 14.47 11.04 1.46
C PHE A 13 14.17 10.09 0.30
N ILE A 14 12.90 9.74 0.16
CA ILE A 14 12.47 8.83 -0.91
C ILE A 14 11.70 9.59 -1.98
N ASP A 15 11.78 9.09 -3.21
CA ASP A 15 11.08 9.72 -4.33
C ASP A 15 11.00 8.77 -5.52
N SER A 16 11.02 7.48 -5.23
CA SER A 16 10.96 6.46 -6.28
C SER A 16 9.80 5.51 -6.05
N TYR A 17 9.18 5.04 -7.14
CA TYR A 17 8.05 4.13 -7.05
C TYR A 17 8.36 2.82 -7.77
N ILE A 18 8.45 1.74 -7.01
CA ILE A 18 8.74 0.42 -7.58
C ILE A 18 7.59 -0.54 -7.33
N CYS A 19 7.11 -1.18 -8.40
CA CYS A 19 6.01 -2.14 -8.29
C CYS A 19 6.30 -3.19 -7.22
N GLN A 20 5.24 -3.71 -6.61
CA GLN A 20 5.38 -4.71 -5.56
C GLN A 20 5.01 -6.10 -6.09
N VAL A 21 5.07 -6.26 -7.41
CA VAL A 21 4.74 -7.53 -8.03
C VAL A 21 5.82 -7.97 -9.01
N CYS A 22 6.32 -7.02 -9.80
CA CYS A 22 7.37 -7.30 -10.77
C CYS A 22 8.66 -6.56 -10.42
N SER A 23 8.53 -5.55 -9.57
CA SER A 23 9.68 -4.75 -9.15
C SER A 23 10.27 -4.00 -10.34
N ARG A 24 9.48 -3.09 -10.91
CA ARG A 24 9.91 -2.30 -12.05
C ARG A 24 9.79 -0.81 -11.76
N GLY A 25 10.16 0.01 -12.74
CA GLY A 25 10.09 1.45 -12.57
C GLY A 25 9.61 2.16 -13.82
N ASP A 26 10.10 1.71 -14.97
CA ASP A 26 9.72 2.31 -16.25
C ASP A 26 8.22 2.23 -16.46
N GLU A 27 7.57 1.29 -15.78
CA GLU A 27 6.13 1.11 -15.89
C GLU A 27 5.38 2.07 -14.98
N ASP A 28 6.14 2.89 -14.25
CA ASP A 28 5.56 3.86 -13.34
C ASP A 28 4.47 4.69 -14.03
N ASP A 29 4.61 4.84 -15.35
CA ASP A 29 3.65 5.60 -16.13
C ASP A 29 2.22 5.11 -15.86
N LYS A 30 2.09 3.84 -15.50
CA LYS A 30 0.79 3.25 -15.21
C LYS A 30 0.76 2.64 -13.81
N LEU A 31 1.52 3.24 -12.90
CA LEU A 31 1.58 2.76 -11.52
C LEU A 31 0.46 3.36 -10.69
N LEU A 32 -0.12 2.55 -9.81
CA LEU A 32 -1.20 2.99 -8.93
C LEU A 32 -0.69 3.28 -7.53
N PHE A 33 -1.40 4.14 -6.80
CA PHE A 33 -1.03 4.49 -5.45
C PHE A 33 -2.11 4.09 -4.45
N CYS A 34 -1.72 3.37 -3.40
CA CYS A 34 -2.67 2.92 -2.39
C CYS A 34 -2.91 4.03 -1.36
N ASP A 35 -4.17 4.17 -0.95
CA ASP A 35 -4.55 5.18 0.03
C ASP A 35 -4.48 4.63 1.45
N GLY A 36 -3.40 3.91 1.75
CA GLY A 36 -3.24 3.33 3.06
C GLY A 36 -1.79 3.02 3.39
N CYS A 37 -1.05 2.54 2.40
CA CYS A 37 0.35 2.20 2.58
C CYS A 37 1.22 2.93 1.57
N ASP A 38 0.59 3.67 0.67
CA ASP A 38 1.30 4.42 -0.36
C ASP A 38 2.27 3.53 -1.11
N ASP A 39 1.74 2.45 -1.69
CA ASP A 39 2.56 1.51 -2.44
C ASP A 39 2.40 1.73 -3.94
N ASN A 40 3.10 0.90 -4.73
CA ASN A 40 3.04 1.01 -6.18
C ASN A 40 2.61 -0.31 -6.80
N TYR A 41 1.52 -0.28 -7.57
CA TYR A 41 1.00 -1.48 -8.21
C TYR A 41 0.53 -1.17 -9.63
N HIS A 42 0.93 -2.01 -10.58
CA HIS A 42 0.55 -1.82 -11.97
C HIS A 42 -0.88 -2.30 -12.20
N ILE A 43 -1.33 -2.21 -13.46
CA ILE A 43 -2.68 -2.63 -13.81
C ILE A 43 -2.68 -4.05 -14.37
N PHE A 44 -1.51 -4.53 -14.76
CA PHE A 44 -1.38 -5.87 -15.32
C PHE A 44 -0.63 -6.79 -14.35
N CYS A 45 -0.48 -6.33 -13.11
CA CYS A 45 0.22 -7.11 -12.09
C CYS A 45 -0.75 -7.60 -11.02
N LEU A 46 -1.87 -6.90 -10.88
CA LEU A 46 -2.89 -7.26 -9.90
C LEU A 46 -3.58 -8.57 -10.29
N LEU A 47 -4.67 -8.89 -9.59
CA LEU A 47 -5.43 -10.10 -9.87
C LEU A 47 -6.74 -10.11 -9.10
N PRO A 48 -7.85 -9.86 -9.82
CA PRO A 48 -7.83 -9.60 -11.26
C PRO A 48 -7.20 -8.25 -11.59
N PRO A 49 -6.54 -8.18 -12.76
CA PRO A 49 -5.89 -6.94 -13.21
C PRO A 49 -6.90 -5.86 -13.59
N LEU A 50 -6.40 -4.64 -13.79
CA LEU A 50 -7.25 -3.52 -14.16
C LEU A 50 -6.96 -3.06 -15.58
N PRO A 51 -7.92 -2.35 -16.19
CA PRO A 51 -7.78 -1.83 -17.55
C PRO A 51 -6.76 -0.70 -17.65
N GLU A 52 -6.77 0.17 -16.65
CA GLU A 52 -5.84 1.30 -16.62
C GLU A 52 -5.94 2.05 -15.30
N ILE A 53 -5.15 3.11 -15.17
CA ILE A 53 -5.14 3.92 -13.95
C ILE A 53 -6.55 4.33 -13.56
N PRO A 54 -6.90 4.14 -12.28
CA PRO A 54 -8.22 4.49 -11.76
C PRO A 54 -8.42 6.00 -11.68
N ARG A 55 -9.65 6.41 -11.37
CA ARG A 55 -9.98 7.82 -11.27
C ARG A 55 -9.89 8.30 -9.82
N GLY A 56 -10.88 7.93 -9.02
CA GLY A 56 -10.89 8.31 -7.62
C GLY A 56 -9.78 7.68 -6.82
N ILE A 57 -10.05 7.36 -5.56
CA ILE A 57 -9.06 6.74 -4.69
C ILE A 57 -8.98 5.24 -4.94
N TRP A 58 -7.77 4.74 -5.12
CA TRP A 58 -7.55 3.32 -5.36
C TRP A 58 -6.72 2.70 -4.24
N ARG A 59 -7.10 1.48 -3.85
CA ARG A 59 -6.39 0.77 -2.78
C ARG A 59 -5.78 -0.52 -3.31
N CYS A 60 -4.80 -1.04 -2.58
CA CYS A 60 -4.13 -2.28 -2.98
C CYS A 60 -4.74 -3.48 -2.27
N PRO A 61 -4.54 -4.67 -2.84
CA PRO A 61 -5.06 -5.92 -2.29
C PRO A 61 -4.37 -6.32 -1.00
N LYS A 62 -3.14 -5.84 -0.82
CA LYS A 62 -2.37 -6.15 0.38
C LYS A 62 -2.95 -5.44 1.60
N CYS A 63 -3.76 -4.41 1.35
CA CYS A 63 -4.38 -3.64 2.43
C CYS A 63 -5.85 -4.02 2.58
N ILE A 64 -6.54 -4.19 1.46
CA ILE A 64 -7.95 -4.55 1.48
C ILE A 64 -8.14 -5.96 2.02
N LEU A 65 -7.31 -6.89 1.56
CA LEU A 65 -7.39 -8.28 2.01
C LEU A 65 -7.05 -8.40 3.49
N ALA A 66 -6.40 -7.37 4.02
CA ALA A 66 -6.01 -7.35 5.43
C ALA A 66 -7.12 -6.76 6.30
N GLU A 67 -7.68 -5.64 5.85
CA GLU A 67 -8.74 -4.98 6.59
C GLU A 67 -10.05 -5.76 6.50
N CYS A 68 -10.24 -6.44 5.37
CA CYS A 68 -11.44 -7.23 5.15
C CYS A 68 -11.52 -8.39 6.14
N LYS A 69 -10.58 -9.33 6.02
CA LYS A 69 -10.53 -10.49 6.89
C LYS A 69 -9.93 -10.13 8.25
N GLN A 70 -10.59 -10.56 9.32
CA GLN A 70 -10.12 -10.27 10.67
C GLN A 70 -10.62 -11.32 11.66
N PRO A 71 -9.87 -11.51 12.75
CA PRO A 71 -10.23 -12.49 13.80
C PRO A 71 -11.46 -12.08 14.58
N PRO A 72 -12.09 -13.05 15.25
CA PRO A 72 -13.29 -12.82 16.05
C PRO A 72 -13.01 -12.01 17.31
N GLU A 73 -12.86 -10.70 17.15
CA GLU A 73 -12.58 -9.82 18.27
C GLU A 73 -12.48 -8.36 17.81
N ALA A 74 -13.29 -8.01 16.82
CA ALA A 74 -13.29 -6.65 16.29
C ALA A 74 -14.53 -6.39 15.44
N PHE A 75 -15.64 -6.07 16.11
CA PHE A 75 -16.89 -5.80 15.42
C PHE A 75 -16.79 -4.54 14.57
N GLY A 76 -16.21 -3.49 15.16
CA GLY A 76 -16.06 -2.23 14.44
C GLY A 76 -16.95 -1.14 15.00
N PHE A 77 -16.75 0.08 14.51
CA PHE A 77 -17.53 1.23 14.98
C PHE A 77 -18.70 1.50 14.04
N GLU A 78 -18.51 1.21 12.75
CA GLU A 78 -19.55 1.42 11.75
C GLU A 78 -20.27 0.12 11.42
N GLN A 79 -21.54 0.03 11.81
CA GLN A 79 -22.33 -1.17 11.56
C GLN A 79 -22.91 -1.15 10.15
N ALA A 80 -23.58 -0.04 9.80
CA ALA A 80 -24.16 0.10 8.47
C ALA A 80 -25.27 -0.93 8.25
N THR A 81 -26.07 -0.72 7.22
CA THR A 81 -27.17 -1.63 6.90
C THR A 81 -27.31 -1.81 5.39
N GLN A 82 -27.72 -0.75 4.71
CA GLN A 82 -27.90 -0.79 3.26
C GLN A 82 -26.60 -0.43 2.54
N GLU A 83 -25.83 -1.45 2.19
CA GLU A 83 -24.56 -1.26 1.50
C GLU A 83 -24.78 -0.93 0.02
N TYR A 84 -24.73 0.36 -0.31
CA TYR A 84 -24.93 0.79 -1.68
C TYR A 84 -23.60 1.11 -2.35
N SER A 85 -23.44 0.63 -3.58
CA SER A 85 -22.21 0.86 -4.34
C SER A 85 -22.48 0.83 -5.83
N LEU A 86 -23.08 -0.27 -6.30
CA LEU A 86 -23.40 -0.42 -7.72
C LEU A 86 -24.35 -1.59 -7.94
N SER A 87 -25.44 -1.61 -7.16
CA SER A 87 -26.43 -2.67 -7.28
C SER A 87 -27.13 -2.63 -8.64
N GLY A 88 -27.69 -3.77 -9.04
CA GLY A 88 -28.36 -3.84 -10.32
C GLY A 88 -29.27 -5.05 -10.43
N PRO A 89 -30.25 -4.99 -11.34
CA PRO A 89 -31.20 -6.08 -11.56
C PRO A 89 -30.55 -7.30 -12.19
N SER A 90 -30.77 -8.47 -11.60
CA SER A 90 -30.21 -9.71 -12.11
C SER A 90 -31.26 -10.81 -12.13
N SER A 91 -30.93 -11.91 -12.81
CA SER A 91 -31.85 -13.05 -12.90
C SER A 91 -31.11 -14.37 -12.67
N GLY A 92 -31.81 -15.33 -12.09
CA GLY A 92 -31.21 -16.63 -11.82
C GLY A 92 -30.95 -16.84 -10.35
N GLY A 1 8.33 -11.40 32.76
CA GLY A 1 8.60 -10.73 31.50
C GLY A 1 10.06 -10.40 31.33
N SER A 2 10.67 -10.92 30.26
CA SER A 2 12.08 -10.66 29.99
C SER A 2 12.24 -9.78 28.75
N SER A 3 13.49 -9.38 28.48
CA SER A 3 13.78 -8.53 27.33
C SER A 3 15.28 -8.47 27.07
N GLY A 4 15.65 -8.39 25.80
CA GLY A 4 17.05 -8.33 25.43
C GLY A 4 17.27 -8.47 23.93
N SER A 5 17.34 -7.33 23.24
CA SER A 5 17.55 -7.33 21.80
C SER A 5 18.44 -6.17 21.38
N SER A 6 18.67 -6.06 20.07
CA SER A 6 19.52 -5.00 19.54
C SER A 6 19.53 -5.03 18.01
N GLY A 7 19.61 -3.85 17.40
CA GLY A 7 19.63 -3.76 15.95
C GLY A 7 20.70 -2.82 15.44
N HIS A 8 20.90 -2.82 14.13
CA HIS A 8 21.90 -1.94 13.51
C HIS A 8 21.29 -0.63 13.08
N SER A 9 22.13 0.29 12.61
CA SER A 9 21.67 1.60 12.17
C SER A 9 21.98 1.81 10.69
N SER A 10 20.96 1.76 9.85
CA SER A 10 21.13 1.94 8.41
C SER A 10 20.47 3.24 7.95
N ALA A 11 21.24 4.08 7.26
CA ALA A 11 20.74 5.35 6.75
C ALA A 11 20.47 5.27 5.26
N GLN A 12 19.24 5.62 4.86
CA GLN A 12 18.85 5.58 3.46
C GLN A 12 17.49 6.22 3.26
N PHE A 13 17.12 6.43 2.00
CA PHE A 13 15.83 7.04 1.67
C PHE A 13 15.40 6.66 0.25
N ILE A 14 14.12 6.33 0.09
CA ILE A 14 13.58 5.96 -1.21
C ILE A 14 12.78 7.09 -1.82
N ASP A 15 13.31 7.65 -2.91
CA ASP A 15 12.65 8.75 -3.60
C ASP A 15 12.18 8.32 -4.99
N SER A 16 11.34 7.30 -5.03
CA SER A 16 10.82 6.78 -6.30
C SER A 16 9.68 5.79 -6.06
N TYR A 17 9.07 5.33 -7.14
CA TYR A 17 7.97 4.39 -7.05
C TYR A 17 8.31 3.08 -7.76
N ILE A 18 8.43 2.01 -6.99
CA ILE A 18 8.76 0.70 -7.54
C ILE A 18 7.63 -0.29 -7.29
N CYS A 19 7.20 -0.97 -8.35
CA CYS A 19 6.12 -1.95 -8.25
C CYS A 19 6.41 -2.97 -7.16
N GLN A 20 5.35 -3.55 -6.61
CA GLN A 20 5.50 -4.55 -5.55
C GLN A 20 5.17 -5.95 -6.06
N VAL A 21 5.29 -6.13 -7.37
CA VAL A 21 5.01 -7.42 -8.00
C VAL A 21 6.12 -7.81 -8.95
N CYS A 22 6.59 -6.85 -9.74
CA CYS A 22 7.66 -7.09 -10.70
C CYS A 22 8.91 -6.30 -10.35
N SER A 23 8.75 -5.30 -9.49
CA SER A 23 9.86 -4.45 -9.07
C SER A 23 10.44 -3.69 -10.25
N ARG A 24 9.62 -2.82 -10.83
CA ARG A 24 10.06 -2.01 -11.98
C ARG A 24 9.87 -0.53 -11.70
N GLY A 25 10.28 0.31 -12.64
CA GLY A 25 10.15 1.75 -12.49
C GLY A 25 9.68 2.43 -13.76
N ASP A 26 10.18 1.97 -14.89
CA ASP A 26 9.80 2.56 -16.17
C ASP A 26 8.30 2.44 -16.41
N GLU A 27 7.67 1.49 -15.72
CA GLU A 27 6.24 1.28 -15.85
C GLU A 27 5.46 2.23 -14.94
N ASP A 28 6.19 3.06 -14.20
CA ASP A 28 5.57 4.02 -13.29
C ASP A 28 4.48 4.81 -14.00
N ASP A 29 4.63 4.97 -15.32
CA ASP A 29 3.66 5.71 -16.11
C ASP A 29 2.25 5.20 -15.86
N LYS A 30 2.14 3.92 -15.51
CA LYS A 30 0.85 3.31 -15.24
C LYS A 30 0.82 2.68 -13.85
N LEU A 31 1.54 3.30 -12.92
CA LEU A 31 1.60 2.81 -11.55
C LEU A 31 0.46 3.38 -10.72
N LEU A 32 -0.08 2.56 -9.82
CA LEU A 32 -1.18 2.99 -8.96
C LEU A 32 -0.70 3.26 -7.54
N PHE A 33 -1.40 4.15 -6.84
CA PHE A 33 -1.03 4.50 -5.47
C PHE A 33 -2.13 4.09 -4.49
N CYS A 34 -1.74 3.39 -3.44
CA CYS A 34 -2.69 2.93 -2.43
C CYS A 34 -2.94 4.02 -1.40
N ASP A 35 -4.20 4.15 -0.99
CA ASP A 35 -4.59 5.15 0.00
C ASP A 35 -4.53 4.58 1.40
N GLY A 36 -3.45 3.86 1.70
CA GLY A 36 -3.29 3.26 3.02
C GLY A 36 -1.85 2.96 3.35
N CYS A 37 -1.10 2.49 2.36
CA CYS A 37 0.31 2.17 2.56
C CYS A 37 1.19 2.92 1.55
N ASP A 38 0.55 3.67 0.67
CA ASP A 38 1.27 4.43 -0.35
C ASP A 38 2.25 3.55 -1.10
N ASP A 39 1.74 2.47 -1.69
CA ASP A 39 2.57 1.54 -2.44
C ASP A 39 2.41 1.76 -3.95
N ASN A 40 3.12 0.96 -4.74
CA ASN A 40 3.07 1.07 -6.19
C ASN A 40 2.67 -0.26 -6.82
N TYR A 41 1.58 -0.25 -7.58
CA TYR A 41 1.10 -1.46 -8.23
C TYR A 41 0.64 -1.16 -9.67
N HIS A 42 1.05 -2.00 -10.60
CA HIS A 42 0.69 -1.82 -12.00
C HIS A 42 -0.72 -2.34 -12.26
N ILE A 43 -1.20 -2.15 -13.49
CA ILE A 43 -2.53 -2.59 -13.87
C ILE A 43 -2.50 -3.99 -14.48
N PHE A 44 -1.29 -4.49 -14.72
CA PHE A 44 -1.12 -5.82 -15.30
C PHE A 44 -0.32 -6.72 -14.37
N CYS A 45 -0.22 -6.33 -13.10
CA CYS A 45 0.51 -7.10 -12.11
C CYS A 45 -0.43 -7.67 -11.05
N LEU A 46 -1.58 -7.02 -10.89
CA LEU A 46 -2.56 -7.47 -9.91
C LEU A 46 -3.25 -8.75 -10.37
N LEU A 47 -4.32 -9.12 -9.67
CA LEU A 47 -5.06 -10.33 -10.01
C LEU A 47 -6.36 -10.41 -9.22
N PRO A 48 -7.49 -10.15 -9.91
CA PRO A 48 -7.48 -9.80 -11.33
C PRO A 48 -6.88 -8.42 -11.59
N PRO A 49 -6.23 -8.27 -12.76
CA PRO A 49 -5.60 -7.01 -13.15
C PRO A 49 -6.63 -5.92 -13.46
N LEU A 50 -6.14 -4.76 -13.87
CA LEU A 50 -7.02 -3.64 -14.20
C LEU A 50 -6.75 -3.14 -15.63
N PRO A 51 -7.74 -2.43 -16.19
CA PRO A 51 -7.65 -1.89 -17.56
C PRO A 51 -6.64 -0.74 -17.64
N GLU A 52 -6.68 0.15 -16.67
CA GLU A 52 -5.77 1.29 -16.64
C GLU A 52 -5.88 2.04 -15.31
N ILE A 53 -5.09 3.10 -15.18
CA ILE A 53 -5.09 3.90 -13.97
C ILE A 53 -6.51 4.33 -13.59
N PRO A 54 -6.87 4.14 -12.31
CA PRO A 54 -8.21 4.49 -11.80
C PRO A 54 -8.41 6.00 -11.73
N ARG A 55 -9.62 6.41 -11.42
CA ARG A 55 -9.95 7.82 -11.31
C ARG A 55 -9.87 8.30 -9.87
N GLY A 56 -10.87 7.93 -9.07
CA GLY A 56 -10.89 8.32 -7.67
C GLY A 56 -9.78 7.67 -6.87
N ILE A 57 -10.07 7.36 -5.61
CA ILE A 57 -9.09 6.73 -4.73
C ILE A 57 -9.00 5.23 -4.99
N TRP A 58 -7.78 4.73 -5.15
CA TRP A 58 -7.56 3.31 -5.40
C TRP A 58 -6.75 2.68 -4.27
N ARG A 59 -7.12 1.46 -3.88
CA ARG A 59 -6.42 0.75 -2.82
C ARG A 59 -5.81 -0.55 -3.34
N CYS A 60 -4.84 -1.07 -2.61
CA CYS A 60 -4.17 -2.31 -3.00
C CYS A 60 -4.78 -3.50 -2.29
N PRO A 61 -4.59 -4.70 -2.86
CA PRO A 61 -5.11 -5.95 -2.30
C PRO A 61 -4.41 -6.34 -1.00
N LYS A 62 -3.19 -5.86 -0.83
CA LYS A 62 -2.41 -6.16 0.37
C LYS A 62 -2.99 -5.45 1.59
N CYS A 63 -3.78 -4.42 1.34
CA CYS A 63 -4.40 -3.65 2.41
C CYS A 63 -5.87 -4.04 2.58
N ILE A 64 -6.57 -4.19 1.46
CA ILE A 64 -7.97 -4.56 1.48
C ILE A 64 -8.17 -5.97 2.04
N LEU A 65 -7.35 -6.91 1.56
CA LEU A 65 -7.42 -8.29 2.02
C LEU A 65 -7.05 -8.40 3.49
N ALA A 66 -6.40 -7.37 4.02
CA ALA A 66 -5.99 -7.35 5.42
C ALA A 66 -7.10 -6.79 6.31
N GLU A 67 -7.66 -5.65 5.89
CA GLU A 67 -8.72 -5.01 6.65
C GLU A 67 -10.01 -5.82 6.57
N CYS A 68 -10.26 -6.42 5.42
CA CYS A 68 -11.46 -7.22 5.21
C CYS A 68 -11.50 -8.39 6.18
N LYS A 69 -10.61 -9.37 5.97
CA LYS A 69 -10.54 -10.54 6.82
C LYS A 69 -10.29 -10.15 8.28
N GLN A 70 -11.33 -10.21 9.09
CA GLN A 70 -11.22 -9.87 10.50
C GLN A 70 -10.86 -8.40 10.67
N PRO A 71 -11.10 -7.86 11.88
CA PRO A 71 -10.81 -6.46 12.20
C PRO A 71 -9.31 -6.18 12.27
N PRO A 72 -8.94 -4.90 12.12
CA PRO A 72 -7.54 -4.47 12.16
C PRO A 72 -6.93 -4.59 13.56
N GLU A 73 -6.60 -5.82 13.95
CA GLU A 73 -6.01 -6.08 15.25
C GLU A 73 -5.33 -7.44 15.28
N ALA A 74 -4.90 -7.91 14.11
CA ALA A 74 -4.22 -9.20 14.01
C ALA A 74 -3.28 -9.23 12.81
N PHE A 75 -2.82 -8.05 12.39
CA PHE A 75 -1.91 -7.93 11.26
C PHE A 75 -0.91 -6.81 11.48
N GLY A 76 0.23 -6.90 10.79
CA GLY A 76 1.26 -5.89 10.93
C GLY A 76 2.40 -6.10 9.95
N PHE A 77 2.07 -6.50 8.73
CA PHE A 77 3.07 -6.74 7.70
C PHE A 77 4.05 -7.82 8.12
N GLU A 78 4.94 -8.20 7.21
CA GLU A 78 5.93 -9.24 7.50
C GLU A 78 6.77 -8.88 8.72
N GLN A 79 6.49 -9.53 9.84
CA GLN A 79 7.22 -9.28 11.08
C GLN A 79 7.58 -10.58 11.77
N ALA A 80 8.79 -10.63 12.33
CA ALA A 80 9.27 -11.82 13.03
C ALA A 80 9.63 -11.50 14.48
N THR A 81 8.76 -11.85 15.40
CA THR A 81 8.98 -11.60 16.82
C THR A 81 9.51 -12.84 17.52
N GLN A 82 9.18 -14.01 16.98
CA GLN A 82 9.62 -15.28 17.55
C GLN A 82 11.09 -15.54 17.23
N GLU A 83 11.54 -15.03 16.09
CA GLU A 83 12.92 -15.21 15.66
C GLU A 83 13.57 -13.87 15.33
N TYR A 84 14.90 -13.81 15.44
CA TYR A 84 15.63 -12.59 15.15
C TYR A 84 16.92 -12.90 14.39
N SER A 85 17.36 -11.94 13.58
CA SER A 85 18.58 -12.12 12.80
C SER A 85 19.08 -10.77 12.27
N LEU A 86 20.30 -10.42 12.64
CA LEU A 86 20.90 -9.15 12.21
C LEU A 86 21.21 -9.19 10.72
N SER A 87 21.49 -10.38 10.20
CA SER A 87 21.81 -10.56 8.79
C SER A 87 20.54 -10.58 7.94
N GLY A 88 20.71 -10.57 6.62
CA GLY A 88 19.58 -10.59 5.72
C GLY A 88 19.42 -11.92 5.03
N PRO A 89 18.42 -12.01 4.13
CA PRO A 89 18.14 -13.24 3.37
C PRO A 89 19.23 -13.55 2.35
N SER A 90 19.61 -12.54 1.57
CA SER A 90 20.63 -12.69 0.55
C SER A 90 20.23 -13.77 -0.46
N SER A 91 18.96 -13.72 -0.87
CA SER A 91 18.46 -14.69 -1.84
C SER A 91 18.68 -14.22 -3.27
N GLY A 92 18.53 -12.91 -3.48
CA GLY A 92 18.73 -12.34 -4.80
C GLY A 92 17.42 -11.93 -5.46
N GLY A 1 39.66 11.69 17.95
CA GLY A 1 38.60 10.79 18.37
C GLY A 1 37.35 10.93 17.54
N SER A 2 37.03 12.17 17.15
CA SER A 2 35.84 12.44 16.36
C SER A 2 36.11 12.16 14.87
N SER A 3 37.04 12.91 14.29
CA SER A 3 37.38 12.75 12.89
C SER A 3 38.75 12.09 12.74
N GLY A 4 38.84 10.83 13.14
CA GLY A 4 40.09 10.11 13.03
C GLY A 4 39.89 8.62 12.83
N SER A 5 38.93 8.26 11.97
CA SER A 5 38.64 6.87 11.69
C SER A 5 37.66 6.74 10.53
N SER A 6 36.46 7.30 10.70
CA SER A 6 35.44 7.26 9.67
C SER A 6 35.07 5.81 9.34
N GLY A 7 34.34 5.17 10.25
CA GLY A 7 33.94 3.79 10.02
C GLY A 7 32.86 3.67 8.98
N HIS A 8 31.89 2.77 9.22
CA HIS A 8 30.80 2.55 8.29
C HIS A 8 29.82 3.71 8.33
N SER A 9 29.08 3.90 7.23
CA SER A 9 28.11 4.99 7.14
C SER A 9 26.97 4.61 6.19
N SER A 10 26.03 3.82 6.68
CA SER A 10 24.90 3.39 5.87
C SER A 10 23.76 4.41 5.94
N ALA A 11 23.15 4.68 4.80
CA ALA A 11 22.05 5.63 4.72
C ALA A 11 21.28 5.48 3.41
N GLN A 12 20.98 4.24 3.05
CA GLN A 12 20.25 3.97 1.82
C GLN A 12 18.78 4.35 1.97
N PHE A 13 18.28 5.13 1.01
CA PHE A 13 16.89 5.58 1.03
C PHE A 13 16.35 5.76 -0.39
N ILE A 14 15.13 5.32 -0.61
CA ILE A 14 14.50 5.44 -1.93
C ILE A 14 13.55 6.63 -1.97
N ASP A 15 13.44 7.25 -3.14
CA ASP A 15 12.57 8.39 -3.33
C ASP A 15 11.78 8.27 -4.64
N SER A 16 11.53 7.04 -5.06
CA SER A 16 10.79 6.79 -6.29
C SER A 16 9.64 5.81 -6.05
N TYR A 17 9.02 5.38 -7.13
CA TYR A 17 7.89 4.44 -7.04
C TYR A 17 8.23 3.13 -7.76
N ILE A 18 8.39 2.06 -6.99
CA ILE A 18 8.70 0.76 -7.55
C ILE A 18 7.57 -0.23 -7.32
N CYS A 19 7.17 -0.93 -8.38
CA CYS A 19 6.09 -1.91 -8.29
C CYS A 19 6.37 -2.94 -7.21
N GLN A 20 5.32 -3.53 -6.66
CA GLN A 20 5.45 -4.53 -5.61
C GLN A 20 5.14 -5.92 -6.15
N VAL A 21 5.25 -6.09 -7.46
CA VAL A 21 4.98 -7.37 -8.10
C VAL A 21 6.10 -7.75 -9.06
N CYS A 22 6.57 -6.78 -9.83
CA CYS A 22 7.64 -7.01 -10.80
C CYS A 22 8.89 -6.21 -10.42
N SER A 23 8.71 -5.23 -9.55
CA SER A 23 9.83 -4.39 -9.12
C SER A 23 10.41 -3.60 -10.29
N ARG A 24 9.59 -2.73 -10.86
CA ARG A 24 10.01 -1.91 -11.99
C ARG A 24 9.81 -0.43 -11.70
N GLY A 25 10.26 0.43 -12.62
CA GLY A 25 10.12 1.85 -12.44
C GLY A 25 9.65 2.55 -13.71
N ASP A 26 10.16 2.10 -14.85
CA ASP A 26 9.80 2.68 -16.13
C ASP A 26 8.29 2.58 -16.37
N GLU A 27 7.65 1.64 -15.69
CA GLU A 27 6.22 1.44 -15.83
C GLU A 27 5.45 2.37 -14.90
N ASP A 28 6.17 3.18 -14.14
CA ASP A 28 5.56 4.12 -13.22
C ASP A 28 4.48 4.94 -13.91
N ASP A 29 4.64 5.14 -15.21
CA ASP A 29 3.69 5.90 -16.00
C ASP A 29 2.26 5.41 -15.76
N LYS A 30 2.13 4.13 -15.44
CA LYS A 30 0.83 3.53 -15.19
C LYS A 30 0.79 2.87 -13.82
N LEU A 31 1.53 3.44 -12.87
CA LEU A 31 1.58 2.91 -11.51
C LEU A 31 0.42 3.45 -10.67
N LEU A 32 -0.11 2.62 -9.79
CA LEU A 32 -1.21 3.02 -8.92
C LEU A 32 -0.72 3.27 -7.50
N PHE A 33 -1.41 4.16 -6.79
CA PHE A 33 -1.04 4.49 -5.42
C PHE A 33 -2.15 4.07 -4.45
N CYS A 34 -1.76 3.37 -3.39
CA CYS A 34 -2.72 2.92 -2.39
C CYS A 34 -2.97 3.99 -1.35
N ASP A 35 -4.23 4.13 -0.93
CA ASP A 35 -4.60 5.13 0.07
C ASP A 35 -4.54 4.54 1.47
N GLY A 36 -3.45 3.83 1.76
CA GLY A 36 -3.28 3.22 3.07
C GLY A 36 -1.83 2.94 3.39
N CYS A 37 -1.11 2.40 2.41
CA CYS A 37 0.31 2.08 2.60
C CYS A 37 1.18 2.89 1.65
N ASP A 38 0.56 3.51 0.65
CA ASP A 38 1.28 4.32 -0.32
C ASP A 38 2.25 3.47 -1.12
N ASP A 39 1.77 2.34 -1.63
CA ASP A 39 2.59 1.43 -2.41
C ASP A 39 2.42 1.69 -3.91
N ASN A 40 3.12 0.91 -4.73
CA ASN A 40 3.03 1.06 -6.18
C ASN A 40 2.65 -0.26 -6.83
N TYR A 41 1.55 -0.25 -7.58
CA TYR A 41 1.08 -1.45 -8.26
C TYR A 41 0.62 -1.13 -9.68
N HIS A 42 1.02 -1.97 -10.63
CA HIS A 42 0.65 -1.78 -12.03
C HIS A 42 -0.76 -2.28 -12.30
N ILE A 43 -1.25 -2.01 -13.50
CA ILE A 43 -2.59 -2.44 -13.89
C ILE A 43 -2.56 -3.81 -14.55
N PHE A 44 -1.36 -4.34 -14.74
CA PHE A 44 -1.19 -5.65 -15.36
C PHE A 44 -0.39 -6.59 -14.46
N CYS A 45 -0.25 -6.20 -13.20
CA CYS A 45 0.48 -6.99 -12.22
C CYS A 45 -0.46 -7.59 -11.18
N LEU A 46 -1.61 -6.95 -10.99
CA LEU A 46 -2.60 -7.40 -10.02
C LEU A 46 -3.28 -8.68 -10.50
N LEU A 47 -4.34 -9.07 -9.82
CA LEU A 47 -5.09 -10.27 -10.17
C LEU A 47 -6.39 -10.36 -9.39
N PRO A 48 -7.51 -10.08 -10.07
CA PRO A 48 -7.51 -9.71 -11.48
C PRO A 48 -6.91 -8.33 -11.72
N PRO A 49 -6.26 -8.15 -12.88
CA PRO A 49 -5.64 -6.88 -13.26
C PRO A 49 -6.66 -5.78 -13.54
N LEU A 50 -6.17 -4.60 -13.91
CA LEU A 50 -7.04 -3.48 -14.20
C LEU A 50 -6.80 -2.97 -15.62
N PRO A 51 -7.80 -2.27 -16.18
CA PRO A 51 -7.72 -1.71 -17.53
C PRO A 51 -6.73 -0.55 -17.62
N GLU A 52 -6.77 0.34 -16.64
CA GLU A 52 -5.87 1.49 -16.61
C GLU A 52 -5.97 2.22 -15.27
N ILE A 53 -5.17 3.26 -15.12
CA ILE A 53 -5.15 4.04 -13.89
C ILE A 53 -6.57 4.48 -13.51
N PRO A 54 -6.93 4.26 -12.24
CA PRO A 54 -8.24 4.63 -11.71
C PRO A 54 -8.43 6.15 -11.61
N ARG A 55 -9.65 6.57 -11.31
CA ARG A 55 -9.96 7.99 -11.18
C ARG A 55 -9.89 8.43 -9.72
N GLY A 56 -10.89 8.02 -8.95
CA GLY A 56 -10.94 8.38 -7.54
C GLY A 56 -9.82 7.74 -6.74
N ILE A 57 -10.12 7.35 -5.51
CA ILE A 57 -9.14 6.72 -4.64
C ILE A 57 -9.05 5.22 -4.91
N TRP A 58 -7.83 4.72 -5.07
CA TRP A 58 -7.61 3.31 -5.33
C TRP A 58 -6.79 2.67 -4.21
N ARG A 59 -7.14 1.44 -3.85
CA ARG A 59 -6.45 0.73 -2.79
C ARG A 59 -5.84 -0.57 -3.33
N CYS A 60 -4.86 -1.10 -2.60
CA CYS A 60 -4.20 -2.33 -3.00
C CYS A 60 -4.80 -3.54 -2.27
N PRO A 61 -4.60 -4.73 -2.85
CA PRO A 61 -5.13 -5.98 -2.28
C PRO A 61 -4.40 -6.37 -0.99
N LYS A 62 -3.18 -5.88 -0.83
CA LYS A 62 -2.39 -6.17 0.36
C LYS A 62 -2.96 -5.46 1.58
N CYS A 63 -3.76 -4.44 1.35
CA CYS A 63 -4.38 -3.68 2.43
C CYS A 63 -5.84 -4.06 2.60
N ILE A 64 -6.54 -4.23 1.49
CA ILE A 64 -7.95 -4.61 1.51
C ILE A 64 -8.14 -6.01 2.06
N LEU A 65 -7.31 -6.94 1.60
CA LEU A 65 -7.38 -8.32 2.06
C LEU A 65 -7.02 -8.44 3.53
N ALA A 66 -6.38 -7.40 4.06
CA ALA A 66 -5.99 -7.38 5.47
C ALA A 66 -7.04 -6.67 6.32
N GLU A 67 -7.68 -5.65 5.75
CA GLU A 67 -8.71 -4.90 6.45
C GLU A 67 -10.05 -5.63 6.42
N CYS A 68 -10.26 -6.41 5.35
CA CYS A 68 -11.49 -7.17 5.20
C CYS A 68 -11.78 -8.01 6.44
N LYS A 69 -10.73 -8.52 7.05
CA LYS A 69 -10.86 -9.35 8.25
C LYS A 69 -11.62 -8.61 9.34
N GLN A 70 -12.63 -9.25 9.90
CA GLN A 70 -13.43 -8.65 10.96
C GLN A 70 -12.58 -8.42 12.22
N PRO A 71 -13.01 -7.45 13.03
CA PRO A 71 -12.30 -7.12 14.28
C PRO A 71 -12.44 -8.20 15.34
N PRO A 72 -11.55 -8.18 16.34
CA PRO A 72 -11.55 -9.16 17.43
C PRO A 72 -12.74 -8.99 18.36
N GLU A 73 -13.90 -9.46 17.93
CA GLU A 73 -15.12 -9.36 18.73
C GLU A 73 -16.30 -10.02 18.01
N ALA A 74 -16.03 -11.12 17.33
CA ALA A 74 -17.07 -11.84 16.61
C ALA A 74 -17.17 -13.29 17.08
N PHE A 75 -18.15 -14.01 16.55
CA PHE A 75 -18.35 -15.41 16.94
C PHE A 75 -19.19 -16.13 15.89
N GLY A 76 -19.46 -17.42 16.14
CA GLY A 76 -20.24 -18.20 15.21
C GLY A 76 -20.55 -19.60 15.73
N PHE A 77 -20.87 -20.51 14.83
CA PHE A 77 -21.18 -21.89 15.21
C PHE A 77 -19.92 -22.74 15.24
N GLU A 78 -18.97 -22.41 14.38
CA GLU A 78 -17.71 -23.15 14.32
C GLU A 78 -17.95 -24.61 13.92
N GLN A 79 -18.86 -24.81 12.96
CA GLN A 79 -19.18 -26.15 12.50
C GLN A 79 -18.91 -26.29 11.00
N ALA A 80 -17.74 -25.84 10.57
CA ALA A 80 -17.36 -25.92 9.16
C ALA A 80 -17.27 -27.36 8.70
N THR A 81 -18.21 -27.77 7.85
CA THR A 81 -18.23 -29.13 7.33
C THR A 81 -18.01 -29.14 5.82
N GLN A 82 -18.50 -28.11 5.15
CA GLN A 82 -18.35 -28.00 3.70
C GLN A 82 -16.88 -28.03 3.30
N GLU A 83 -16.02 -27.47 4.15
CA GLU A 83 -14.59 -27.44 3.88
C GLU A 83 -13.80 -27.92 5.11
N TYR A 84 -13.17 -29.08 4.97
CA TYR A 84 -12.37 -29.65 6.05
C TYR A 84 -11.14 -28.79 6.33
N SER A 85 -10.81 -28.65 7.62
CA SER A 85 -9.66 -27.86 8.02
C SER A 85 -9.35 -28.07 9.50
N LEU A 86 -8.19 -28.66 9.78
CA LEU A 86 -7.78 -28.92 11.15
C LEU A 86 -6.29 -29.30 11.21
N SER A 87 -5.43 -28.30 11.18
CA SER A 87 -3.99 -28.52 11.22
C SER A 87 -3.24 -27.22 11.42
N GLY A 88 -2.22 -27.24 12.29
CA GLY A 88 -1.43 -26.06 12.55
C GLY A 88 -0.95 -25.99 13.98
N PRO A 89 0.12 -25.21 14.21
CA PRO A 89 0.71 -25.04 15.54
C PRO A 89 -0.19 -24.24 16.48
N SER A 90 -0.74 -23.16 15.96
CA SER A 90 -1.63 -22.30 16.75
C SER A 90 -3.09 -22.65 16.51
N SER A 91 -3.49 -22.61 15.24
CA SER A 91 -4.87 -22.93 14.87
C SER A 91 -5.85 -22.03 15.62
N GLY A 92 -5.51 -20.75 15.70
CA GLY A 92 -6.37 -19.80 16.40
C GLY A 92 -5.93 -18.36 16.19
N GLY A 1 -16.88 21.79 0.15
CA GLY A 1 -16.88 20.34 0.28
C GLY A 1 -15.62 19.82 0.96
N SER A 2 -15.21 20.50 2.03
CA SER A 2 -14.01 20.11 2.76
C SER A 2 -14.34 19.84 4.23
N SER A 3 -13.40 19.24 4.94
CA SER A 3 -13.59 18.92 6.36
C SER A 3 -12.43 19.44 7.19
N GLY A 4 -11.21 19.19 6.71
CA GLY A 4 -10.03 19.65 7.43
C GLY A 4 -8.86 19.91 6.51
N SER A 5 -8.42 21.16 6.46
CA SER A 5 -7.30 21.54 5.60
C SER A 5 -5.99 20.95 6.12
N SER A 6 -5.08 20.64 5.20
CA SER A 6 -3.79 20.06 5.57
C SER A 6 -2.67 21.09 5.40
N GLY A 7 -1.75 21.10 6.36
CA GLY A 7 -0.64 22.04 6.30
C GLY A 7 0.57 21.46 5.60
N HIS A 8 1.63 22.25 5.52
CA HIS A 8 2.86 21.82 4.85
C HIS A 8 3.84 21.23 5.87
N SER A 9 3.94 19.90 5.90
CA SER A 9 4.84 19.23 6.83
C SER A 9 4.90 17.73 6.52
N SER A 10 6.07 17.25 6.16
CA SER A 10 6.27 15.83 5.84
C SER A 10 7.37 15.23 6.70
N ALA A 11 7.09 14.05 7.27
CA ALA A 11 8.07 13.37 8.11
C ALA A 11 8.37 11.98 7.56
N GLN A 12 8.28 11.83 6.25
CA GLN A 12 8.56 10.54 5.61
C GLN A 12 9.69 10.67 4.60
N PHE A 13 10.19 9.52 4.14
CA PHE A 13 11.29 9.49 3.19
C PHE A 13 10.84 8.87 1.86
N ILE A 14 10.98 9.63 0.78
CA ILE A 14 10.59 9.15 -0.54
C ILE A 14 11.78 8.56 -1.29
N ASP A 15 11.50 7.59 -2.16
CA ASP A 15 12.55 6.94 -2.93
C ASP A 15 11.98 6.31 -4.20
N SER A 16 11.46 7.15 -5.08
CA SER A 16 10.87 6.68 -6.34
C SER A 16 9.72 5.72 -6.07
N TYR A 17 9.13 5.19 -7.14
CA TYR A 17 8.02 4.26 -7.02
C TYR A 17 8.33 2.95 -7.75
N ILE A 18 8.44 1.87 -6.98
CA ILE A 18 8.73 0.56 -7.53
C ILE A 18 7.58 -0.42 -7.29
N CYS A 19 7.13 -1.07 -8.35
CA CYS A 19 6.03 -2.04 -8.24
C CYS A 19 6.32 -3.06 -7.15
N GLN A 20 5.25 -3.64 -6.59
CA GLN A 20 5.39 -4.63 -5.54
C GLN A 20 5.04 -6.03 -6.05
N VAL A 21 5.13 -6.20 -7.37
CA VAL A 21 4.82 -7.48 -7.99
C VAL A 21 5.92 -7.89 -8.96
N CYS A 22 6.40 -6.94 -9.75
CA CYS A 22 7.46 -7.21 -10.72
C CYS A 22 8.73 -6.44 -10.37
N SER A 23 8.58 -5.44 -9.51
CA SER A 23 9.72 -4.62 -9.10
C SER A 23 10.31 -3.85 -10.28
N ARG A 24 9.51 -2.97 -10.85
CA ARG A 24 9.95 -2.18 -12.00
C ARG A 24 9.81 -0.69 -11.71
N GLY A 25 10.17 0.14 -12.68
CA GLY A 25 10.09 1.58 -12.51
C GLY A 25 9.61 2.28 -13.77
N ASP A 26 10.10 1.83 -14.93
CA ASP A 26 9.72 2.42 -16.20
C ASP A 26 8.22 2.33 -16.42
N GLU A 27 7.58 1.38 -15.73
CA GLU A 27 6.14 1.18 -15.85
C GLU A 27 5.38 2.15 -14.93
N ASP A 28 6.13 2.97 -14.20
CA ASP A 28 5.53 3.93 -13.29
C ASP A 28 4.44 4.74 -13.99
N ASP A 29 4.58 4.90 -15.30
CA ASP A 29 3.60 5.65 -16.09
C ASP A 29 2.19 5.15 -15.82
N LYS A 30 2.07 3.88 -15.47
CA LYS A 30 0.77 3.28 -15.18
C LYS A 30 0.76 2.66 -13.78
N LEU A 31 1.50 3.27 -12.87
CA LEU A 31 1.56 2.79 -11.49
C LEU A 31 0.44 3.37 -10.65
N LEU A 32 -0.14 2.54 -9.78
CA LEU A 32 -1.23 2.99 -8.92
C LEU A 32 -0.73 3.27 -7.51
N PHE A 33 -1.45 4.11 -6.78
CA PHE A 33 -1.08 4.48 -5.42
C PHE A 33 -2.16 4.07 -4.44
N CYS A 34 -1.77 3.35 -3.40
CA CYS A 34 -2.72 2.91 -2.37
C CYS A 34 -2.98 4.00 -1.34
N ASP A 35 -4.24 4.14 -0.95
CA ASP A 35 -4.62 5.15 0.04
C ASP A 35 -4.56 4.58 1.46
N GLY A 36 -3.48 3.87 1.76
CA GLY A 36 -3.32 3.30 3.07
C GLY A 36 -1.86 3.00 3.41
N CYS A 37 -1.12 2.53 2.41
CA CYS A 37 0.29 2.21 2.60
C CYS A 37 1.16 2.93 1.58
N ASP A 38 0.52 3.68 0.70
CA ASP A 38 1.24 4.43 -0.33
C ASP A 38 2.22 3.54 -1.08
N ASP A 39 1.70 2.46 -1.66
CA ASP A 39 2.52 1.53 -2.41
C ASP A 39 2.37 1.74 -3.92
N ASN A 40 3.07 0.94 -4.70
CA ASN A 40 3.02 1.04 -6.15
C ASN A 40 2.60 -0.29 -6.77
N TYR A 41 1.51 -0.27 -7.54
CA TYR A 41 1.01 -1.47 -8.19
C TYR A 41 0.54 -1.16 -9.60
N HIS A 42 0.96 -1.99 -10.56
CA HIS A 42 0.58 -1.81 -11.96
C HIS A 42 -0.85 -2.31 -12.20
N ILE A 43 -1.30 -2.21 -13.45
CA ILE A 43 -2.64 -2.64 -13.80
C ILE A 43 -2.62 -4.06 -14.37
N PHE A 44 -1.43 -4.53 -14.74
CA PHE A 44 -1.28 -5.87 -15.29
C PHE A 44 -0.52 -6.77 -14.33
N CYS A 45 -0.39 -6.33 -13.08
CA CYS A 45 0.31 -7.09 -12.06
C CYS A 45 -0.66 -7.60 -10.99
N LEU A 46 -1.80 -6.92 -10.86
CA LEU A 46 -2.80 -7.30 -9.87
C LEU A 46 -3.49 -8.60 -10.28
N LEU A 47 -4.56 -8.95 -9.58
CA LEU A 47 -5.30 -10.16 -9.88
C LEU A 47 -6.62 -10.19 -9.11
N PRO A 48 -7.73 -9.96 -9.82
CA PRO A 48 -7.70 -9.70 -11.26
C PRO A 48 -7.09 -8.33 -11.58
N PRO A 49 -6.44 -8.24 -12.75
CA PRO A 49 -5.79 -7.00 -13.20
C PRO A 49 -6.81 -5.93 -13.58
N LEU A 50 -6.33 -4.71 -13.79
CA LEU A 50 -7.19 -3.60 -14.16
C LEU A 50 -6.90 -3.13 -15.58
N PRO A 51 -7.87 -2.43 -16.19
CA PRO A 51 -7.75 -1.92 -17.55
C PRO A 51 -6.73 -0.78 -17.65
N GLU A 52 -6.75 0.10 -16.65
CA GLU A 52 -5.83 1.24 -16.62
C GLU A 52 -5.94 1.99 -15.30
N ILE A 53 -5.16 3.05 -15.17
CA ILE A 53 -5.16 3.86 -13.95
C ILE A 53 -6.58 4.27 -13.57
N PRO A 54 -6.93 4.07 -12.30
CA PRO A 54 -8.25 4.41 -11.77
C PRO A 54 -8.48 5.92 -11.69
N ARG A 55 -9.70 6.32 -11.39
CA ARG A 55 -10.05 7.73 -11.28
C ARG A 55 -9.96 8.21 -9.83
N GLY A 56 -10.95 7.83 -9.03
CA GLY A 56 -10.97 8.22 -7.65
C GLY A 56 -9.85 7.58 -6.84
N ILE A 57 -10.12 7.29 -5.58
CA ILE A 57 -9.13 6.68 -4.70
C ILE A 57 -9.04 5.17 -4.95
N TRP A 58 -7.82 4.68 -5.13
CA TRP A 58 -7.59 3.26 -5.37
C TRP A 58 -6.77 2.64 -4.24
N ARG A 59 -7.13 1.43 -3.85
CA ARG A 59 -6.42 0.73 -2.79
C ARG A 59 -5.80 -0.57 -3.31
N CYS A 60 -4.82 -1.07 -2.58
CA CYS A 60 -4.14 -2.31 -2.97
C CYS A 60 -4.75 -3.52 -2.26
N PRO A 61 -4.54 -4.71 -2.84
CA PRO A 61 -5.05 -5.96 -2.29
C PRO A 61 -4.36 -6.36 -0.99
N LYS A 62 -3.14 -5.87 -0.80
CA LYS A 62 -2.36 -6.16 0.40
C LYS A 62 -2.96 -5.46 1.61
N CYS A 63 -3.77 -4.44 1.36
CA CYS A 63 -4.40 -3.68 2.44
C CYS A 63 -5.87 -4.07 2.58
N ILE A 64 -6.55 -4.24 1.46
CA ILE A 64 -7.96 -4.61 1.48
C ILE A 64 -8.14 -6.03 2.02
N LEU A 65 -7.31 -6.95 1.56
CA LEU A 65 -7.38 -8.34 2.00
C LEU A 65 -7.02 -8.46 3.48
N ALA A 66 -6.39 -7.42 4.01
CA ALA A 66 -6.00 -7.40 5.42
C ALA A 66 -7.09 -6.77 6.29
N GLU A 67 -7.61 -5.64 5.82
CA GLU A 67 -8.66 -4.92 6.55
C GLU A 67 -9.99 -5.66 6.46
N CYS A 68 -10.22 -6.30 5.32
CA CYS A 68 -11.47 -7.05 5.10
C CYS A 68 -11.71 -8.03 6.24
N LYS A 69 -12.98 -8.16 6.62
CA LYS A 69 -13.36 -9.07 7.70
C LYS A 69 -13.83 -10.41 7.15
N GLN A 70 -12.92 -11.38 7.07
CA GLN A 70 -13.24 -12.70 6.57
C GLN A 70 -14.14 -13.45 7.54
N PRO A 71 -14.87 -14.45 7.02
CA PRO A 71 -15.78 -15.27 7.82
C PRO A 71 -15.04 -16.17 8.80
N PRO A 72 -15.75 -16.64 9.85
CA PRO A 72 -15.17 -17.52 10.86
C PRO A 72 -14.88 -18.91 10.32
N GLU A 73 -13.80 -19.04 9.56
CA GLU A 73 -13.41 -20.32 8.99
C GLU A 73 -11.94 -20.31 8.57
N ALA A 74 -11.16 -19.45 9.21
CA ALA A 74 -9.74 -19.35 8.92
C ALA A 74 -8.93 -19.02 10.17
N PHE A 75 -7.91 -19.84 10.44
CA PHE A 75 -7.06 -19.64 11.60
C PHE A 75 -5.66 -19.19 11.20
N GLY A 76 -5.52 -17.89 10.97
CA GLY A 76 -4.23 -17.35 10.57
C GLY A 76 -4.03 -15.92 11.04
N PHE A 77 -3.86 -15.01 10.08
CA PHE A 77 -3.66 -13.60 10.40
C PHE A 77 -2.44 -13.42 11.30
N GLU A 78 -1.25 -13.71 10.75
CA GLU A 78 -0.01 -13.57 11.50
C GLU A 78 0.77 -12.35 11.04
N GLN A 79 0.17 -11.17 11.18
CA GLN A 79 0.81 -9.93 10.77
C GLN A 79 0.85 -8.94 11.93
N ALA A 80 2.05 -8.75 12.49
CA ALA A 80 2.23 -7.84 13.61
C ALA A 80 2.66 -6.46 13.12
N THR A 81 1.72 -5.51 13.11
CA THR A 81 2.01 -4.16 12.68
C THR A 81 1.32 -3.13 13.57
N GLN A 82 2.10 -2.48 14.42
CA GLN A 82 1.57 -1.47 15.33
C GLN A 82 1.76 -0.07 14.76
N GLU A 83 1.17 0.92 15.43
CA GLU A 83 1.28 2.30 14.98
C GLU A 83 2.43 3.01 15.70
N TYR A 84 2.77 4.20 15.22
CA TYR A 84 3.86 4.98 15.81
C TYR A 84 3.70 6.46 15.49
N SER A 85 3.25 7.24 16.47
CA SER A 85 3.06 8.67 16.29
C SER A 85 4.37 9.34 15.88
N LEU A 86 4.37 9.92 14.69
CA LEU A 86 5.56 10.61 14.18
C LEU A 86 6.75 9.65 14.09
N SER A 87 7.88 10.17 13.63
CA SER A 87 9.08 9.35 13.49
C SER A 87 9.62 8.95 14.87
N GLY A 88 10.20 9.92 15.58
CA GLY A 88 10.74 9.64 16.89
C GLY A 88 12.03 10.41 17.16
N PRO A 89 12.63 10.15 18.32
CA PRO A 89 13.88 10.81 18.72
C PRO A 89 15.08 10.36 17.89
N SER A 90 15.03 9.11 17.44
CA SER A 90 16.11 8.56 16.62
C SER A 90 15.56 7.79 15.44
N SER A 91 16.38 7.61 14.40
CA SER A 91 15.97 6.91 13.20
C SER A 91 15.62 5.45 13.53
N GLY A 92 14.33 5.13 13.45
CA GLY A 92 13.89 3.78 13.74
C GLY A 92 13.53 3.00 12.49
N GLY A 1 38.77 -0.78 31.54
CA GLY A 1 38.13 0.08 30.56
C GLY A 1 37.90 -0.63 29.24
N SER A 2 36.68 -0.49 28.70
CA SER A 2 36.35 -1.12 27.43
C SER A 2 36.55 -0.16 26.27
N SER A 3 37.02 -0.69 25.15
CA SER A 3 37.28 0.12 23.96
C SER A 3 36.04 0.94 23.59
N GLY A 4 34.97 0.24 23.26
CA GLY A 4 33.73 0.92 22.88
C GLY A 4 33.44 0.82 21.40
N SER A 5 32.72 1.80 20.87
CA SER A 5 32.37 1.82 19.45
C SER A 5 32.41 3.24 18.90
N SER A 6 32.15 3.37 17.60
CA SER A 6 32.15 4.67 16.96
C SER A 6 30.72 5.18 16.76
N GLY A 7 29.99 4.56 15.84
CA GLY A 7 28.63 4.96 15.58
C GLY A 7 28.23 4.73 14.13
N HIS A 8 26.95 4.96 13.83
CA HIS A 8 26.44 4.78 12.47
C HIS A 8 25.91 6.09 11.91
N SER A 9 25.76 6.14 10.59
CA SER A 9 25.25 7.34 9.93
C SER A 9 24.18 6.99 8.90
N SER A 10 23.09 7.76 8.91
CA SER A 10 21.98 7.53 7.98
C SER A 10 22.08 8.45 6.78
N ALA A 11 22.33 7.87 5.61
CA ALA A 11 22.45 8.64 4.38
C ALA A 11 21.87 7.87 3.20
N GLN A 12 20.83 7.08 3.45
CA GLN A 12 20.20 6.29 2.42
C GLN A 12 18.67 6.45 2.46
N PHE A 13 18.10 6.78 1.31
CA PHE A 13 16.65 6.97 1.22
C PHE A 13 16.17 6.78 -0.21
N ILE A 14 15.05 6.08 -0.37
CA ILE A 14 14.48 5.83 -1.69
C ILE A 14 13.64 7.02 -2.16
N ASP A 15 13.95 7.52 -3.35
CA ASP A 15 13.23 8.64 -3.92
C ASP A 15 12.60 8.28 -5.25
N SER A 16 11.67 7.32 -5.22
CA SER A 16 11.00 6.86 -6.43
C SER A 16 9.92 5.85 -6.10
N TYR A 17 9.09 5.53 -7.09
CA TYR A 17 8.01 4.57 -6.90
C TYR A 17 8.27 3.29 -7.71
N ILE A 18 8.54 2.20 -7.00
CA ILE A 18 8.80 0.92 -7.65
C ILE A 18 7.66 -0.06 -7.39
N CYS A 19 7.24 -0.76 -8.45
CA CYS A 19 6.17 -1.74 -8.34
C CYS A 19 6.44 -2.73 -7.21
N GLN A 20 5.37 -3.23 -6.61
CA GLN A 20 5.49 -4.19 -5.52
C GLN A 20 5.23 -5.61 -6.01
N VAL A 21 5.37 -5.81 -7.31
CA VAL A 21 5.15 -7.12 -7.91
C VAL A 21 6.29 -7.51 -8.84
N CYS A 22 6.75 -6.54 -9.63
CA CYS A 22 7.83 -6.78 -10.57
C CYS A 22 9.05 -5.93 -10.22
N SER A 23 8.83 -4.91 -9.39
CA SER A 23 9.90 -4.01 -8.98
C SER A 23 10.47 -3.25 -10.17
N ARG A 24 9.63 -2.44 -10.81
CA ARG A 24 10.04 -1.65 -11.96
C ARG A 24 9.76 -0.17 -11.75
N GLY A 25 10.33 0.66 -12.61
CA GLY A 25 10.13 2.10 -12.50
C GLY A 25 9.68 2.72 -13.81
N ASP A 26 10.18 2.20 -14.92
CA ASP A 26 9.83 2.72 -16.24
C ASP A 26 8.33 2.59 -16.48
N GLU A 27 7.69 1.69 -15.75
CA GLU A 27 6.25 1.48 -15.88
C GLU A 27 5.47 2.41 -14.96
N ASP A 28 6.19 3.22 -14.20
CA ASP A 28 5.57 4.16 -13.27
C ASP A 28 4.49 4.98 -13.97
N ASP A 29 4.64 5.15 -15.28
CA ASP A 29 3.67 5.92 -16.06
C ASP A 29 2.26 5.41 -15.81
N LYS A 30 2.13 4.12 -15.49
CA LYS A 30 0.85 3.51 -15.23
C LYS A 30 0.82 2.86 -13.84
N LEU A 31 1.55 3.44 -12.91
CA LEU A 31 1.61 2.92 -11.55
C LEU A 31 0.45 3.45 -10.71
N LEU A 32 -0.07 2.60 -9.83
CA LEU A 32 -1.18 2.98 -8.97
C LEU A 32 -0.69 3.25 -7.54
N PHE A 33 -1.38 4.15 -6.85
CA PHE A 33 -1.02 4.50 -5.48
C PHE A 33 -2.11 4.07 -4.50
N CYS A 34 -1.71 3.39 -3.43
CA CYS A 34 -2.65 2.93 -2.43
C CYS A 34 -2.90 4.00 -1.37
N ASP A 35 -4.16 4.15 -0.98
CA ASP A 35 -4.54 5.13 0.03
C ASP A 35 -4.49 4.54 1.43
N GLY A 36 -3.41 3.82 1.73
CA GLY A 36 -3.27 3.20 3.03
C GLY A 36 -1.82 2.89 3.37
N CYS A 37 -1.07 2.45 2.38
CA CYS A 37 0.34 2.10 2.57
C CYS A 37 1.23 2.85 1.57
N ASP A 38 0.58 3.62 0.69
CA ASP A 38 1.31 4.38 -0.32
C ASP A 38 2.28 3.50 -1.09
N ASP A 39 1.75 2.42 -1.67
CA ASP A 39 2.57 1.49 -2.44
C ASP A 39 2.43 1.75 -3.94
N ASN A 40 3.12 0.94 -4.73
CA ASN A 40 3.08 1.08 -6.19
C ASN A 40 2.71 -0.25 -6.85
N TYR A 41 1.63 -0.24 -7.62
CA TYR A 41 1.18 -1.45 -8.30
C TYR A 41 0.72 -1.13 -9.72
N HIS A 42 1.11 -1.98 -10.67
CA HIS A 42 0.74 -1.79 -12.06
C HIS A 42 -0.66 -2.32 -12.34
N ILE A 43 -1.17 -2.05 -13.53
CA ILE A 43 -2.50 -2.50 -13.92
C ILE A 43 -2.44 -3.89 -14.58
N PHE A 44 -1.23 -4.42 -14.69
CA PHE A 44 -1.05 -5.74 -15.31
C PHE A 44 -0.22 -6.65 -14.39
N CYS A 45 -0.09 -6.24 -13.13
CA CYS A 45 0.66 -7.03 -12.15
C CYS A 45 -0.26 -7.61 -11.10
N LEU A 46 -1.41 -6.99 -10.90
CA LEU A 46 -2.39 -7.45 -9.91
C LEU A 46 -3.05 -8.74 -10.38
N LEU A 47 -4.10 -9.14 -9.68
CA LEU A 47 -4.83 -10.36 -10.02
C LEU A 47 -6.13 -10.46 -9.23
N PRO A 48 -7.26 -10.22 -9.91
CA PRO A 48 -7.27 -9.86 -11.34
C PRO A 48 -6.69 -8.48 -11.59
N PRO A 49 -6.05 -8.30 -12.76
CA PRO A 49 -5.44 -7.03 -13.15
C PRO A 49 -6.49 -5.96 -13.45
N LEU A 50 -6.02 -4.76 -13.79
CA LEU A 50 -6.91 -3.65 -14.11
C LEU A 50 -6.70 -3.16 -15.54
N PRO A 51 -7.72 -2.50 -16.09
CA PRO A 51 -7.67 -1.97 -17.46
C PRO A 51 -6.70 -0.80 -17.60
N GLU A 52 -6.76 0.12 -16.63
CA GLU A 52 -5.89 1.29 -16.64
C GLU A 52 -5.96 2.04 -15.31
N ILE A 53 -5.16 3.09 -15.18
CA ILE A 53 -5.14 3.88 -13.96
C ILE A 53 -6.54 4.33 -13.57
N PRO A 54 -6.90 4.14 -12.30
CA PRO A 54 -8.21 4.51 -11.78
C PRO A 54 -8.39 6.03 -11.69
N ARG A 55 -9.61 6.46 -11.37
CA ARG A 55 -9.91 7.88 -11.27
C ARG A 55 -9.81 8.35 -9.82
N GLY A 56 -10.82 7.99 -9.02
CA GLY A 56 -10.83 8.38 -7.62
C GLY A 56 -9.73 7.72 -6.83
N ILE A 57 -10.01 7.42 -5.56
CA ILE A 57 -9.02 6.79 -4.70
C ILE A 57 -8.95 5.28 -4.95
N TRP A 58 -7.74 4.76 -5.12
CA TRP A 58 -7.54 3.35 -5.37
C TRP A 58 -6.73 2.70 -4.26
N ARG A 59 -7.12 1.49 -3.87
CA ARG A 59 -6.43 0.78 -2.81
C ARG A 59 -5.83 -0.53 -3.34
N CYS A 60 -4.85 -1.06 -2.60
CA CYS A 60 -4.19 -2.30 -3.00
C CYS A 60 -4.81 -3.49 -2.28
N PRO A 61 -4.62 -4.69 -2.85
CA PRO A 61 -5.14 -5.94 -2.29
C PRO A 61 -4.44 -6.33 -1.00
N LYS A 62 -3.22 -5.85 -0.82
CA LYS A 62 -2.44 -6.15 0.37
C LYS A 62 -3.02 -5.45 1.59
N CYS A 63 -3.81 -4.41 1.35
CA CYS A 63 -4.43 -3.64 2.43
C CYS A 63 -5.90 -4.02 2.59
N ILE A 64 -6.59 -4.18 1.47
CA ILE A 64 -8.00 -4.55 1.48
C ILE A 64 -8.20 -5.95 2.04
N LEU A 65 -7.37 -6.88 1.57
CA LEU A 65 -7.45 -8.27 2.02
C LEU A 65 -7.09 -8.39 3.49
N ALA A 66 -6.43 -7.36 4.02
CA ALA A 66 -6.01 -7.35 5.42
C ALA A 66 -7.12 -6.79 6.31
N GLU A 67 -7.67 -5.64 5.91
CA GLU A 67 -8.74 -5.00 6.67
C GLU A 67 -10.03 -5.79 6.56
N CYS A 68 -10.19 -6.51 5.46
CA CYS A 68 -11.39 -7.31 5.23
C CYS A 68 -11.51 -8.42 6.28
N LYS A 69 -10.47 -9.23 6.40
CA LYS A 69 -10.47 -10.32 7.37
C LYS A 69 -9.37 -10.14 8.40
N GLN A 70 -9.76 -9.84 9.63
CA GLN A 70 -8.80 -9.63 10.72
C GLN A 70 -9.08 -10.59 11.88
N PRO A 71 -8.06 -10.80 12.71
CA PRO A 71 -8.16 -11.70 13.87
C PRO A 71 -9.06 -11.13 14.96
N PRO A 72 -9.43 -11.98 15.93
CA PRO A 72 -10.29 -11.57 17.05
C PRO A 72 -9.58 -10.62 18.01
N GLU A 73 -9.54 -9.34 17.64
CA GLU A 73 -8.90 -8.33 18.47
C GLU A 73 -9.04 -6.95 17.85
N ALA A 74 -10.20 -6.69 17.24
CA ALA A 74 -10.47 -5.41 16.60
C ALA A 74 -11.82 -4.87 17.01
N PHE A 75 -11.83 -3.79 17.79
CA PHE A 75 -13.07 -3.18 18.24
C PHE A 75 -12.81 -1.77 18.77
N GLY A 76 -13.61 -0.81 18.30
CA GLY A 76 -13.45 0.57 18.73
C GLY A 76 -13.66 1.56 17.60
N PHE A 77 -14.68 2.41 17.75
CA PHE A 77 -14.98 3.41 16.73
C PHE A 77 -14.19 4.69 16.98
N GLU A 78 -13.34 5.04 16.02
CA GLU A 78 -12.53 6.25 16.13
C GLU A 78 -11.99 6.66 14.77
N GLN A 79 -12.60 7.69 14.19
CA GLN A 79 -12.18 8.18 12.88
C GLN A 79 -11.16 9.31 13.02
N ALA A 80 -10.08 9.02 13.74
CA ALA A 80 -9.03 10.01 13.96
C ALA A 80 -7.65 9.43 13.64
N THR A 81 -7.62 8.48 12.70
CA THR A 81 -6.38 7.84 12.31
C THR A 81 -5.62 8.69 11.27
N GLN A 82 -6.28 8.94 10.14
CA GLN A 82 -5.67 9.74 9.08
C GLN A 82 -6.30 11.12 9.01
N GLU A 83 -5.47 12.14 8.84
CA GLU A 83 -5.95 13.51 8.74
C GLU A 83 -5.36 14.22 7.53
N TYR A 84 -6.16 15.07 6.91
CA TYR A 84 -5.72 15.81 5.73
C TYR A 84 -5.85 17.32 5.95
N SER A 85 -5.63 17.74 7.18
CA SER A 85 -5.72 19.16 7.54
C SER A 85 -7.11 19.71 7.21
N LEU A 86 -8.02 19.57 8.16
CA LEU A 86 -9.40 20.06 7.99
C LEU A 86 -9.46 21.57 8.18
N SER A 87 -8.68 22.07 9.14
CA SER A 87 -8.66 23.50 9.43
C SER A 87 -8.05 24.28 8.27
N GLY A 88 -8.91 24.89 7.46
CA GLY A 88 -8.44 25.67 6.32
C GLY A 88 -9.31 26.88 6.05
N PRO A 89 -9.29 27.85 6.98
CA PRO A 89 -10.08 29.08 6.86
C PRO A 89 -9.55 29.99 5.75
N SER A 90 -10.15 29.89 4.57
CA SER A 90 -9.74 30.71 3.43
C SER A 90 -8.25 30.51 3.13
N SER A 91 -7.80 29.26 3.22
CA SER A 91 -6.40 28.93 2.96
C SER A 91 -5.97 29.46 1.59
N GLY A 92 -6.89 29.43 0.64
CA GLY A 92 -6.58 29.90 -0.71
C GLY A 92 -7.69 29.60 -1.69
N GLY A 1 16.33 7.25 35.65
CA GLY A 1 17.72 7.37 35.25
C GLY A 1 17.91 7.28 33.76
N SER A 2 18.27 8.41 33.14
CA SER A 2 18.48 8.45 31.70
C SER A 2 19.92 8.87 31.37
N SER A 3 20.46 8.30 30.29
CA SER A 3 21.82 8.61 29.87
C SER A 3 22.06 8.17 28.44
N GLY A 4 21.98 9.13 27.51
CA GLY A 4 22.19 8.82 26.11
C GLY A 4 21.90 10.01 25.21
N SER A 5 22.96 10.71 24.81
CA SER A 5 22.82 11.88 23.95
C SER A 5 22.31 11.47 22.57
N SER A 6 22.13 12.47 21.70
CA SER A 6 21.65 12.22 20.34
C SER A 6 22.44 13.04 19.33
N GLY A 7 22.84 12.39 18.24
CA GLY A 7 23.60 13.07 17.21
C GLY A 7 23.49 12.40 15.85
N HIS A 8 22.26 12.29 15.35
CA HIS A 8 22.02 11.65 14.06
C HIS A 8 21.53 12.66 13.04
N SER A 9 22.18 12.69 11.88
CA SER A 9 21.82 13.63 10.81
C SER A 9 22.46 13.21 9.50
N SER A 10 21.64 12.69 8.59
CA SER A 10 22.13 12.25 7.29
C SER A 10 21.26 12.81 6.17
N ALA A 11 21.79 12.83 4.95
CA ALA A 11 21.07 13.34 3.79
C ALA A 11 19.90 12.43 3.45
N GLN A 12 18.75 13.05 3.15
CA GLN A 12 17.55 12.29 2.80
C GLN A 12 16.81 12.96 1.64
N PHE A 13 16.55 12.19 0.59
CA PHE A 13 15.85 12.70 -0.58
C PHE A 13 15.26 11.57 -1.40
N ILE A 14 14.40 10.77 -0.77
CA ILE A 14 13.75 9.65 -1.44
C ILE A 14 12.44 10.07 -2.10
N ASP A 15 12.33 9.81 -3.40
CA ASP A 15 11.13 10.16 -4.14
C ASP A 15 10.98 9.29 -5.38
N SER A 16 10.83 7.99 -5.17
CA SER A 16 10.68 7.05 -6.27
C SER A 16 9.55 6.06 -6.01
N TYR A 17 9.05 5.45 -7.08
CA TYR A 17 7.95 4.49 -6.96
C TYR A 17 8.26 3.21 -7.74
N ILE A 18 8.48 2.12 -7.01
CA ILE A 18 8.79 0.84 -7.64
C ILE A 18 7.67 -0.17 -7.40
N CYS A 19 7.23 -0.83 -8.47
CA CYS A 19 6.17 -1.82 -8.38
C CYS A 19 6.47 -2.84 -7.29
N GLN A 20 5.43 -3.39 -6.69
CA GLN A 20 5.57 -4.39 -5.63
C GLN A 20 5.30 -5.79 -6.16
N VAL A 21 5.42 -5.96 -7.47
CA VAL A 21 5.19 -7.25 -8.09
C VAL A 21 6.32 -7.61 -9.06
N CYS A 22 6.76 -6.63 -9.84
CA CYS A 22 7.84 -6.83 -10.80
C CYS A 22 9.05 -5.98 -10.45
N SER A 23 8.86 -5.03 -9.53
CA SER A 23 9.94 -4.15 -9.12
C SER A 23 10.49 -3.37 -10.30
N ARG A 24 9.65 -2.53 -10.89
CA ARG A 24 10.05 -1.72 -12.04
C ARG A 24 9.78 -0.25 -11.78
N GLY A 25 10.31 0.61 -12.66
CA GLY A 25 10.11 2.04 -12.51
C GLY A 25 9.66 2.70 -13.79
N ASP A 26 10.16 2.21 -14.92
CA ASP A 26 9.80 2.75 -16.22
C ASP A 26 8.31 2.65 -16.47
N GLU A 27 7.67 1.72 -15.76
CA GLU A 27 6.22 1.51 -15.89
C GLU A 27 5.45 2.43 -14.97
N ASP A 28 6.18 3.24 -14.20
CA ASP A 28 5.55 4.18 -13.27
C ASP A 28 4.47 5.00 -13.96
N ASP A 29 4.62 5.18 -15.27
CA ASP A 29 3.66 5.96 -16.04
C ASP A 29 2.24 5.45 -15.80
N LYS A 30 2.12 4.16 -15.48
CA LYS A 30 0.82 3.55 -15.23
C LYS A 30 0.79 2.89 -13.86
N LEU A 31 1.52 3.47 -12.91
CA LEU A 31 1.59 2.94 -11.56
C LEU A 31 0.43 3.47 -10.71
N LEU A 32 -0.09 2.62 -9.84
CA LEU A 32 -1.19 3.00 -8.96
C LEU A 32 -0.71 3.27 -7.54
N PHE A 33 -1.39 4.16 -6.84
CA PHE A 33 -1.03 4.50 -5.47
C PHE A 33 -2.11 4.06 -4.50
N CYS A 34 -1.71 3.38 -3.43
CA CYS A 34 -2.65 2.90 -2.41
C CYS A 34 -2.90 3.98 -1.36
N ASP A 35 -4.17 4.12 -0.97
CA ASP A 35 -4.55 5.10 0.04
C ASP A 35 -4.49 4.50 1.44
N GLY A 36 -3.41 3.78 1.73
CA GLY A 36 -3.26 3.17 3.04
C GLY A 36 -1.82 2.87 3.37
N CYS A 37 -1.06 2.43 2.37
CA CYS A 37 0.35 2.10 2.57
C CYS A 37 1.23 2.84 1.57
N ASP A 38 0.59 3.61 0.70
CA ASP A 38 1.31 4.38 -0.32
C ASP A 38 2.28 3.49 -1.09
N ASP A 39 1.75 2.43 -1.69
CA ASP A 39 2.57 1.49 -2.46
C ASP A 39 2.42 1.75 -3.95
N ASN A 40 3.12 0.95 -4.75
CA ASN A 40 3.06 1.09 -6.20
C ASN A 40 2.70 -0.23 -6.86
N TYR A 41 1.61 -0.23 -7.63
CA TYR A 41 1.15 -1.43 -8.31
C TYR A 41 0.70 -1.11 -9.73
N HIS A 42 1.09 -1.94 -10.68
CA HIS A 42 0.72 -1.75 -12.08
C HIS A 42 -0.68 -2.28 -12.35
N ILE A 43 -1.18 -2.02 -13.55
CA ILE A 43 -2.52 -2.47 -13.94
C ILE A 43 -2.47 -3.84 -14.61
N PHE A 44 -1.26 -4.38 -14.75
CA PHE A 44 -1.08 -5.69 -15.37
C PHE A 44 -0.26 -6.61 -14.47
N CYS A 45 -0.12 -6.22 -13.21
CA CYS A 45 0.64 -7.00 -12.24
C CYS A 45 -0.28 -7.61 -11.19
N LEU A 46 -1.43 -6.97 -10.99
CA LEU A 46 -2.40 -7.44 -10.00
C LEU A 46 -3.07 -8.72 -10.47
N LEU A 47 -4.12 -9.12 -9.77
CA LEU A 47 -4.86 -10.34 -10.11
C LEU A 47 -6.15 -10.44 -9.31
N PRO A 48 -7.28 -10.18 -9.99
CA PRO A 48 -7.29 -9.82 -11.40
C PRO A 48 -6.71 -8.44 -11.66
N PRO A 49 -6.08 -8.26 -12.83
CA PRO A 49 -5.47 -6.98 -13.22
C PRO A 49 -6.51 -5.91 -13.50
N LEU A 50 -6.05 -4.71 -13.84
CA LEU A 50 -6.93 -3.60 -14.14
C LEU A 50 -6.72 -3.10 -15.56
N PRO A 51 -7.74 -2.43 -16.12
CA PRO A 51 -7.68 -1.88 -17.47
C PRO A 51 -6.72 -0.71 -17.60
N GLU A 52 -6.78 0.21 -16.63
CA GLU A 52 -5.91 1.37 -16.63
C GLU A 52 -5.98 2.12 -15.30
N ILE A 53 -5.18 3.15 -15.16
CA ILE A 53 -5.16 3.95 -13.94
C ILE A 53 -6.56 4.39 -13.55
N PRO A 54 -6.92 4.19 -12.27
CA PRO A 54 -8.24 4.57 -11.75
C PRO A 54 -8.41 6.08 -11.65
N ARG A 55 -9.63 6.51 -11.34
CA ARG A 55 -9.94 7.93 -11.23
C ARG A 55 -9.85 8.39 -9.77
N GLY A 56 -10.84 8.00 -8.98
CA GLY A 56 -10.86 8.38 -7.58
C GLY A 56 -9.75 7.73 -6.79
N ILE A 57 -10.04 7.38 -5.54
CA ILE A 57 -9.06 6.75 -4.67
C ILE A 57 -8.98 5.24 -4.94
N TRP A 58 -7.76 4.74 -5.10
CA TRP A 58 -7.56 3.31 -5.35
C TRP A 58 -6.74 2.67 -4.24
N ARG A 59 -7.12 1.47 -3.85
CA ARG A 59 -6.42 0.74 -2.79
C ARG A 59 -5.82 -0.56 -3.32
N CYS A 60 -4.84 -1.08 -2.59
CA CYS A 60 -4.18 -2.33 -2.98
C CYS A 60 -4.80 -3.52 -2.26
N PRO A 61 -4.60 -4.72 -2.84
CA PRO A 61 -5.13 -5.97 -2.28
C PRO A 61 -4.42 -6.36 -0.99
N LYS A 62 -3.20 -5.88 -0.81
CA LYS A 62 -2.41 -6.18 0.37
C LYS A 62 -2.99 -5.47 1.60
N CYS A 63 -3.79 -4.44 1.35
CA CYS A 63 -4.40 -3.67 2.44
C CYS A 63 -5.86 -4.05 2.60
N ILE A 64 -6.56 -4.21 1.49
CA ILE A 64 -7.97 -4.58 1.51
C ILE A 64 -8.16 -5.99 2.07
N LEU A 65 -7.34 -6.92 1.60
CA LEU A 65 -7.42 -8.30 2.05
C LEU A 65 -7.06 -8.42 3.52
N ALA A 66 -6.41 -7.38 4.05
CA ALA A 66 -6.01 -7.36 5.45
C ALA A 66 -7.11 -6.77 6.33
N GLU A 67 -7.68 -5.66 5.89
CA GLU A 67 -8.74 -5.00 6.64
C GLU A 67 -10.04 -5.78 6.54
N CYS A 68 -10.25 -6.41 5.39
CA CYS A 68 -11.46 -7.20 5.16
C CYS A 68 -11.70 -8.20 6.29
N LYS A 69 -12.95 -8.33 6.70
CA LYS A 69 -13.30 -9.26 7.78
C LYS A 69 -12.46 -8.99 9.03
N GLN A 70 -12.74 -7.86 9.69
CA GLN A 70 -12.02 -7.48 10.89
C GLN A 70 -12.90 -7.65 12.13
N PRO A 71 -12.27 -7.86 13.29
CA PRO A 71 -12.96 -8.03 14.56
C PRO A 71 -13.63 -6.74 15.04
N PRO A 72 -14.47 -6.86 16.07
CA PRO A 72 -15.19 -5.72 16.65
C PRO A 72 -14.26 -4.77 17.39
N GLU A 73 -13.55 -3.93 16.64
CA GLU A 73 -12.63 -2.97 17.23
C GLU A 73 -12.05 -2.05 16.17
N ALA A 74 -12.88 -1.66 15.21
CA ALA A 74 -12.45 -0.78 14.13
C ALA A 74 -13.64 -0.11 13.45
N PHE A 75 -13.86 1.16 13.76
CA PHE A 75 -14.97 1.92 13.18
C PHE A 75 -14.54 2.60 11.89
N GLY A 76 -15.52 3.14 11.17
CA GLY A 76 -15.23 3.81 9.92
C GLY A 76 -16.28 4.86 9.57
N PHE A 77 -16.18 6.02 10.21
CA PHE A 77 -17.13 7.11 9.96
C PHE A 77 -16.39 8.44 9.80
N GLU A 78 -15.50 8.50 8.81
CA GLU A 78 -14.74 9.71 8.56
C GLU A 78 -14.58 9.95 7.06
N GLN A 79 -13.94 11.06 6.70
CA GLN A 79 -13.73 11.41 5.30
C GLN A 79 -12.45 12.22 5.13
N ALA A 80 -11.43 11.58 4.56
CA ALA A 80 -10.15 12.25 4.34
C ALA A 80 -10.12 12.94 2.98
N THR A 81 -10.56 14.19 2.95
CA THR A 81 -10.58 14.97 1.71
C THR A 81 -9.19 15.43 1.32
N GLN A 82 -8.58 14.71 0.38
CA GLN A 82 -7.24 15.04 -0.09
C GLN A 82 -7.14 14.91 -1.61
N GLU A 83 -6.01 15.35 -2.16
CA GLU A 83 -5.80 15.28 -3.60
C GLU A 83 -4.31 15.28 -3.93
N TYR A 84 -3.85 14.23 -4.60
CA TYR A 84 -2.44 14.11 -4.98
C TYR A 84 -2.30 13.75 -6.46
N SER A 85 -3.18 14.29 -7.28
CA SER A 85 -3.16 14.02 -8.71
C SER A 85 -2.80 15.28 -9.49
N LEU A 86 -1.55 15.34 -9.97
CA LEU A 86 -1.09 16.49 -10.74
C LEU A 86 0.01 16.07 -11.71
N SER A 87 -0.28 15.07 -12.54
CA SER A 87 0.68 14.58 -13.53
C SER A 87 0.10 14.67 -14.93
N GLY A 88 0.93 14.33 -15.92
CA GLY A 88 0.48 14.38 -17.30
C GLY A 88 0.86 13.12 -18.07
N PRO A 89 0.17 12.02 -17.78
CA PRO A 89 0.41 10.73 -18.43
C PRO A 89 -0.02 10.74 -19.90
N SER A 90 0.85 10.26 -20.78
CA SER A 90 0.56 10.21 -22.20
C SER A 90 1.11 8.94 -22.83
N SER A 91 0.91 8.79 -24.14
CA SER A 91 1.39 7.62 -24.86
C SER A 91 1.16 7.77 -26.36
N GLY A 92 1.85 6.95 -27.15
CA GLY A 92 1.70 7.01 -28.59
C GLY A 92 2.81 6.28 -29.31
N GLY A 1 38.01 -16.99 6.26
CA GLY A 1 36.83 -16.19 6.52
C GLY A 1 35.82 -16.90 7.41
N SER A 2 34.57 -16.48 7.34
CA SER A 2 33.52 -17.08 8.15
C SER A 2 33.89 -17.07 9.63
N SER A 3 33.72 -15.92 10.27
CA SER A 3 34.05 -15.78 11.69
C SER A 3 32.99 -14.94 12.40
N GLY A 4 32.85 -13.69 11.96
CA GLY A 4 31.87 -12.80 12.57
C GLY A 4 32.11 -11.35 12.24
N SER A 5 31.25 -10.78 11.41
CA SER A 5 31.38 -9.39 11.01
C SER A 5 30.60 -8.47 11.95
N SER A 6 31.20 -7.33 12.28
CA SER A 6 30.56 -6.37 13.18
C SER A 6 30.42 -5.01 12.50
N GLY A 7 29.44 -4.91 11.60
CA GLY A 7 29.21 -3.67 10.90
C GLY A 7 27.83 -3.62 10.25
N HIS A 8 26.83 -3.25 11.04
CA HIS A 8 25.46 -3.16 10.53
C HIS A 8 25.04 -1.70 10.35
N SER A 9 25.05 -1.23 9.11
CA SER A 9 24.67 0.14 8.80
C SER A 9 24.36 0.30 7.32
N SER A 10 23.14 0.72 7.02
CA SER A 10 22.71 0.92 5.63
C SER A 10 21.54 1.90 5.56
N ALA A 11 21.62 2.82 4.61
CA ALA A 11 20.56 3.81 4.42
C ALA A 11 20.18 3.94 2.94
N GLN A 12 18.98 4.45 2.69
CA GLN A 12 18.50 4.63 1.33
C GLN A 12 17.45 5.72 1.26
N PHE A 13 17.68 6.72 0.41
CA PHE A 13 16.75 7.82 0.25
C PHE A 13 15.57 7.42 -0.62
N ILE A 14 14.44 7.12 0.01
CA ILE A 14 13.24 6.71 -0.72
C ILE A 14 12.64 7.89 -1.48
N ASP A 15 12.84 7.91 -2.79
CA ASP A 15 12.30 8.97 -3.63
C ASP A 15 11.93 8.45 -5.00
N SER A 16 11.20 7.33 -5.03
CA SER A 16 10.78 6.72 -6.28
C SER A 16 9.62 5.74 -6.04
N TYR A 17 9.03 5.26 -7.13
CA TYR A 17 7.92 4.32 -7.04
C TYR A 17 8.24 3.02 -7.77
N ILE A 18 8.37 1.94 -7.01
CA ILE A 18 8.68 0.63 -7.58
C ILE A 18 7.54 -0.35 -7.34
N CYS A 19 7.13 -1.05 -8.39
CA CYS A 19 6.06 -2.03 -8.29
C CYS A 19 6.35 -3.04 -7.20
N GLN A 20 5.29 -3.61 -6.62
CA GLN A 20 5.44 -4.60 -5.56
C GLN A 20 5.10 -6.00 -6.07
N VAL A 21 5.22 -6.19 -7.39
CA VAL A 21 4.94 -7.48 -8.00
C VAL A 21 6.03 -7.89 -8.97
N CYS A 22 6.52 -6.93 -9.74
CA CYS A 22 7.58 -7.19 -10.71
C CYS A 22 8.85 -6.42 -10.35
N SER A 23 8.71 -5.42 -9.50
CA SER A 23 9.83 -4.60 -9.07
C SER A 23 10.41 -3.83 -10.25
N ARG A 24 9.61 -2.95 -10.83
CA ARG A 24 10.04 -2.14 -11.97
C ARG A 24 9.90 -0.66 -11.68
N GLY A 25 10.27 0.18 -12.65
CA GLY A 25 10.17 1.61 -12.47
C GLY A 25 9.70 2.32 -13.73
N ASP A 26 10.20 1.87 -14.88
CA ASP A 26 9.84 2.47 -16.16
C ASP A 26 8.33 2.38 -16.38
N GLU A 27 7.69 1.43 -15.71
CA GLU A 27 6.25 1.24 -15.83
C GLU A 27 5.49 2.18 -14.90
N ASP A 28 6.23 2.99 -14.15
CA ASP A 28 5.63 3.93 -13.22
C ASP A 28 4.53 4.75 -13.91
N ASP A 29 4.66 4.92 -15.22
CA ASP A 29 3.69 5.67 -16.00
C ASP A 29 2.27 5.18 -15.73
N LYS A 30 2.16 3.90 -15.39
CA LYS A 30 0.86 3.30 -15.10
C LYS A 30 0.85 2.67 -13.71
N LEU A 31 1.59 3.28 -12.79
CA LEU A 31 1.65 2.78 -11.42
C LEU A 31 0.54 3.38 -10.56
N LEU A 32 -0.13 2.54 -9.80
CA LEU A 32 -1.22 2.98 -8.93
C LEU A 32 -0.71 3.28 -7.53
N PHE A 33 -1.44 4.12 -6.80
CA PHE A 33 -1.06 4.48 -5.44
C PHE A 33 -2.14 4.08 -4.44
N CYS A 34 -1.75 3.38 -3.39
CA CYS A 34 -2.68 2.93 -2.37
C CYS A 34 -2.93 4.03 -1.34
N ASP A 35 -4.19 4.17 -0.92
CA ASP A 35 -4.55 5.18 0.06
C ASP A 35 -4.49 4.61 1.48
N GLY A 36 -3.41 3.90 1.77
CA GLY A 36 -3.24 3.31 3.09
C GLY A 36 -1.80 3.01 3.41
N CYS A 37 -1.06 2.54 2.41
CA CYS A 37 0.35 2.20 2.59
C CYS A 37 1.22 2.93 1.57
N ASP A 38 0.57 3.68 0.69
CA ASP A 38 1.29 4.43 -0.34
C ASP A 38 2.25 3.52 -1.10
N ASP A 39 1.72 2.44 -1.66
CA ASP A 39 2.54 1.50 -2.43
C ASP A 39 2.38 1.72 -3.92
N ASN A 40 3.09 0.91 -4.71
CA ASN A 40 3.03 1.03 -6.17
C ASN A 40 2.64 -0.31 -6.80
N TYR A 41 1.55 -0.29 -7.57
CA TYR A 41 1.06 -1.50 -8.23
C TYR A 41 0.62 -1.18 -9.65
N HIS A 42 1.03 -2.03 -10.59
CA HIS A 42 0.67 -1.86 -12.00
C HIS A 42 -0.75 -2.36 -12.26
N ILE A 43 -1.18 -2.25 -13.51
CA ILE A 43 -2.52 -2.70 -13.90
C ILE A 43 -2.48 -4.10 -14.49
N PHE A 44 -1.28 -4.58 -14.79
CA PHE A 44 -1.11 -5.91 -15.36
C PHE A 44 -0.33 -6.82 -14.41
N CYS A 45 -0.26 -6.41 -13.15
CA CYS A 45 0.46 -7.19 -12.14
C CYS A 45 -0.51 -7.72 -11.09
N LEU A 46 -1.64 -7.04 -10.92
CA LEU A 46 -2.64 -7.46 -9.95
C LEU A 46 -3.30 -8.76 -10.36
N LEU A 47 -4.38 -9.12 -9.67
CA LEU A 47 -5.11 -10.35 -9.97
C LEU A 47 -6.43 -10.39 -9.21
N PRO A 48 -7.54 -10.17 -9.94
CA PRO A 48 -7.49 -9.90 -11.38
C PRO A 48 -6.89 -8.52 -11.68
N PRO A 49 -6.22 -8.41 -12.84
CA PRO A 49 -5.59 -7.16 -13.27
C PRO A 49 -6.62 -6.11 -13.67
N LEU A 50 -6.18 -4.85 -13.69
CA LEU A 50 -7.06 -3.74 -14.04
C LEU A 50 -6.80 -3.27 -15.47
N PRO A 51 -7.79 -2.59 -16.06
CA PRO A 51 -7.69 -2.06 -17.42
C PRO A 51 -6.69 -0.92 -17.54
N GLU A 52 -6.68 -0.04 -16.55
CA GLU A 52 -5.77 1.10 -16.54
C GLU A 52 -5.89 1.89 -15.25
N ILE A 53 -5.11 2.96 -15.13
CA ILE A 53 -5.13 3.80 -13.95
C ILE A 53 -6.56 4.20 -13.58
N PRO A 54 -6.91 4.03 -12.30
CA PRO A 54 -8.24 4.37 -11.79
C PRO A 54 -8.48 5.88 -11.75
N ARG A 55 -9.69 6.27 -11.37
CA ARG A 55 -10.05 7.68 -11.30
C ARG A 55 -9.93 8.20 -9.87
N GLY A 56 -10.88 7.83 -9.02
CA GLY A 56 -10.87 8.26 -7.64
C GLY A 56 -9.77 7.59 -6.84
N ILE A 57 -10.03 7.39 -5.55
CA ILE A 57 -9.05 6.75 -4.67
C ILE A 57 -8.98 5.26 -4.93
N TRP A 58 -7.76 4.76 -5.10
CA TRP A 58 -7.55 3.33 -5.35
C TRP A 58 -6.73 2.70 -4.24
N ARG A 59 -7.11 1.49 -3.83
CA ARG A 59 -6.41 0.77 -2.77
C ARG A 59 -5.79 -0.52 -3.29
N CYS A 60 -4.81 -1.03 -2.57
CA CYS A 60 -4.14 -2.27 -2.96
C CYS A 60 -4.76 -3.47 -2.26
N PRO A 61 -4.55 -4.67 -2.84
CA PRO A 61 -5.07 -5.92 -2.29
C PRO A 61 -4.39 -6.32 -0.99
N LYS A 62 -3.16 -5.84 -0.81
CA LYS A 62 -2.39 -6.15 0.39
C LYS A 62 -2.97 -5.44 1.61
N CYS A 63 -3.78 -4.41 1.36
CA CYS A 63 -4.40 -3.65 2.43
C CYS A 63 -5.87 -4.03 2.59
N ILE A 64 -6.56 -4.19 1.47
CA ILE A 64 -7.97 -4.56 1.48
C ILE A 64 -8.16 -5.97 2.02
N LEU A 65 -7.33 -6.90 1.56
CA LEU A 65 -7.41 -8.29 1.99
C LEU A 65 -7.05 -8.42 3.47
N ALA A 66 -6.41 -7.38 4.00
CA ALA A 66 -6.01 -7.37 5.41
C ALA A 66 -7.11 -6.78 6.29
N GLU A 67 -7.65 -5.64 5.87
CA GLU A 67 -8.70 -4.97 6.62
C GLU A 67 -10.02 -5.72 6.49
N CYS A 68 -10.18 -6.41 5.37
CA CYS A 68 -11.40 -7.18 5.12
C CYS A 68 -11.69 -8.14 6.26
N LYS A 69 -12.92 -8.65 6.31
CA LYS A 69 -13.31 -9.59 7.36
C LYS A 69 -13.26 -11.02 6.85
N GLN A 70 -12.06 -11.57 6.75
CA GLN A 70 -11.87 -12.93 6.28
C GLN A 70 -10.65 -13.58 6.94
N PRO A 71 -10.64 -14.92 6.99
CA PRO A 71 -9.55 -15.69 7.58
C PRO A 71 -8.27 -15.61 6.75
N PRO A 72 -7.13 -15.91 7.40
CA PRO A 72 -5.82 -15.88 6.74
C PRO A 72 -5.65 -17.01 5.73
N GLU A 73 -6.24 -16.83 4.54
CA GLU A 73 -6.17 -17.83 3.49
C GLU A 73 -6.90 -17.37 2.25
N ALA A 74 -6.86 -16.06 1.98
CA ALA A 74 -7.52 -15.50 0.82
C ALA A 74 -6.56 -15.41 -0.37
N PHE A 75 -6.07 -16.56 -0.80
CA PHE A 75 -5.15 -16.62 -1.92
C PHE A 75 -5.49 -17.79 -2.85
N GLY A 76 -5.16 -17.63 -4.13
CA GLY A 76 -5.44 -18.67 -5.10
C GLY A 76 -4.19 -19.41 -5.54
N PHE A 77 -4.33 -20.24 -6.57
CA PHE A 77 -3.20 -21.02 -7.08
C PHE A 77 -2.66 -21.98 -6.02
N GLU A 78 -1.76 -22.86 -6.43
CA GLU A 78 -1.17 -23.84 -5.51
C GLU A 78 -2.25 -24.73 -4.92
N GLN A 79 -2.44 -25.90 -5.52
CA GLN A 79 -3.44 -26.85 -5.05
C GLN A 79 -3.18 -27.24 -3.60
N ALA A 80 -1.92 -27.52 -3.28
CA ALA A 80 -1.53 -27.91 -1.93
C ALA A 80 -0.88 -26.74 -1.20
N THR A 81 -0.58 -26.94 0.08
CA THR A 81 0.04 -25.91 0.90
C THR A 81 1.40 -26.36 1.42
N GLN A 82 1.43 -27.56 1.99
CA GLN A 82 2.67 -28.12 2.52
C GLN A 82 3.32 -27.15 3.52
N GLU A 83 2.58 -26.83 4.58
CA GLU A 83 3.09 -25.92 5.60
C GLU A 83 3.17 -26.61 6.96
N TYR A 84 3.87 -25.98 7.90
CA TYR A 84 4.03 -26.55 9.23
C TYR A 84 4.33 -25.45 10.25
N SER A 85 5.21 -24.52 9.88
CA SER A 85 5.58 -23.42 10.75
C SER A 85 6.04 -23.94 12.11
N LEU A 86 7.23 -24.51 12.15
CA LEU A 86 7.79 -25.05 13.39
C LEU A 86 9.11 -24.37 13.73
N SER A 87 9.40 -24.27 15.02
CA SER A 87 10.63 -23.65 15.48
C SER A 87 11.68 -24.70 15.85
N GLY A 88 12.74 -24.76 15.06
CA GLY A 88 13.79 -25.74 15.32
C GLY A 88 14.95 -25.62 14.35
N PRO A 89 15.80 -26.64 14.31
CA PRO A 89 16.97 -26.66 13.42
C PRO A 89 16.58 -26.81 11.95
N SER A 90 17.49 -26.43 11.05
CA SER A 90 17.23 -26.51 9.62
C SER A 90 18.51 -26.25 8.83
N SER A 91 18.52 -26.67 7.57
CA SER A 91 19.67 -26.49 6.71
C SER A 91 19.39 -25.45 5.64
N GLY A 92 18.30 -25.64 4.90
CA GLY A 92 17.94 -24.70 3.85
C GLY A 92 16.46 -24.37 3.86
N GLY A 1 37.93 5.39 31.06
CA GLY A 1 38.42 5.84 29.77
C GLY A 1 37.53 5.41 28.63
N SER A 2 36.38 6.07 28.49
CA SER A 2 35.45 5.74 27.42
C SER A 2 35.11 6.98 26.60
N SER A 3 35.03 6.80 25.28
CA SER A 3 34.73 7.89 24.37
C SER A 3 33.43 7.64 23.62
N GLY A 4 32.77 8.71 23.19
CA GLY A 4 31.54 8.58 22.46
C GLY A 4 31.22 9.80 21.62
N SER A 5 30.57 9.58 20.47
CA SER A 5 30.22 10.68 19.57
C SER A 5 28.77 10.55 19.12
N SER A 6 28.13 11.70 18.90
CA SER A 6 26.74 11.72 18.47
C SER A 6 26.43 13.01 17.71
N GLY A 7 25.87 12.87 16.52
CA GLY A 7 25.52 14.02 15.71
C GLY A 7 24.31 13.79 14.84
N HIS A 8 24.47 13.96 13.54
CA HIS A 8 23.37 13.77 12.60
C HIS A 8 23.52 12.45 11.85
N SER A 9 23.11 11.36 12.47
CA SER A 9 23.20 10.04 11.86
C SER A 9 21.88 9.64 11.21
N SER A 10 21.96 8.79 10.20
CA SER A 10 20.77 8.34 9.49
C SER A 10 20.01 9.51 8.89
N ALA A 11 20.47 9.98 7.74
CA ALA A 11 19.84 11.11 7.05
C ALA A 11 19.86 10.92 5.54
N GLN A 12 18.69 10.70 4.96
CA GLN A 12 18.58 10.50 3.52
C GLN A 12 17.28 11.08 2.98
N PHE A 13 17.00 10.85 1.71
CA PHE A 13 15.79 11.34 1.07
C PHE A 13 15.28 10.37 0.02
N ILE A 14 14.01 9.98 0.14
CA ILE A 14 13.40 9.05 -0.80
C ILE A 14 12.48 9.78 -1.76
N ASP A 15 12.34 9.23 -2.97
CA ASP A 15 11.48 9.83 -3.99
C ASP A 15 11.43 8.96 -5.23
N SER A 16 10.73 7.84 -5.14
CA SER A 16 10.60 6.91 -6.26
C SER A 16 9.44 5.94 -6.03
N TYR A 17 8.93 5.39 -7.13
CA TYR A 17 7.81 4.45 -7.07
C TYR A 17 8.17 3.13 -7.74
N ILE A 18 8.31 2.08 -6.94
CA ILE A 18 8.65 0.76 -7.46
C ILE A 18 7.51 -0.23 -7.22
N CYS A 19 7.16 -0.98 -8.26
CA CYS A 19 6.09 -1.96 -8.16
C CYS A 19 6.37 -2.97 -7.05
N GLN A 20 5.30 -3.53 -6.49
CA GLN A 20 5.43 -4.50 -5.40
C GLN A 20 5.14 -5.91 -5.91
N VAL A 21 5.30 -6.12 -7.21
CA VAL A 21 5.05 -7.43 -7.81
C VAL A 21 6.18 -7.82 -8.74
N CYS A 22 6.65 -6.87 -9.54
CA CYS A 22 7.73 -7.12 -10.48
C CYS A 22 8.97 -6.30 -10.12
N SER A 23 8.78 -5.28 -9.29
CA SER A 23 9.88 -4.43 -8.86
C SER A 23 10.47 -3.67 -10.05
N ARG A 24 9.66 -2.82 -10.67
CA ARG A 24 10.10 -2.04 -11.81
C ARG A 24 9.93 -0.55 -11.56
N GLY A 25 10.30 0.27 -12.54
CA GLY A 25 10.18 1.71 -12.40
C GLY A 25 9.71 2.38 -13.67
N ASP A 26 10.21 1.90 -14.80
CA ASP A 26 9.85 2.47 -16.10
C ASP A 26 8.35 2.35 -16.34
N GLU A 27 7.71 1.42 -15.63
CA GLU A 27 6.27 1.21 -15.77
C GLU A 27 5.50 2.15 -14.85
N ASP A 28 6.22 2.98 -14.12
CA ASP A 28 5.61 3.94 -13.21
C ASP A 28 4.51 4.73 -13.91
N ASP A 29 4.65 4.89 -15.22
CA ASP A 29 3.67 5.63 -16.02
C ASP A 29 2.27 5.11 -15.76
N LYS A 30 2.16 3.84 -15.39
CA LYS A 30 0.86 3.23 -15.12
C LYS A 30 0.84 2.63 -13.71
N LEU A 31 1.56 3.24 -12.79
CA LEU A 31 1.63 2.77 -11.41
C LEU A 31 0.51 3.37 -10.58
N LEU A 32 -0.14 2.54 -9.77
CA LEU A 32 -1.23 2.99 -8.92
C LEU A 32 -0.73 3.29 -7.51
N PHE A 33 -1.47 4.11 -6.79
CA PHE A 33 -1.11 4.48 -5.42
C PHE A 33 -2.19 4.07 -4.44
N CYS A 34 -1.80 3.37 -3.38
CA CYS A 34 -2.74 2.90 -2.37
C CYS A 34 -2.99 3.99 -1.34
N ASP A 35 -4.25 4.13 -0.94
CA ASP A 35 -4.63 5.15 0.04
C ASP A 35 -4.58 4.56 1.46
N GLY A 36 -3.50 3.86 1.76
CA GLY A 36 -3.35 3.27 3.08
C GLY A 36 -1.91 2.97 3.41
N CYS A 37 -1.15 2.51 2.42
CA CYS A 37 0.26 2.16 2.62
C CYS A 37 1.13 2.91 1.62
N ASP A 38 0.50 3.66 0.73
CA ASP A 38 1.22 4.43 -0.29
C ASP A 38 2.20 3.53 -1.04
N ASP A 39 1.68 2.47 -1.65
CA ASP A 39 2.52 1.54 -2.39
C ASP A 39 2.37 1.76 -3.90
N ASN A 40 3.08 0.96 -4.69
CA ASN A 40 3.03 1.07 -6.14
C ASN A 40 2.64 -0.27 -6.77
N TYR A 41 1.56 -0.27 -7.53
CA TYR A 41 1.09 -1.48 -8.20
C TYR A 41 0.67 -1.19 -9.63
N HIS A 42 1.07 -2.06 -10.56
CA HIS A 42 0.73 -1.89 -11.96
C HIS A 42 -0.68 -2.40 -12.24
N ILE A 43 -1.12 -2.25 -13.49
CA ILE A 43 -2.45 -2.69 -13.88
C ILE A 43 -2.41 -4.09 -14.51
N PHE A 44 -1.20 -4.63 -14.63
CA PHE A 44 -1.01 -5.96 -15.21
C PHE A 44 -0.21 -6.86 -14.27
N CYS A 45 -0.14 -6.45 -13.00
CA CYS A 45 0.60 -7.22 -12.00
C CYS A 45 -0.35 -7.78 -10.95
N LEU A 46 -1.50 -7.12 -10.77
CA LEU A 46 -2.49 -7.55 -9.79
C LEU A 46 -3.16 -8.85 -10.23
N LEU A 47 -4.22 -9.22 -9.52
CA LEU A 47 -4.95 -10.44 -9.85
C LEU A 47 -6.26 -10.51 -9.06
N PRO A 48 -7.38 -10.27 -9.76
CA PRO A 48 -7.37 -9.95 -11.20
C PRO A 48 -6.78 -8.57 -11.48
N PRO A 49 -6.13 -8.44 -12.64
CA PRO A 49 -5.50 -7.18 -13.06
C PRO A 49 -6.54 -6.11 -13.40
N LEU A 50 -6.06 -4.91 -13.73
CA LEU A 50 -6.94 -3.81 -14.07
C LEU A 50 -6.68 -3.33 -15.50
N PRO A 51 -7.68 -2.63 -16.08
CA PRO A 51 -7.58 -2.12 -17.44
C PRO A 51 -6.58 -0.96 -17.55
N GLU A 52 -6.60 -0.07 -16.57
CA GLU A 52 -5.70 1.08 -16.56
C GLU A 52 -5.84 1.87 -15.26
N ILE A 53 -5.07 2.95 -15.15
CA ILE A 53 -5.12 3.79 -13.97
C ILE A 53 -6.55 4.18 -13.61
N PRO A 54 -6.91 4.01 -12.33
CA PRO A 54 -8.24 4.33 -11.84
C PRO A 54 -8.51 5.84 -11.80
N ARG A 55 -9.72 6.22 -11.42
CA ARG A 55 -10.09 7.63 -11.35
C ARG A 55 -9.97 8.15 -9.92
N GLY A 56 -10.93 7.77 -9.08
CA GLY A 56 -10.93 8.20 -7.69
C GLY A 56 -9.82 7.56 -6.89
N ILE A 57 -10.09 7.31 -5.61
CA ILE A 57 -9.10 6.69 -4.72
C ILE A 57 -9.02 5.18 -4.99
N TRP A 58 -7.79 4.69 -5.14
CA TRP A 58 -7.57 3.26 -5.39
C TRP A 58 -6.76 2.64 -4.26
N ARG A 59 -7.12 1.42 -3.87
CA ARG A 59 -6.43 0.72 -2.80
C ARG A 59 -5.81 -0.57 -3.33
N CYS A 60 -4.83 -1.10 -2.59
CA CYS A 60 -4.15 -2.33 -2.98
C CYS A 60 -4.77 -3.53 -2.28
N PRO A 61 -4.55 -4.72 -2.85
CA PRO A 61 -5.08 -5.98 -2.30
C PRO A 61 -4.39 -6.36 -0.99
N LYS A 62 -3.16 -5.89 -0.80
CA LYS A 62 -2.39 -6.18 0.40
C LYS A 62 -2.99 -5.47 1.61
N CYS A 63 -3.79 -4.45 1.36
CA CYS A 63 -4.43 -3.68 2.43
C CYS A 63 -5.89 -4.08 2.58
N ILE A 64 -6.57 -4.25 1.45
CA ILE A 64 -7.98 -4.61 1.46
C ILE A 64 -8.17 -6.02 2.01
N LEU A 65 -7.34 -6.95 1.55
CA LEU A 65 -7.42 -8.34 1.99
C LEU A 65 -7.06 -8.46 3.46
N ALA A 66 -6.41 -7.43 4.00
CA ALA A 66 -6.01 -7.42 5.40
C ALA A 66 -7.07 -6.74 6.27
N GLU A 67 -7.59 -5.61 5.79
CA GLU A 67 -8.62 -4.88 6.52
C GLU A 67 -9.96 -5.59 6.44
N CYS A 68 -10.17 -6.33 5.37
CA CYS A 68 -11.41 -7.06 5.16
C CYS A 68 -11.68 -8.01 6.32
N LYS A 69 -12.59 -7.62 7.21
CA LYS A 69 -12.94 -8.43 8.37
C LYS A 69 -11.71 -8.68 9.24
N GLN A 70 -11.92 -9.35 10.37
CA GLN A 70 -10.84 -9.66 11.29
C GLN A 70 -11.34 -10.51 12.45
N PRO A 71 -10.42 -11.28 13.06
CA PRO A 71 -10.75 -12.15 14.20
C PRO A 71 -11.07 -11.37 15.46
N PRO A 72 -11.70 -12.04 16.43
CA PRO A 72 -12.08 -11.42 17.71
C PRO A 72 -10.87 -11.11 18.58
N GLU A 73 -10.17 -10.02 18.26
CA GLU A 73 -9.00 -9.60 19.02
C GLU A 73 -8.46 -8.28 18.51
N ALA A 74 -9.36 -7.40 18.09
CA ALA A 74 -8.97 -6.09 17.57
C ALA A 74 -9.83 -4.99 18.18
N PHE A 75 -9.25 -4.25 19.12
CA PHE A 75 -9.96 -3.17 19.78
C PHE A 75 -9.45 -1.81 19.30
N GLY A 76 -10.26 -1.12 18.51
CA GLY A 76 -9.88 0.17 17.99
C GLY A 76 -10.96 0.80 17.14
N PHE A 77 -11.80 1.64 17.76
CA PHE A 77 -12.88 2.31 17.04
C PHE A 77 -12.52 3.76 16.75
N GLU A 78 -12.03 4.01 15.54
CA GLU A 78 -11.66 5.37 15.13
C GLU A 78 -10.58 5.93 16.07
N GLN A 79 -9.33 5.70 15.71
CA GLN A 79 -8.20 6.18 16.51
C GLN A 79 -8.27 5.63 17.92
N ALA A 80 -7.36 6.08 18.78
CA ALA A 80 -7.31 5.63 20.17
C ALA A 80 -6.95 6.78 21.10
N THR A 81 -6.71 6.45 22.37
CA THR A 81 -6.35 7.45 23.36
C THR A 81 -5.09 8.20 22.95
N GLN A 82 -4.84 9.33 23.62
CA GLN A 82 -3.67 10.14 23.32
C GLN A 82 -2.91 10.48 24.60
N GLU A 83 -1.61 10.71 24.48
CA GLU A 83 -0.78 11.06 25.62
C GLU A 83 -1.05 12.48 26.09
N TYR A 84 -1.51 13.32 25.17
CA TYR A 84 -1.82 14.71 25.50
C TYR A 84 -0.59 15.42 26.07
N SER A 85 0.45 15.52 25.25
CA SER A 85 1.69 16.17 25.68
C SER A 85 1.61 17.68 25.44
N LEU A 86 1.87 18.44 26.50
CA LEU A 86 1.84 19.89 26.42
C LEU A 86 3.24 20.47 26.24
N SER A 87 3.31 21.72 25.79
CA SER A 87 4.59 22.38 25.57
C SER A 87 4.49 23.88 25.87
N GLY A 88 4.93 24.27 27.06
CA GLY A 88 4.88 25.66 27.45
C GLY A 88 5.91 26.01 28.50
N PRO A 89 7.19 26.08 28.08
CA PRO A 89 8.30 26.40 28.97
C PRO A 89 8.27 27.86 29.43
N SER A 90 9.06 28.17 30.45
CA SER A 90 9.13 29.52 30.99
C SER A 90 9.55 30.52 29.90
N SER A 91 10.59 30.16 29.16
CA SER A 91 11.10 31.02 28.09
C SER A 91 10.98 30.34 26.74
N GLY A 92 11.11 31.12 25.67
CA GLY A 92 11.01 30.57 24.33
C GLY A 92 10.52 31.58 23.32
N GLY A 1 55.70 3.17 12.64
CA GLY A 1 55.04 4.36 12.14
C GLY A 1 53.53 4.23 12.13
N SER A 2 52.89 4.77 13.16
CA SER A 2 51.43 4.71 13.26
C SER A 2 50.79 5.88 12.56
N SER A 3 49.78 5.60 11.73
CA SER A 3 49.08 6.64 10.99
C SER A 3 47.72 6.13 10.51
N GLY A 4 46.92 7.05 9.96
CA GLY A 4 45.61 6.67 9.47
C GLY A 4 44.77 7.88 9.11
N SER A 5 43.89 7.71 8.12
CA SER A 5 43.02 8.80 7.68
C SER A 5 41.70 8.26 7.15
N SER A 6 40.66 9.08 7.21
CA SER A 6 39.33 8.69 6.74
C SER A 6 38.41 9.89 6.69
N GLY A 7 37.29 9.73 5.98
CA GLY A 7 36.32 10.81 5.87
C GLY A 7 34.96 10.33 5.39
N HIS A 8 33.92 11.06 5.75
CA HIS A 8 32.56 10.70 5.36
C HIS A 8 31.73 11.95 5.08
N SER A 9 30.87 11.86 4.07
CA SER A 9 30.01 12.98 3.69
C SER A 9 28.93 12.54 2.71
N SER A 10 27.95 13.41 2.48
CA SER A 10 26.86 13.11 1.57
C SER A 10 26.05 11.91 2.06
N ALA A 11 25.01 11.55 1.31
CA ALA A 11 24.17 10.42 1.68
C ALA A 11 23.14 10.14 0.59
N GLN A 12 22.34 9.09 0.79
CA GLN A 12 21.30 8.72 -0.18
C GLN A 12 19.91 8.82 0.44
N PHE A 13 18.89 8.86 -0.41
CA PHE A 13 17.52 8.96 0.06
C PHE A 13 16.55 8.36 -0.97
N ILE A 14 15.49 7.74 -0.47
CA ILE A 14 14.50 7.12 -1.35
C ILE A 14 13.43 8.13 -1.75
N ASP A 15 13.08 8.12 -3.04
CA ASP A 15 12.06 9.04 -3.56
C ASP A 15 11.57 8.58 -4.93
N SER A 16 11.26 7.29 -5.03
CA SER A 16 10.78 6.71 -6.29
C SER A 16 9.63 5.75 -6.04
N TYR A 17 9.04 5.25 -7.13
CA TYR A 17 7.93 4.32 -7.03
C TYR A 17 8.25 3.00 -7.73
N ILE A 18 8.38 1.94 -6.96
CA ILE A 18 8.70 0.63 -7.51
C ILE A 18 7.56 -0.35 -7.27
N CYS A 19 7.15 -1.05 -8.33
CA CYS A 19 6.06 -2.01 -8.23
C CYS A 19 6.33 -3.03 -7.13
N GLN A 20 5.27 -3.61 -6.59
CA GLN A 20 5.39 -4.60 -5.53
C GLN A 20 5.07 -5.99 -6.04
N VAL A 21 5.18 -6.17 -7.35
CA VAL A 21 4.91 -7.47 -7.97
C VAL A 21 6.02 -7.88 -8.93
N CYS A 22 6.50 -6.92 -9.70
CA CYS A 22 7.57 -7.17 -10.66
C CYS A 22 8.83 -6.39 -10.29
N SER A 23 8.66 -5.38 -9.45
CA SER A 23 9.79 -4.56 -9.02
C SER A 23 10.39 -3.79 -10.20
N ARG A 24 9.58 -2.91 -10.79
CA ARG A 24 10.03 -2.11 -11.93
C ARG A 24 9.89 -0.63 -11.64
N GLY A 25 10.27 0.20 -12.62
CA GLY A 25 10.17 1.64 -12.46
C GLY A 25 9.71 2.34 -13.72
N ASP A 26 10.21 1.87 -14.86
CA ASP A 26 9.84 2.46 -16.15
C ASP A 26 8.33 2.37 -16.37
N GLU A 27 7.69 1.44 -15.69
CA GLU A 27 6.25 1.25 -15.81
C GLU A 27 5.48 2.19 -14.88
N ASP A 28 6.23 2.99 -14.13
CA ASP A 28 5.63 3.94 -13.20
C ASP A 28 4.54 4.76 -13.89
N ASP A 29 4.68 4.93 -15.21
CA ASP A 29 3.71 5.70 -15.97
C ASP A 29 2.29 5.20 -15.71
N LYS A 30 2.17 3.92 -15.37
CA LYS A 30 0.87 3.31 -15.10
C LYS A 30 0.85 2.69 -13.70
N LEU A 31 1.59 3.29 -12.78
CA LEU A 31 1.66 2.79 -11.42
C LEU A 31 0.54 3.39 -10.55
N LEU A 32 -0.14 2.54 -9.79
CA LEU A 32 -1.22 2.98 -8.93
C LEU A 32 -0.71 3.28 -7.52
N PHE A 33 -1.44 4.12 -6.80
CA PHE A 33 -1.06 4.48 -5.44
C PHE A 33 -2.15 4.07 -4.44
N CYS A 34 -1.74 3.38 -3.39
CA CYS A 34 -2.68 2.93 -2.36
C CYS A 34 -2.93 4.02 -1.34
N ASP A 35 -4.19 4.17 -0.92
CA ASP A 35 -4.56 5.17 0.06
C ASP A 35 -4.50 4.61 1.47
N GLY A 36 -3.41 3.89 1.77
CA GLY A 36 -3.25 3.31 3.08
C GLY A 36 -1.80 3.00 3.42
N CYS A 37 -1.06 2.54 2.41
CA CYS A 37 0.35 2.21 2.60
C CYS A 37 1.22 2.93 1.57
N ASP A 38 0.57 3.69 0.70
CA ASP A 38 1.29 4.43 -0.33
C ASP A 38 2.25 3.52 -1.09
N ASP A 39 1.72 2.45 -1.67
CA ASP A 39 2.53 1.50 -2.42
C ASP A 39 2.38 1.72 -3.91
N ASN A 40 3.07 0.92 -4.71
CA ASN A 40 3.02 1.03 -6.16
C ASN A 40 2.62 -0.30 -6.79
N TYR A 41 1.54 -0.29 -7.56
CA TYR A 41 1.06 -1.50 -8.22
C TYR A 41 0.61 -1.19 -9.65
N HIS A 42 1.02 -2.04 -10.58
CA HIS A 42 0.66 -1.86 -11.99
C HIS A 42 -0.75 -2.37 -12.26
N ILE A 43 -1.21 -2.23 -13.50
CA ILE A 43 -2.53 -2.67 -13.88
C ILE A 43 -2.51 -4.08 -14.46
N PHE A 44 -1.30 -4.55 -14.79
CA PHE A 44 -1.14 -5.88 -15.34
C PHE A 44 -0.35 -6.78 -14.39
N CYS A 45 -0.27 -6.36 -13.13
CA CYS A 45 0.44 -7.13 -12.11
C CYS A 45 -0.52 -7.66 -11.06
N LEU A 46 -1.65 -6.99 -10.89
CA LEU A 46 -2.65 -7.40 -9.92
C LEU A 46 -3.31 -8.71 -10.33
N LEU A 47 -4.39 -9.08 -9.64
CA LEU A 47 -5.11 -10.30 -9.94
C LEU A 47 -6.44 -10.35 -9.19
N PRO A 48 -7.54 -10.14 -9.92
CA PRO A 48 -7.49 -9.86 -11.36
C PRO A 48 -6.90 -8.50 -11.66
N PRO A 49 -6.22 -8.39 -12.82
CA PRO A 49 -5.59 -7.14 -13.27
C PRO A 49 -6.62 -6.08 -13.66
N LEU A 50 -6.19 -4.83 -13.67
CA LEU A 50 -7.07 -3.72 -14.03
C LEU A 50 -6.81 -3.26 -15.46
N PRO A 51 -7.80 -2.57 -16.05
CA PRO A 51 -7.70 -2.06 -17.42
C PRO A 51 -6.69 -0.92 -17.54
N GLU A 52 -6.69 -0.04 -16.55
CA GLU A 52 -5.78 1.11 -16.55
C GLU A 52 -5.90 1.90 -15.24
N ILE A 53 -5.13 2.97 -15.14
CA ILE A 53 -5.14 3.81 -13.94
C ILE A 53 -6.56 4.20 -13.58
N PRO A 54 -6.91 4.03 -12.30
CA PRO A 54 -8.24 4.37 -11.78
C PRO A 54 -8.49 5.87 -11.74
N ARG A 55 -9.70 6.27 -11.38
CA ARG A 55 -10.06 7.68 -11.29
C ARG A 55 -9.94 8.19 -9.86
N GLY A 56 -10.90 7.82 -9.03
CA GLY A 56 -10.88 8.25 -7.64
C GLY A 56 -9.78 7.59 -6.84
N ILE A 57 -10.03 7.38 -5.55
CA ILE A 57 -9.06 6.75 -4.67
C ILE A 57 -8.98 5.25 -4.93
N TRP A 58 -7.76 4.75 -5.10
CA TRP A 58 -7.55 3.33 -5.35
C TRP A 58 -6.73 2.69 -4.24
N ARG A 59 -7.11 1.48 -3.83
CA ARG A 59 -6.41 0.77 -2.77
C ARG A 59 -5.79 -0.52 -3.29
N CYS A 60 -4.81 -1.05 -2.56
CA CYS A 60 -4.13 -2.28 -2.96
C CYS A 60 -4.75 -3.48 -2.26
N PRO A 61 -4.54 -4.67 -2.84
CA PRO A 61 -5.07 -5.92 -2.29
C PRO A 61 -4.38 -6.32 -0.99
N LYS A 62 -3.15 -5.85 -0.81
CA LYS A 62 -2.39 -6.15 0.39
C LYS A 62 -2.97 -5.44 1.62
N CYS A 63 -3.78 -4.41 1.36
CA CYS A 63 -4.40 -3.65 2.44
C CYS A 63 -5.86 -4.04 2.59
N ILE A 64 -6.55 -4.20 1.47
CA ILE A 64 -7.96 -4.57 1.47
C ILE A 64 -8.16 -5.98 2.02
N LEU A 65 -7.33 -6.91 1.55
CA LEU A 65 -7.41 -8.30 1.99
C LEU A 65 -7.05 -8.43 3.46
N ALA A 66 -6.41 -7.38 4.00
CA ALA A 66 -6.02 -7.39 5.41
C ALA A 66 -7.12 -6.77 6.28
N GLU A 67 -7.64 -5.63 5.86
CA GLU A 67 -8.69 -4.95 6.61
C GLU A 67 -10.02 -5.70 6.49
N CYS A 68 -10.18 -6.41 5.37
CA CYS A 68 -11.41 -7.16 5.13
C CYS A 68 -11.55 -8.31 6.13
N LYS A 69 -12.72 -8.40 6.74
CA LYS A 69 -12.99 -9.45 7.73
C LYS A 69 -11.90 -9.47 8.80
N GLN A 70 -12.07 -8.64 9.82
CA GLN A 70 -11.11 -8.57 10.91
C GLN A 70 -10.84 -9.96 11.50
N PRO A 71 -9.66 -10.13 12.09
CA PRO A 71 -9.26 -11.41 12.71
C PRO A 71 -10.05 -11.71 13.98
N PRO A 72 -10.00 -12.98 14.42
CA PRO A 72 -10.70 -13.42 15.63
C PRO A 72 -10.09 -12.85 16.90
N GLU A 73 -10.43 -11.60 17.20
CA GLU A 73 -9.91 -10.94 18.39
C GLU A 73 -10.52 -9.54 18.54
N ALA A 74 -11.78 -9.41 18.15
CA ALA A 74 -12.48 -8.13 18.25
C ALA A 74 -13.97 -8.33 18.49
N PHE A 75 -14.49 -7.70 19.54
CA PHE A 75 -15.90 -7.81 19.88
C PHE A 75 -16.31 -9.27 20.05
N GLY A 76 -15.75 -9.91 21.08
CA GLY A 76 -16.07 -11.31 21.35
C GLY A 76 -17.09 -11.48 22.45
N PHE A 77 -16.75 -12.30 23.44
CA PHE A 77 -17.66 -12.55 24.55
C PHE A 77 -17.09 -11.95 25.84
N GLU A 78 -17.98 -11.72 26.81
CA GLU A 78 -17.57 -11.15 28.09
C GLU A 78 -17.29 -12.25 29.11
N GLN A 79 -16.57 -13.28 28.68
CA GLN A 79 -16.24 -14.40 29.55
C GLN A 79 -14.77 -14.78 29.39
N ALA A 80 -14.16 -15.21 30.50
CA ALA A 80 -12.75 -15.61 30.48
C ALA A 80 -12.44 -16.52 31.66
N THR A 81 -12.25 -17.81 31.37
CA THR A 81 -11.93 -18.78 32.41
C THR A 81 -10.73 -19.63 32.03
N GLN A 82 -9.59 -19.37 32.66
CA GLN A 82 -8.37 -20.11 32.38
C GLN A 82 -7.87 -20.83 33.62
N GLU A 83 -8.18 -22.12 33.72
CA GLU A 83 -7.76 -22.92 34.86
C GLU A 83 -6.70 -23.94 34.45
N TYR A 84 -5.53 -23.46 34.09
CA TYR A 84 -4.43 -24.33 33.67
C TYR A 84 -3.10 -23.82 34.20
N SER A 85 -2.78 -22.57 33.88
CA SER A 85 -1.53 -21.96 34.33
C SER A 85 -0.33 -22.80 33.88
N LEU A 86 0.85 -22.45 34.39
CA LEU A 86 2.07 -23.17 34.05
C LEU A 86 3.18 -22.84 35.03
N SER A 87 3.97 -23.85 35.39
CA SER A 87 5.07 -23.67 36.33
C SER A 87 6.29 -23.09 35.62
N GLY A 88 6.98 -22.17 36.30
CA GLY A 88 8.16 -21.54 35.72
C GLY A 88 9.43 -22.00 36.39
N PRO A 89 10.57 -21.84 35.69
CA PRO A 89 11.88 -22.22 36.21
C PRO A 89 12.35 -21.32 37.35
N SER A 90 11.79 -20.11 37.39
CA SER A 90 12.16 -19.15 38.44
C SER A 90 11.21 -17.96 38.43
N SER A 91 10.80 -17.53 39.61
CA SER A 91 9.88 -16.40 39.74
C SER A 91 10.65 -15.10 39.96
N GLY A 92 11.21 -14.93 41.14
CA GLY A 92 11.97 -13.73 41.46
C GLY A 92 13.43 -13.84 41.05
N GLY A 1 49.24 22.08 12.23
CA GLY A 1 49.40 21.78 10.82
C GLY A 1 49.45 20.28 10.55
N SER A 2 48.32 19.72 10.16
CA SER A 2 48.24 18.28 9.88
C SER A 2 47.16 18.00 8.83
N SER A 3 47.57 17.31 7.77
CA SER A 3 46.64 16.97 6.69
C SER A 3 46.55 15.45 6.51
N GLY A 4 45.42 15.00 5.96
CA GLY A 4 45.24 13.58 5.74
C GLY A 4 44.00 13.28 4.92
N SER A 5 43.64 12.00 4.83
CA SER A 5 42.47 11.59 4.06
C SER A 5 41.35 11.13 4.98
N SER A 6 40.38 12.01 5.20
CA SER A 6 39.25 11.69 6.07
C SER A 6 38.21 10.86 5.33
N GLY A 7 37.60 11.44 4.31
CA GLY A 7 36.59 10.73 3.53
C GLY A 7 35.48 11.65 3.07
N HIS A 8 35.15 11.56 1.78
CA HIS A 8 34.09 12.39 1.22
C HIS A 8 32.75 11.66 1.28
N SER A 9 31.69 12.35 0.87
CA SER A 9 30.35 11.78 0.89
C SER A 9 29.38 12.65 0.09
N SER A 10 28.09 12.31 0.17
CA SER A 10 27.06 13.06 -0.55
C SER A 10 25.72 12.95 0.18
N ALA A 11 24.72 13.65 -0.36
CA ALA A 11 23.39 13.65 0.24
C ALA A 11 22.32 13.44 -0.83
N GLN A 12 21.32 12.62 -0.51
CA GLN A 12 20.24 12.35 -1.45
C GLN A 12 18.97 11.91 -0.71
N PHE A 13 17.86 11.89 -1.42
CA PHE A 13 16.58 11.49 -0.83
C PHE A 13 15.82 10.54 -1.76
N ILE A 14 15.55 9.34 -1.26
CA ILE A 14 14.82 8.34 -2.05
C ILE A 14 13.32 8.56 -1.96
N ASP A 15 12.70 8.86 -3.10
CA ASP A 15 11.26 9.09 -3.15
C ASP A 15 10.68 8.59 -4.47
N SER A 16 11.23 7.48 -4.97
CA SER A 16 10.77 6.91 -6.22
C SER A 16 9.63 5.91 -5.98
N TYR A 17 8.99 5.47 -7.06
CA TYR A 17 7.90 4.52 -6.96
C TYR A 17 8.24 3.22 -7.68
N ILE A 18 8.40 2.15 -6.92
CA ILE A 18 8.74 0.84 -7.48
C ILE A 18 7.60 -0.15 -7.26
N CYS A 19 7.23 -0.87 -8.32
CA CYS A 19 6.16 -1.85 -8.24
C CYS A 19 6.45 -2.88 -7.16
N GLN A 20 5.39 -3.48 -6.61
CA GLN A 20 5.53 -4.48 -5.56
C GLN A 20 5.23 -5.87 -6.10
N VAL A 21 5.38 -6.04 -7.41
CA VAL A 21 5.13 -7.32 -8.06
C VAL A 21 6.25 -7.70 -9.00
N CYS A 22 6.71 -6.71 -9.78
CA CYS A 22 7.78 -6.93 -10.74
C CYS A 22 9.02 -6.13 -10.36
N SER A 23 8.83 -5.14 -9.49
CA SER A 23 9.93 -4.29 -9.04
C SER A 23 10.51 -3.49 -10.22
N ARG A 24 9.69 -2.63 -10.79
CA ARG A 24 10.11 -1.80 -11.91
C ARG A 24 9.88 -0.32 -11.62
N GLY A 25 10.34 0.54 -12.54
CA GLY A 25 10.17 1.97 -12.36
C GLY A 25 9.71 2.66 -13.64
N ASP A 26 10.23 2.21 -14.77
CA ASP A 26 9.86 2.79 -16.06
C ASP A 26 8.36 2.67 -16.30
N GLU A 27 7.73 1.73 -15.62
CA GLU A 27 6.30 1.51 -15.76
C GLU A 27 5.51 2.44 -14.85
N ASP A 28 6.22 3.25 -14.08
CA ASP A 28 5.60 4.19 -13.16
C ASP A 28 4.52 5.01 -13.87
N ASP A 29 4.69 5.20 -15.17
CA ASP A 29 3.73 5.96 -15.96
C ASP A 29 2.31 5.45 -15.74
N LYS A 30 2.19 4.16 -15.42
CA LYS A 30 0.90 3.55 -15.18
C LYS A 30 0.85 2.88 -13.81
N LEU A 31 1.56 3.46 -12.85
CA LEU A 31 1.61 2.93 -11.50
C LEU A 31 0.45 3.46 -10.67
N LEU A 32 -0.08 2.62 -9.79
CA LEU A 32 -1.20 3.00 -8.92
C LEU A 32 -0.72 3.26 -7.50
N PHE A 33 -1.42 4.16 -6.81
CA PHE A 33 -1.06 4.49 -5.43
C PHE A 33 -2.17 4.08 -4.47
N CYS A 34 -1.79 3.38 -3.41
CA CYS A 34 -2.75 2.91 -2.41
C CYS A 34 -3.02 4.00 -1.37
N ASP A 35 -4.28 4.13 -0.96
CA ASP A 35 -4.65 5.11 0.03
C ASP A 35 -4.60 4.53 1.44
N GLY A 36 -3.51 3.82 1.73
CA GLY A 36 -3.35 3.23 3.05
C GLY A 36 -1.89 2.95 3.37
N CYS A 37 -1.16 2.42 2.40
CA CYS A 37 0.25 2.10 2.60
C CYS A 37 1.13 2.92 1.65
N ASP A 38 0.51 3.52 0.66
CA ASP A 38 1.23 4.33 -0.31
C ASP A 38 2.21 3.49 -1.11
N ASP A 39 1.73 2.35 -1.62
CA ASP A 39 2.57 1.44 -2.40
C ASP A 39 2.40 1.71 -3.89
N ASN A 40 3.11 0.93 -4.71
CA ASN A 40 3.04 1.08 -6.16
C ASN A 40 2.68 -0.25 -6.82
N TYR A 41 1.59 -0.23 -7.58
CA TYR A 41 1.13 -1.43 -8.28
C TYR A 41 0.69 -1.10 -9.70
N HIS A 42 1.10 -1.94 -10.64
CA HIS A 42 0.75 -1.75 -12.04
C HIS A 42 -0.65 -2.27 -12.33
N ILE A 43 -1.15 -2.00 -13.53
CA ILE A 43 -2.47 -2.45 -13.93
C ILE A 43 -2.42 -3.81 -14.61
N PHE A 44 -1.21 -4.36 -14.72
CA PHE A 44 -1.02 -5.66 -15.36
C PHE A 44 -0.21 -6.58 -14.45
N CYS A 45 -0.10 -6.22 -13.18
CA CYS A 45 0.63 -7.01 -12.20
C CYS A 45 -0.30 -7.61 -11.16
N LEU A 46 -1.45 -6.98 -10.97
CA LEU A 46 -2.43 -7.45 -10.00
C LEU A 46 -3.09 -8.73 -10.49
N LEU A 47 -4.15 -9.14 -9.80
CA LEU A 47 -4.88 -10.35 -10.17
C LEU A 47 -6.19 -10.46 -9.39
N PRO A 48 -7.32 -10.19 -10.07
CA PRO A 48 -7.31 -9.81 -11.49
C PRO A 48 -6.72 -8.43 -11.72
N PRO A 49 -6.07 -8.24 -12.88
CA PRO A 49 -5.45 -6.97 -13.24
C PRO A 49 -6.48 -5.89 -13.54
N LEU A 50 -6.01 -4.70 -13.89
CA LEU A 50 -6.90 -3.58 -14.20
C LEU A 50 -6.66 -3.07 -15.61
N PRO A 51 -7.68 -2.40 -16.17
CA PRO A 51 -7.61 -1.85 -17.53
C PRO A 51 -6.64 -0.68 -17.64
N GLU A 52 -6.70 0.23 -16.66
CA GLU A 52 -5.84 1.39 -16.65
C GLU A 52 -5.93 2.14 -15.32
N ILE A 53 -5.13 3.17 -15.17
CA ILE A 53 -5.12 3.96 -13.94
C ILE A 53 -6.53 4.40 -13.56
N PRO A 54 -6.90 4.19 -12.29
CA PRO A 54 -8.22 4.56 -11.77
C PRO A 54 -8.40 6.07 -11.67
N ARG A 55 -9.62 6.50 -11.38
CA ARG A 55 -9.94 7.91 -11.26
C ARG A 55 -9.89 8.36 -9.80
N GLY A 56 -10.88 7.95 -9.03
CA GLY A 56 -10.93 8.32 -7.63
C GLY A 56 -9.82 7.68 -6.82
N ILE A 57 -10.13 7.31 -5.58
CA ILE A 57 -9.15 6.68 -4.71
C ILE A 57 -9.06 5.18 -4.97
N TRP A 58 -7.84 4.69 -5.13
CA TRP A 58 -7.62 3.27 -5.38
C TRP A 58 -6.80 2.65 -4.25
N ARG A 59 -7.15 1.42 -3.89
CA ARG A 59 -6.46 0.70 -2.83
C ARG A 59 -5.85 -0.59 -3.35
N CYS A 60 -4.86 -1.12 -2.62
CA CYS A 60 -4.19 -2.35 -3.01
C CYS A 60 -4.81 -3.55 -2.30
N PRO A 61 -4.61 -4.74 -2.86
CA PRO A 61 -5.12 -5.99 -2.30
C PRO A 61 -4.41 -6.39 -1.00
N LYS A 62 -3.19 -5.89 -0.83
CA LYS A 62 -2.41 -6.18 0.36
C LYS A 62 -2.99 -5.47 1.58
N CYS A 63 -3.79 -4.45 1.33
CA CYS A 63 -4.41 -3.68 2.41
C CYS A 63 -5.87 -4.07 2.58
N ILE A 64 -6.57 -4.24 1.46
CA ILE A 64 -7.98 -4.62 1.48
C ILE A 64 -8.16 -6.02 2.04
N LEU A 65 -7.33 -6.95 1.58
CA LEU A 65 -7.40 -8.33 2.04
C LEU A 65 -7.03 -8.44 3.51
N ALA A 66 -6.39 -7.40 4.03
CA ALA A 66 -5.99 -7.37 5.43
C ALA A 66 -7.04 -6.69 6.30
N GLU A 67 -7.65 -5.64 5.76
CA GLU A 67 -8.67 -4.90 6.49
C GLU A 67 -10.01 -5.66 6.49
N CYS A 68 -10.26 -6.38 5.40
CA CYS A 68 -11.49 -7.15 5.27
C CYS A 68 -11.68 -8.07 6.47
N LYS A 69 -12.94 -8.26 6.87
CA LYS A 69 -13.26 -9.12 8.00
C LYS A 69 -12.59 -8.61 9.28
N GLN A 70 -12.88 -9.27 10.39
CA GLN A 70 -12.31 -8.88 11.68
C GLN A 70 -11.91 -10.10 12.49
N PRO A 71 -10.99 -9.90 13.46
CA PRO A 71 -10.51 -10.98 14.33
C PRO A 71 -11.58 -11.46 15.30
N PRO A 72 -11.33 -12.63 15.91
CA PRO A 72 -12.26 -13.23 16.88
C PRO A 72 -12.32 -12.44 18.18
N GLU A 73 -13.01 -11.30 18.15
CA GLU A 73 -13.14 -10.46 19.33
C GLU A 73 -13.96 -9.22 19.02
N ALA A 74 -15.28 -9.34 19.11
CA ALA A 74 -16.17 -8.22 18.84
C ALA A 74 -17.64 -8.63 19.06
N PHE A 75 -18.19 -8.23 20.21
CA PHE A 75 -19.57 -8.55 20.54
C PHE A 75 -20.48 -7.36 20.26
N GLY A 76 -21.42 -7.54 19.33
CA GLY A 76 -22.34 -6.48 18.99
C GLY A 76 -23.69 -7.00 18.54
N PHE A 77 -23.71 -7.73 17.42
CA PHE A 77 -24.94 -8.28 16.90
C PHE A 77 -26.00 -7.20 16.72
N GLU A 78 -26.00 -6.56 15.55
CA GLU A 78 -26.96 -5.50 15.26
C GLU A 78 -27.62 -5.73 13.91
N GLN A 79 -27.95 -6.99 13.62
CA GLN A 79 -28.59 -7.34 12.36
C GLN A 79 -30.10 -7.56 12.56
N ALA A 80 -30.44 -8.39 13.53
CA ALA A 80 -31.84 -8.68 13.82
C ALA A 80 -32.62 -7.40 14.09
N THR A 81 -32.43 -6.83 15.28
CA THR A 81 -33.12 -5.60 15.66
C THR A 81 -34.63 -5.81 15.67
N GLN A 82 -35.35 -4.80 16.15
CA GLN A 82 -36.81 -4.87 16.21
C GLN A 82 -37.26 -6.05 17.07
N GLU A 83 -36.53 -6.31 18.14
CA GLU A 83 -36.85 -7.41 19.05
C GLU A 83 -37.16 -6.90 20.45
N TYR A 84 -38.43 -6.91 20.82
CA TYR A 84 -38.86 -6.45 22.14
C TYR A 84 -39.99 -7.30 22.68
N SER A 85 -39.65 -8.28 23.51
CA SER A 85 -40.64 -9.17 24.10
C SER A 85 -41.39 -9.94 23.02
N LEU A 86 -40.65 -10.37 22.00
CA LEU A 86 -41.23 -11.12 20.90
C LEU A 86 -42.35 -10.33 20.22
N SER A 87 -41.98 -9.22 19.58
CA SER A 87 -42.94 -8.38 18.89
C SER A 87 -42.42 -7.93 17.54
N GLY A 88 -43.03 -8.43 16.47
CA GLY A 88 -42.61 -8.07 15.13
C GLY A 88 -43.43 -8.75 14.06
N PRO A 89 -42.90 -8.78 12.83
CA PRO A 89 -43.58 -9.41 11.68
C PRO A 89 -43.64 -10.92 11.81
N SER A 90 -44.71 -11.42 12.42
CA SER A 90 -44.90 -12.85 12.60
C SER A 90 -44.93 -13.58 11.26
N SER A 91 -45.46 -12.90 10.24
CA SER A 91 -45.55 -13.48 8.91
C SER A 91 -44.91 -12.55 7.87
N GLY A 92 -43.93 -13.07 7.15
CA GLY A 92 -43.26 -12.28 6.14
C GLY A 92 -42.09 -13.01 5.51
N GLY A 1 38.77 16.50 30.36
CA GLY A 1 37.50 16.95 29.82
C GLY A 1 36.87 15.94 28.89
N SER A 2 35.54 15.85 28.91
CA SER A 2 34.82 14.91 28.06
C SER A 2 34.36 15.59 26.78
N SER A 3 35.26 15.69 25.81
CA SER A 3 34.94 16.31 24.53
C SER A 3 34.67 15.27 23.46
N GLY A 4 33.41 14.90 23.30
CA GLY A 4 33.04 13.90 22.31
C GLY A 4 32.49 14.53 21.03
N SER A 5 32.06 13.69 20.10
CA SER A 5 31.52 14.16 18.84
C SER A 5 30.44 13.21 18.33
N SER A 6 29.49 13.76 17.56
CA SER A 6 28.40 12.96 17.01
C SER A 6 27.78 13.65 15.80
N GLY A 7 28.06 13.11 14.62
CA GLY A 7 27.52 13.69 13.40
C GLY A 7 27.37 12.68 12.29
N HIS A 8 26.42 11.76 12.45
CA HIS A 8 26.17 10.72 11.46
C HIS A 8 24.90 11.02 10.67
N SER A 9 24.99 10.91 9.35
CA SER A 9 23.85 11.17 8.48
C SER A 9 24.16 10.80 7.04
N SER A 10 23.16 10.28 6.34
CA SER A 10 23.33 9.87 4.94
C SER A 10 23.07 11.05 4.01
N ALA A 11 22.20 11.95 4.43
CA ALA A 11 21.86 13.13 3.63
C ALA A 11 21.44 12.73 2.22
N GLN A 12 20.34 11.97 2.13
CA GLN A 12 19.82 11.53 0.84
C GLN A 12 18.42 12.06 0.59
N PHE A 13 17.83 11.67 -0.53
CA PHE A 13 16.49 12.11 -0.88
C PHE A 13 15.87 11.19 -1.92
N ILE A 14 16.05 9.89 -1.73
CA ILE A 14 15.50 8.90 -2.65
C ILE A 14 14.08 8.51 -2.25
N ASP A 15 13.17 8.58 -3.22
CA ASP A 15 11.77 8.23 -2.98
C ASP A 15 11.05 7.92 -4.29
N SER A 16 11.50 6.87 -4.96
CA SER A 16 10.90 6.47 -6.23
C SER A 16 9.73 5.50 -6.01
N TYR A 17 9.10 5.10 -7.09
CA TYR A 17 7.96 4.18 -7.02
C TYR A 17 8.23 2.91 -7.82
N ILE A 18 8.39 1.79 -7.11
CA ILE A 18 8.64 0.51 -7.76
C ILE A 18 7.51 -0.47 -7.50
N CYS A 19 7.06 -1.13 -8.56
CA CYS A 19 5.96 -2.10 -8.46
C CYS A 19 6.27 -3.13 -7.36
N GLN A 20 5.21 -3.65 -6.76
CA GLN A 20 5.37 -4.66 -5.71
C GLN A 20 5.04 -6.06 -6.23
N VAL A 21 5.17 -6.23 -7.55
CA VAL A 21 4.90 -7.53 -8.17
C VAL A 21 5.99 -7.89 -9.17
N CYS A 22 6.43 -6.89 -9.94
CA CYS A 22 7.48 -7.11 -10.94
C CYS A 22 8.73 -6.29 -10.60
N SER A 23 8.58 -5.35 -9.68
CA SER A 23 9.69 -4.49 -9.28
C SER A 23 10.25 -3.73 -10.46
N ARG A 24 9.42 -2.85 -11.03
CA ARG A 24 9.82 -2.05 -12.18
C ARG A 24 9.61 -0.56 -11.92
N GLY A 25 10.15 0.28 -12.79
CA GLY A 25 10.01 1.71 -12.62
C GLY A 25 9.54 2.40 -13.89
N ASP A 26 10.02 1.91 -15.04
CA ASP A 26 9.64 2.48 -16.33
C ASP A 26 8.13 2.39 -16.54
N GLU A 27 7.49 1.48 -15.83
CA GLU A 27 6.05 1.29 -15.94
C GLU A 27 5.31 2.23 -15.00
N ASP A 28 6.05 3.03 -14.24
CA ASP A 28 5.48 3.97 -13.30
C ASP A 28 4.38 4.80 -13.97
N ASP A 29 4.51 4.98 -15.29
CA ASP A 29 3.54 5.76 -16.04
C ASP A 29 2.12 5.27 -15.77
N LYS A 30 1.99 4.00 -15.43
CA LYS A 30 0.68 3.40 -15.14
C LYS A 30 0.67 2.76 -13.75
N LEU A 31 1.44 3.35 -12.83
CA LEU A 31 1.52 2.84 -11.46
C LEU A 31 0.41 3.44 -10.60
N LEU A 32 -0.19 2.59 -9.77
CA LEU A 32 -1.27 3.03 -8.89
C LEU A 32 -0.73 3.31 -7.47
N PHE A 33 -1.46 4.14 -6.73
CA PHE A 33 -1.06 4.48 -5.37
C PHE A 33 -2.14 4.07 -4.38
N CYS A 34 -1.73 3.34 -3.34
CA CYS A 34 -2.67 2.89 -2.31
C CYS A 34 -2.91 3.98 -1.28
N ASP A 35 -4.16 4.12 -0.86
CA ASP A 35 -4.53 5.13 0.13
C ASP A 35 -4.45 4.56 1.55
N GLY A 36 -3.36 3.84 1.83
CA GLY A 36 -3.20 3.25 3.15
C GLY A 36 -1.74 2.94 3.45
N CYS A 37 -1.01 2.47 2.45
CA CYS A 37 0.40 2.14 2.62
C CYS A 37 1.26 2.87 1.59
N ASP A 38 0.61 3.63 0.71
CA ASP A 38 1.31 4.38 -0.32
C ASP A 38 2.27 3.47 -1.09
N ASP A 39 1.73 2.40 -1.67
CA ASP A 39 2.53 1.46 -2.44
C ASP A 39 2.37 1.70 -3.93
N ASN A 40 3.06 0.89 -4.74
CA ASN A 40 2.99 1.01 -6.19
C ASN A 40 2.57 -0.30 -6.82
N TYR A 41 1.47 -0.27 -7.58
CA TYR A 41 0.97 -1.46 -8.24
C TYR A 41 0.49 -1.13 -9.65
N HIS A 42 0.88 -1.97 -10.61
CA HIS A 42 0.49 -1.77 -12.01
C HIS A 42 -0.94 -2.24 -12.25
N ILE A 43 -1.37 -2.20 -13.50
CA ILE A 43 -2.72 -2.62 -13.86
C ILE A 43 -2.71 -4.00 -14.52
N PHE A 44 -1.50 -4.51 -14.79
CA PHE A 44 -1.35 -5.82 -15.42
C PHE A 44 -0.58 -6.78 -14.51
N CYS A 45 -0.42 -6.39 -13.25
CA CYS A 45 0.29 -7.20 -12.28
C CYS A 45 -0.67 -7.76 -11.23
N LEU A 46 -1.79 -7.08 -11.05
CA LEU A 46 -2.79 -7.53 -10.07
C LEU A 46 -3.48 -8.80 -10.54
N LEU A 47 -4.55 -9.18 -9.84
CA LEU A 47 -5.30 -10.37 -10.18
C LEU A 47 -6.61 -10.45 -9.39
N PRO A 48 -7.72 -10.18 -10.09
CA PRO A 48 -7.71 -9.84 -11.51
C PRO A 48 -7.11 -8.47 -11.77
N PRO A 49 -6.45 -8.32 -12.94
CA PRO A 49 -5.82 -7.06 -13.34
C PRO A 49 -6.84 -5.96 -13.65
N LEU A 50 -6.36 -4.74 -13.82
CA LEU A 50 -7.23 -3.61 -14.13
C LEU A 50 -6.98 -3.11 -15.55
N PRO A 51 -7.97 -2.38 -16.10
CA PRO A 51 -7.89 -1.83 -17.45
C PRO A 51 -6.87 -0.70 -17.55
N GLU A 52 -6.89 0.19 -16.56
CA GLU A 52 -5.97 1.33 -16.53
C GLU A 52 -6.05 2.08 -15.20
N ILE A 53 -5.28 3.14 -15.09
CA ILE A 53 -5.27 3.95 -13.87
C ILE A 53 -6.68 4.35 -13.46
N PRO A 54 -7.01 4.14 -12.18
CA PRO A 54 -8.33 4.47 -11.64
C PRO A 54 -8.56 5.98 -11.56
N ARG A 55 -9.79 6.37 -11.22
CA ARG A 55 -10.13 7.79 -11.11
C ARG A 55 -10.02 8.26 -9.66
N GLY A 56 -10.99 7.88 -8.84
CA GLY A 56 -10.98 8.27 -7.44
C GLY A 56 -9.85 7.62 -6.67
N ILE A 57 -10.11 7.33 -5.40
CA ILE A 57 -9.11 6.70 -4.54
C ILE A 57 -9.02 5.20 -4.80
N TRP A 58 -7.80 4.71 -5.00
CA TRP A 58 -7.58 3.30 -5.25
C TRP A 58 -6.74 2.66 -4.15
N ARG A 59 -7.11 1.45 -3.75
CA ARG A 59 -6.39 0.74 -2.71
C ARG A 59 -5.77 -0.55 -3.25
N CYS A 60 -4.78 -1.07 -2.53
CA CYS A 60 -4.11 -2.30 -2.94
C CYS A 60 -4.72 -3.52 -2.25
N PRO A 61 -4.51 -4.70 -2.83
CA PRO A 61 -5.04 -5.96 -2.29
C PRO A 61 -4.33 -6.37 -1.00
N LYS A 62 -3.10 -5.90 -0.83
CA LYS A 62 -2.32 -6.20 0.36
C LYS A 62 -2.90 -5.51 1.59
N CYS A 63 -3.71 -4.48 1.36
CA CYS A 63 -4.32 -3.73 2.44
C CYS A 63 -5.78 -4.12 2.61
N ILE A 64 -6.48 -4.27 1.50
CA ILE A 64 -7.89 -4.64 1.51
C ILE A 64 -8.08 -6.05 2.06
N LEU A 65 -7.25 -6.98 1.59
CA LEU A 65 -7.32 -8.36 2.03
C LEU A 65 -7.06 -8.48 3.53
N ALA A 66 -6.46 -7.43 4.10
CA ALA A 66 -6.16 -7.41 5.52
C ALA A 66 -7.24 -6.69 6.30
N GLU A 67 -7.69 -5.55 5.79
CA GLU A 67 -8.73 -4.77 6.45
C GLU A 67 -10.10 -5.42 6.26
N CYS A 68 -10.17 -6.39 5.34
CA CYS A 68 -11.42 -7.08 5.06
C CYS A 68 -12.07 -7.57 6.35
N LYS A 69 -13.34 -7.93 6.26
CA LYS A 69 -14.08 -8.42 7.42
C LYS A 69 -13.65 -9.85 7.76
N GLN A 70 -13.76 -10.19 9.04
CA GLN A 70 -13.39 -11.52 9.51
C GLN A 70 -14.55 -12.50 9.34
N PRO A 71 -14.22 -13.80 9.19
CA PRO A 71 -15.21 -14.85 9.04
C PRO A 71 -16.03 -15.10 10.30
N PRO A 72 -17.11 -15.87 10.17
CA PRO A 72 -18.00 -16.19 11.30
C PRO A 72 -17.33 -17.12 12.31
N GLU A 73 -16.49 -16.55 13.17
CA GLU A 73 -15.79 -17.32 14.18
C GLU A 73 -14.97 -16.42 15.10
N ALA A 74 -15.51 -15.24 15.38
CA ALA A 74 -14.83 -14.28 16.25
C ALA A 74 -15.83 -13.35 16.93
N PHE A 75 -15.63 -13.13 18.23
CA PHE A 75 -16.52 -12.26 19.00
C PHE A 75 -15.75 -11.06 19.56
N GLY A 76 -14.82 -11.33 20.47
CA GLY A 76 -14.04 -10.27 21.07
C GLY A 76 -14.81 -9.51 22.14
N PHE A 77 -14.08 -8.75 22.96
CA PHE A 77 -14.70 -7.99 24.02
C PHE A 77 -15.43 -6.77 23.46
N GLU A 78 -16.74 -6.72 23.67
CA GLU A 78 -17.55 -5.60 23.18
C GLU A 78 -17.89 -4.64 24.31
N GLN A 79 -16.95 -4.47 25.23
CA GLN A 79 -17.16 -3.58 26.37
C GLN A 79 -17.14 -2.11 25.93
N ALA A 80 -15.96 -1.62 25.58
CA ALA A 80 -15.81 -0.24 25.14
C ALA A 80 -16.41 0.73 26.15
N THR A 81 -15.73 0.90 27.28
CA THR A 81 -16.20 1.79 28.32
C THR A 81 -15.49 3.13 28.27
N GLN A 82 -16.14 4.18 28.76
CA GLN A 82 -15.56 5.52 28.77
C GLN A 82 -14.21 5.53 29.48
N GLU A 83 -13.28 6.30 28.95
CA GLU A 83 -11.94 6.39 29.55
C GLU A 83 -11.98 7.21 30.83
N TYR A 84 -10.88 7.16 31.59
CA TYR A 84 -10.78 7.89 32.84
C TYR A 84 -9.33 8.01 33.29
N SER A 85 -8.42 8.03 32.33
CA SER A 85 -7.00 8.15 32.62
C SER A 85 -6.70 9.40 33.43
N LEU A 86 -6.00 9.24 34.54
CA LEU A 86 -5.65 10.36 35.40
C LEU A 86 -6.91 11.06 35.92
N SER A 87 -7.39 10.62 37.07
CA SER A 87 -8.59 11.20 37.68
C SER A 87 -8.22 12.34 38.63
N GLY A 88 -8.80 13.51 38.38
CA GLY A 88 -8.52 14.67 39.21
C GLY A 88 -8.30 15.93 38.40
N PRO A 89 -8.09 17.05 39.10
CA PRO A 89 -7.87 18.35 38.46
C PRO A 89 -6.52 18.42 37.74
N SER A 90 -6.52 18.97 36.53
CA SER A 90 -5.31 19.09 35.75
C SER A 90 -4.67 20.46 35.94
N SER A 91 -3.45 20.62 35.42
CA SER A 91 -2.73 21.88 35.55
C SER A 91 -2.01 22.23 34.25
N GLY A 92 -1.24 21.27 33.74
CA GLY A 92 -0.52 21.49 32.50
C GLY A 92 -0.36 20.23 31.68
N GLY A 1 19.72 33.14 30.02
CA GLY A 1 20.91 32.32 30.20
C GLY A 1 21.78 32.30 28.95
N SER A 2 22.28 31.11 28.61
CA SER A 2 23.13 30.96 27.43
C SER A 2 22.81 29.67 26.70
N SER A 3 22.04 29.78 25.62
CA SER A 3 21.65 28.62 24.83
C SER A 3 22.03 28.81 23.36
N GLY A 4 21.96 27.73 22.59
CA GLY A 4 22.30 27.80 21.19
C GLY A 4 23.14 26.62 20.74
N SER A 5 22.49 25.62 20.15
CA SER A 5 23.18 24.43 19.68
C SER A 5 22.28 23.60 18.77
N SER A 6 22.90 22.78 17.92
CA SER A 6 22.15 21.93 17.00
C SER A 6 23.10 21.06 16.18
N GLY A 7 22.66 19.83 15.90
CA GLY A 7 23.48 18.91 15.14
C GLY A 7 22.71 17.67 14.70
N HIS A 8 21.46 17.87 14.30
CA HIS A 8 20.62 16.77 13.86
C HIS A 8 20.52 16.73 12.33
N SER A 9 19.99 15.64 11.81
CA SER A 9 19.84 15.48 10.36
C SER A 9 18.53 14.76 10.02
N SER A 10 17.46 15.53 9.86
CA SER A 10 16.16 14.97 9.54
C SER A 10 15.73 15.36 8.12
N ALA A 11 16.39 14.77 7.13
CA ALA A 11 16.09 15.06 5.74
C ALA A 11 15.78 13.77 4.97
N GLN A 12 14.48 13.50 4.79
CA GLN A 12 14.06 12.31 4.08
C GLN A 12 14.17 12.50 2.56
N PHE A 13 13.95 11.42 1.82
CA PHE A 13 14.03 11.47 0.36
C PHE A 13 13.27 10.30 -0.26
N ILE A 14 12.44 10.60 -1.25
CA ILE A 14 11.66 9.57 -1.93
C ILE A 14 12.56 8.69 -2.78
N ASP A 15 12.40 7.37 -2.62
CA ASP A 15 13.19 6.41 -3.37
C ASP A 15 12.45 5.94 -4.61
N SER A 16 11.79 6.87 -5.30
CA SER A 16 11.03 6.55 -6.50
C SER A 16 9.91 5.58 -6.18
N TYR A 17 9.14 5.22 -7.21
CA TYR A 17 8.02 4.29 -7.04
C TYR A 17 8.24 3.02 -7.84
N ILE A 18 8.46 1.91 -7.14
CA ILE A 18 8.68 0.63 -7.79
C ILE A 18 7.53 -0.34 -7.51
N CYS A 19 7.08 -1.03 -8.55
CA CYS A 19 5.99 -1.98 -8.43
C CYS A 19 6.25 -2.96 -7.30
N GLN A 20 5.18 -3.47 -6.70
CA GLN A 20 5.30 -4.43 -5.60
C GLN A 20 5.01 -5.85 -6.08
N VAL A 21 5.15 -6.06 -7.39
CA VAL A 21 4.90 -7.37 -7.98
C VAL A 21 6.01 -7.76 -8.94
N CYS A 22 6.47 -6.80 -9.73
CA CYS A 22 7.53 -7.04 -10.70
C CYS A 22 8.76 -6.21 -10.36
N SER A 23 8.59 -5.19 -9.54
CA SER A 23 9.68 -4.32 -9.14
C SER A 23 10.25 -3.57 -10.35
N ARG A 24 9.42 -2.72 -10.96
CA ARG A 24 9.84 -1.95 -12.12
C ARG A 24 9.59 -0.47 -11.90
N GLY A 25 10.19 0.36 -12.75
CA GLY A 25 10.02 1.80 -12.64
C GLY A 25 9.56 2.44 -13.93
N ASP A 26 10.05 1.92 -15.06
CA ASP A 26 9.68 2.44 -16.36
C ASP A 26 8.18 2.34 -16.59
N GLU A 27 7.53 1.45 -15.86
CA GLU A 27 6.10 1.25 -15.98
C GLU A 27 5.34 2.19 -15.04
N ASP A 28 6.08 3.00 -14.30
CA ASP A 28 5.49 3.95 -13.37
C ASP A 28 4.40 4.78 -14.05
N ASP A 29 4.53 4.95 -15.36
CA ASP A 29 3.56 5.71 -16.14
C ASP A 29 2.14 5.22 -15.86
N LYS A 30 2.01 3.95 -15.51
CA LYS A 30 0.71 3.36 -15.22
C LYS A 30 0.70 2.74 -13.83
N LEU A 31 1.46 3.32 -12.92
CA LEU A 31 1.53 2.82 -11.54
C LEU A 31 0.41 3.40 -10.69
N LEU A 32 -0.13 2.59 -9.80
CA LEU A 32 -1.21 3.02 -8.92
C LEU A 32 -0.70 3.30 -7.51
N PHE A 33 -1.41 4.14 -6.78
CA PHE A 33 -1.02 4.49 -5.42
C PHE A 33 -2.11 4.09 -4.42
N CYS A 34 -1.72 3.36 -3.39
CA CYS A 34 -2.66 2.92 -2.36
C CYS A 34 -2.91 4.01 -1.34
N ASP A 35 -4.16 4.15 -0.92
CA ASP A 35 -4.53 5.17 0.05
C ASP A 35 -4.47 4.60 1.46
N GLY A 36 -3.39 3.89 1.76
CA GLY A 36 -3.22 3.31 3.08
C GLY A 36 -1.77 3.00 3.41
N CYS A 37 -1.03 2.51 2.40
CA CYS A 37 0.37 2.18 2.59
C CYS A 37 1.24 2.90 1.56
N ASP A 38 0.60 3.66 0.68
CA ASP A 38 1.31 4.40 -0.35
C ASP A 38 2.28 3.49 -1.11
N ASP A 39 1.74 2.42 -1.70
CA ASP A 39 2.55 1.47 -2.45
C ASP A 39 2.40 1.71 -3.96
N ASN A 40 3.09 0.89 -4.75
CA ASN A 40 3.03 1.02 -6.20
C ASN A 40 2.61 -0.31 -6.84
N TYR A 41 1.52 -0.28 -7.60
CA TYR A 41 1.02 -1.47 -8.27
C TYR A 41 0.55 -1.15 -9.69
N HIS A 42 0.93 -2.00 -10.63
CA HIS A 42 0.55 -1.81 -12.02
C HIS A 42 -0.88 -2.30 -12.26
N ILE A 43 -1.32 -2.23 -13.53
CA ILE A 43 -2.66 -2.66 -13.88
C ILE A 43 -2.64 -4.03 -14.54
N PHE A 44 -1.44 -4.56 -14.75
CA PHE A 44 -1.28 -5.87 -15.36
C PHE A 44 -0.50 -6.82 -14.44
N CYS A 45 -0.35 -6.42 -13.19
CA CYS A 45 0.37 -7.22 -12.21
C CYS A 45 -0.57 -7.81 -11.17
N LEU A 46 -1.73 -7.17 -11.00
CA LEU A 46 -2.71 -7.63 -10.04
C LEU A 46 -3.41 -8.89 -10.53
N LEU A 47 -4.48 -9.28 -9.85
CA LEU A 47 -5.22 -10.48 -10.21
C LEU A 47 -6.53 -10.56 -9.43
N PRO A 48 -7.65 -10.28 -10.11
CA PRO A 48 -7.64 -9.90 -11.53
C PRO A 48 -7.03 -8.52 -11.76
N PRO A 49 -6.38 -8.35 -12.92
CA PRO A 49 -5.74 -7.07 -13.28
C PRO A 49 -6.76 -5.98 -13.57
N LEU A 50 -6.27 -4.79 -13.89
CA LEU A 50 -7.13 -3.66 -14.20
C LEU A 50 -6.89 -3.15 -15.62
N PRO A 51 -7.89 -2.42 -16.17
CA PRO A 51 -7.81 -1.87 -17.52
C PRO A 51 -6.80 -0.73 -17.61
N GLU A 52 -6.82 0.16 -16.62
CA GLU A 52 -5.90 1.30 -16.61
C GLU A 52 -5.98 2.05 -15.28
N ILE A 53 -5.19 3.11 -15.15
CA ILE A 53 -5.19 3.91 -13.93
C ILE A 53 -6.60 4.32 -13.54
N PRO A 54 -6.94 4.12 -12.26
CA PRO A 54 -8.26 4.48 -11.73
C PRO A 54 -8.47 5.98 -11.65
N ARG A 55 -9.70 6.38 -11.34
CA ARG A 55 -10.03 7.80 -11.23
C ARG A 55 -9.93 8.27 -9.79
N GLY A 56 -10.91 7.89 -8.97
CA GLY A 56 -10.92 8.29 -7.58
C GLY A 56 -9.81 7.64 -6.79
N ILE A 57 -10.07 7.36 -5.52
CA ILE A 57 -9.07 6.73 -4.65
C ILE A 57 -9.00 5.23 -4.91
N TRP A 58 -7.77 4.74 -5.09
CA TRP A 58 -7.55 3.31 -5.33
C TRP A 58 -6.73 2.69 -4.22
N ARG A 59 -7.09 1.47 -3.82
CA ARG A 59 -6.39 0.76 -2.77
C ARG A 59 -5.78 -0.54 -3.30
N CYS A 60 -4.80 -1.05 -2.57
CA CYS A 60 -4.13 -2.29 -2.97
C CYS A 60 -4.74 -3.49 -2.26
N PRO A 61 -4.54 -4.69 -2.84
CA PRO A 61 -5.07 -5.93 -2.28
C PRO A 61 -4.37 -6.33 -0.99
N LYS A 62 -3.14 -5.86 -0.82
CA LYS A 62 -2.37 -6.17 0.37
C LYS A 62 -2.94 -5.46 1.60
N CYS A 63 -3.75 -4.43 1.35
CA CYS A 63 -4.36 -3.66 2.44
C CYS A 63 -5.82 -4.05 2.60
N ILE A 64 -6.52 -4.21 1.48
CA ILE A 64 -7.93 -4.57 1.49
C ILE A 64 -8.12 -5.98 2.04
N LEU A 65 -7.31 -6.91 1.58
CA LEU A 65 -7.38 -8.30 2.02
C LEU A 65 -7.05 -8.41 3.51
N ALA A 66 -6.43 -7.37 4.05
CA ALA A 66 -6.06 -7.35 5.46
C ALA A 66 -7.17 -6.74 6.31
N GLU A 67 -7.70 -5.61 5.85
CA GLU A 67 -8.77 -4.91 6.57
C GLU A 67 -10.09 -5.68 6.44
N CYS A 68 -10.21 -6.46 5.38
CA CYS A 68 -11.43 -7.24 5.14
C CYS A 68 -11.72 -8.17 6.31
N LYS A 69 -12.79 -8.93 6.20
CA LYS A 69 -13.18 -9.87 7.25
C LYS A 69 -13.54 -9.12 8.53
N GLN A 70 -14.70 -8.47 8.54
CA GLN A 70 -15.15 -7.72 9.70
C GLN A 70 -16.36 -8.40 10.35
N PRO A 71 -16.53 -8.16 11.66
CA PRO A 71 -17.64 -8.72 12.42
C PRO A 71 -19.00 -8.13 12.03
N PRO A 72 -20.08 -8.75 12.54
CA PRO A 72 -21.44 -8.30 12.25
C PRO A 72 -21.76 -6.96 12.90
N GLU A 73 -21.17 -5.89 12.38
CA GLU A 73 -21.39 -4.55 12.92
C GLU A 73 -20.59 -3.51 12.14
N ALA A 74 -21.13 -3.05 11.03
CA ALA A 74 -20.46 -2.05 10.21
C ALA A 74 -21.32 -1.66 9.01
N PHE A 75 -22.59 -1.34 9.27
CA PHE A 75 -23.51 -0.95 8.21
C PHE A 75 -24.30 0.29 8.61
N GLY A 76 -24.88 0.96 7.62
CA GLY A 76 -25.65 2.16 7.89
C GLY A 76 -25.43 3.24 6.85
N PHE A 77 -26.04 3.08 5.69
CA PHE A 77 -25.89 4.04 4.61
C PHE A 77 -27.26 4.52 4.12
N GLU A 78 -27.26 5.61 3.36
CA GLU A 78 -28.51 6.18 2.83
C GLU A 78 -28.22 7.34 1.89
N GLN A 79 -27.68 7.02 0.71
CA GLN A 79 -27.35 8.03 -0.28
C GLN A 79 -28.28 7.93 -1.48
N ALA A 80 -29.55 7.62 -1.22
CA ALA A 80 -30.54 7.50 -2.29
C ALA A 80 -30.09 6.50 -3.35
N THR A 81 -30.48 5.25 -3.17
CA THR A 81 -30.10 4.19 -4.11
C THR A 81 -31.29 3.79 -4.98
N GLN A 82 -31.10 3.81 -6.29
CA GLN A 82 -32.16 3.44 -7.23
C GLN A 82 -31.58 2.69 -8.42
N GLU A 83 -32.38 1.79 -8.99
CA GLU A 83 -31.96 1.01 -10.14
C GLU A 83 -32.37 1.68 -11.45
N TYR A 84 -31.41 1.89 -12.33
CA TYR A 84 -31.67 2.54 -13.62
C TYR A 84 -32.42 1.59 -14.55
N SER A 85 -31.86 0.40 -14.77
CA SER A 85 -32.48 -0.59 -15.64
C SER A 85 -31.87 -1.96 -15.40
N LEU A 86 -32.68 -2.88 -14.88
CA LEU A 86 -32.23 -4.23 -14.61
C LEU A 86 -33.42 -5.17 -14.39
N SER A 87 -34.34 -4.76 -13.54
CA SER A 87 -35.53 -5.56 -13.24
C SER A 87 -36.40 -5.72 -14.49
N GLY A 88 -36.38 -4.72 -15.36
CA GLY A 88 -37.16 -4.76 -16.58
C GLY A 88 -38.64 -4.61 -16.31
N PRO A 89 -39.43 -4.47 -17.40
CA PRO A 89 -40.88 -4.31 -17.30
C PRO A 89 -41.58 -5.58 -16.84
N SER A 90 -41.12 -6.72 -17.34
CA SER A 90 -41.70 -8.01 -16.98
C SER A 90 -43.17 -8.08 -17.40
N SER A 91 -43.40 -7.95 -18.70
CA SER A 91 -44.76 -8.00 -19.24
C SER A 91 -45.66 -6.98 -18.54
N GLY A 92 -45.06 -5.85 -18.14
CA GLY A 92 -45.82 -4.82 -17.46
C GLY A 92 -45.51 -3.43 -17.99
#